data_5JCZ
#
_entry.id   5JCZ
#
_cell.length_a   215.790
_cell.length_b   128.420
_cell.length_c   89.020
_cell.angle_alpha   90.00
_cell.angle_beta   98.27
_cell.angle_gamma   90.00
#
_symmetry.space_group_name_H-M   'C 1 2 1'
#
loop_
_entity.id
_entity.type
_entity.pdbx_description
1 polymer 'Ras-related protein Rab-11A'
2 polymer 'Unconventional myosin-Va'
3 non-polymer 'MAGNESIUM ION'
4 non-polymer "GUANOSINE-5'-DIPHOSPHATE"
5 non-polymer 'BERYLLIUM TRIFLUORIDE ION'
6 non-polymer 1,2-ETHANEDIOL
7 non-polymer 'ACETATE ION'
8 non-polymer GLYCEROL
9 water water
#
loop_
_entity_poly.entity_id
_entity_poly.type
_entity_poly.pdbx_seq_one_letter_code
_entity_poly.pdbx_strand_id
1 'polypeptide(L)'
;GAMGTRDDEYDYLFKVVLIGDSGVGKSNLLSRFTRNEFNLESKSTIGVEFATRSIQVDGKTIKAQIWDTAGQERYRAITS
AYYRGAVGALLVYDIAKHLTYENVERWLKELRDHADSNIVIMLVGNKSDLRHLRAVPTDEARAFAEKNGLSFIETSALDS
TNVEAAFQTILTEIYRIVS
;
A,D,I
2 'polypeptide(L)'
;GAMGSVNIPRKEKDFQGMLEYKKEDEQKLVKNLILELKPRGVAVNLIPGLPAYILFMCVRHADYLNDDQKVRSLLTSTIN
SIKKVLKKRGDDFETVSFWLSNTCRFLHCLKQYSGEEGFMKHNTSRQNEHCLTNFDLAEYRQVLSDLAIQIYQQLVRVLE
NILQPMIVSGMLEHETIQGVSGVKPTGLRKRTSSIADEGTYTLDSILRQLNSFHSVMCQHGMDPELIKQVVKQMFYIIGA
ITLNNLLLRKDMCSWSKGMQIRYNVSQLEEWLRDKNLMNSGAKETLEPLIQAAQLLQVKKKTDDDAEAICSMCNALTTAQ
IVKVLNLYTPVNEFEERVSVSFIRTIQMRLRDRKDSPQLLMDAKHIFPVTFPFNPSSLALETIQIPASLGLGFISRV
;
B,C,E
#
# COMPACT_ATOMS: atom_id res chain seq x y z
N ASP A 8 -23.79 23.94 26.70
CA ASP A 8 -23.58 24.91 25.63
C ASP A 8 -24.89 25.56 25.21
N GLU A 9 -24.79 26.77 24.66
CA GLU A 9 -25.98 27.52 24.25
C GLU A 9 -26.12 27.53 22.73
N TYR A 10 -27.35 27.73 22.26
CA TYR A 10 -27.61 27.84 20.83
C TYR A 10 -28.85 28.68 20.56
N ASP A 11 -28.92 29.25 19.35
CA ASP A 11 -30.05 30.08 18.96
C ASP A 11 -31.08 29.29 18.17
N TYR A 12 -30.61 28.28 17.44
CA TYR A 12 -31.49 27.44 16.65
C TYR A 12 -31.13 25.97 16.80
N LEU A 13 -32.15 25.11 16.77
CA LEU A 13 -31.96 23.67 16.80
C LEU A 13 -32.58 23.04 15.55
N PHE A 14 -31.75 22.57 14.64
CA PHE A 14 -32.22 22.00 13.39
C PHE A 14 -32.07 20.49 13.34
N LYS A 15 -33.20 19.79 13.28
CA LYS A 15 -33.16 18.35 13.09
C LYS A 15 -32.90 18.03 11.63
N VAL A 16 -31.85 17.25 11.38
CA VAL A 16 -31.49 16.85 10.03
C VAL A 16 -31.41 15.33 9.95
N VAL A 17 -32.04 14.75 8.93
CA VAL A 17 -32.03 13.29 8.78
C VAL A 17 -31.17 12.86 7.60
N LEU A 18 -30.59 11.67 7.71
CA LEU A 18 -29.80 11.09 6.63
C LEU A 18 -30.57 9.94 6.00
N ILE A 19 -30.71 9.97 4.68
CA ILE A 19 -31.42 8.90 3.97
C ILE A 19 -30.65 8.45 2.75
N GLY A 20 -30.90 7.21 2.32
CA GLY A 20 -30.23 6.63 1.17
C GLY A 20 -29.96 5.15 1.37
N ASP A 21 -29.59 4.48 0.29
CA ASP A 21 -29.31 3.04 0.30
C ASP A 21 -28.29 2.64 1.36
N SER A 22 -28.38 1.39 1.80
CA SER A 22 -27.40 0.84 2.73
CA SER A 22 -27.41 0.84 2.74
C SER A 22 -26.02 0.81 2.09
N GLY A 23 -25.03 1.31 2.81
CA GLY A 23 -23.65 1.26 2.35
C GLY A 23 -23.15 2.48 1.59
N VAL A 24 -23.98 3.49 1.43
CA VAL A 24 -23.58 4.69 0.69
C VAL A 24 -22.72 5.62 1.54
N GLY A 25 -22.74 5.44 2.86
CA GLY A 25 -21.87 6.17 3.75
C GLY A 25 -22.55 7.20 4.63
N LYS A 26 -23.83 7.01 4.92
CA LYS A 26 -24.58 7.93 5.77
C LYS A 26 -23.95 8.06 7.15
N SER A 27 -23.66 6.93 7.78
CA SER A 27 -23.14 6.91 9.14
C SER A 27 -21.74 7.51 9.25
N ASN A 28 -20.94 7.36 8.20
CA ASN A 28 -19.59 7.93 8.19
C ASN A 28 -19.59 9.41 7.86
N LEU A 29 -20.61 9.87 7.12
CA LEU A 29 -20.81 11.30 6.91
C LEU A 29 -21.15 11.94 8.25
N LEU A 30 -21.97 11.24 9.04
CA LEU A 30 -22.33 11.71 10.36
CA LEU A 30 -22.33 11.70 10.37
C LEU A 30 -21.11 11.78 11.27
N SER A 31 -20.34 10.70 11.32
CA SER A 31 -19.17 10.61 12.19
C SER A 31 -18.08 11.60 11.77
N ARG A 32 -17.94 11.81 10.46
CA ARG A 32 -16.94 12.74 9.95
C ARG A 32 -17.29 14.17 10.34
N PHE A 33 -18.57 14.52 10.24
CA PHE A 33 -18.99 15.89 10.51
C PHE A 33 -19.03 16.20 12.01
N THR A 34 -19.56 15.27 12.80
CA THR A 34 -19.80 15.55 14.22
C THR A 34 -18.61 15.29 15.13
N ARG A 35 -17.68 14.45 14.70
CA ARG A 35 -16.53 14.10 15.54
C ARG A 35 -15.25 13.81 14.77
N ASN A 36 -15.23 14.15 13.48
CA ASN A 36 -14.05 13.98 12.63
C ASN A 36 -13.50 12.56 12.66
N GLU A 37 -14.40 11.58 12.57
CA GLU A 37 -14.00 10.19 12.59
C GLU A 37 -14.56 9.42 11.39
N PHE A 38 -13.81 8.42 10.96
CA PHE A 38 -14.21 7.60 9.82
C PHE A 38 -13.86 6.14 10.08
N ASN A 39 -14.72 5.24 9.65
CA ASN A 39 -14.49 3.81 9.85
C ASN A 39 -14.66 3.02 8.56
N LEU A 40 -13.56 2.44 8.08
CA LEU A 40 -13.56 1.62 6.87
C LEU A 40 -14.43 0.38 7.03
N GLU A 41 -14.64 -0.04 8.27
CA GLU A 41 -15.33 -1.30 8.55
C GLU A 41 -16.68 -1.12 9.23
N SER A 42 -17.28 0.05 9.06
CA SER A 42 -18.59 0.34 9.67
C SER A 42 -19.65 -0.64 9.17
N LYS A 43 -20.50 -1.11 10.09
CA LYS A 43 -21.54 -2.06 9.75
C LYS A 43 -22.89 -1.37 9.65
N SER A 44 -23.87 -2.08 9.10
CA SER A 44 -25.22 -1.54 8.89
C SER A 44 -25.79 -0.99 10.20
N THR A 45 -26.34 0.22 10.13
CA THR A 45 -26.84 0.92 11.31
C THR A 45 -28.01 0.18 11.95
N ILE A 46 -27.99 0.09 13.27
CA ILE A 46 -29.05 -0.58 14.02
C ILE A 46 -29.98 0.44 14.67
N GLY A 47 -31.27 0.31 14.39
CA GLY A 47 -32.25 1.25 14.89
C GLY A 47 -31.95 2.65 14.39
N VAL A 48 -32.05 3.63 15.29
CA VAL A 48 -31.75 5.01 14.95
C VAL A 48 -30.60 5.53 15.80
N GLU A 49 -29.63 6.18 15.15
CA GLU A 49 -28.51 6.78 15.86
C GLU A 49 -28.61 8.30 15.83
N PHE A 50 -27.93 8.95 16.77
CA PHE A 50 -27.99 10.41 16.90
C PHE A 50 -26.62 11.02 17.16
N ALA A 51 -26.38 12.20 16.61
CA ALA A 51 -25.18 12.97 16.92
C ALA A 51 -25.42 14.44 16.64
N THR A 52 -24.77 15.30 17.42
CA THR A 52 -24.97 16.74 17.30
C THR A 52 -23.68 17.52 17.07
N ARG A 53 -23.81 18.67 16.43
CA ARG A 53 -22.72 19.63 16.31
C ARG A 53 -23.27 21.03 16.10
N SER A 54 -22.65 22.01 16.74
CA SER A 54 -23.06 23.40 16.58
C SER A 54 -22.13 24.14 15.63
N ILE A 55 -22.72 24.91 14.72
CA ILE A 55 -21.93 25.76 13.83
C ILE A 55 -22.43 27.19 13.88
N GLN A 56 -21.70 28.10 13.26
CA GLN A 56 -22.08 29.51 13.21
C GLN A 56 -22.69 29.85 11.85
N VAL A 57 -23.86 30.48 11.88
CA VAL A 57 -24.49 30.97 10.66
C VAL A 57 -25.05 32.37 10.89
N ASP A 58 -24.52 33.33 10.14
CA ASP A 58 -24.95 34.72 10.22
C ASP A 58 -24.85 35.24 11.65
N GLY A 59 -23.76 34.90 12.33
CA GLY A 59 -23.51 35.34 13.68
C GLY A 59 -24.33 34.60 14.73
N LYS A 60 -25.11 33.62 14.29
CA LYS A 60 -25.95 32.84 15.19
C LYS A 60 -25.39 31.44 15.40
N THR A 61 -25.65 30.87 16.56
CA THR A 61 -25.21 29.51 16.87
C THR A 61 -26.30 28.51 16.52
N ILE A 62 -26.04 27.70 15.48
CA ILE A 62 -27.01 26.71 15.03
C ILE A 62 -26.59 25.30 15.44
N LYS A 63 -27.41 24.65 16.25
CA LYS A 63 -27.13 23.29 16.70
C LYS A 63 -27.78 22.28 15.76
N ALA A 64 -26.95 21.53 15.04
CA ALA A 64 -27.44 20.49 14.15
C ALA A 64 -27.69 19.22 14.93
N GLN A 65 -28.94 18.76 14.94
CA GLN A 65 -29.29 17.49 15.55
C GLN A 65 -29.50 16.45 14.45
N ILE A 66 -28.51 15.60 14.24
CA ILE A 66 -28.51 14.72 13.07
C ILE A 66 -28.97 13.31 13.41
N TRP A 67 -30.01 12.87 12.71
CA TRP A 67 -30.54 11.52 12.88
C TRP A 67 -29.99 10.59 11.81
N ASP A 68 -29.75 9.34 12.18
CA ASP A 68 -29.15 8.37 11.28
C ASP A 68 -29.81 7.01 11.44
N THR A 69 -30.05 6.34 10.31
CA THR A 69 -30.65 5.02 10.34
C THR A 69 -30.29 4.26 9.05
N ALA A 70 -30.50 2.95 9.05
CA ALA A 70 -30.15 2.14 7.89
C ALA A 70 -31.15 2.32 6.76
N GLY A 71 -30.67 2.18 5.53
CA GLY A 71 -31.52 2.28 4.36
C GLY A 71 -32.29 0.98 4.14
N GLN A 72 -33.21 0.68 5.04
CA GLN A 72 -33.94 -0.57 5.00
C GLN A 72 -35.44 -0.33 5.20
N GLU A 73 -36.23 -1.37 4.95
CA GLU A 73 -37.66 -1.32 5.21
C GLU A 73 -37.94 -1.44 6.69
N ARG A 74 -38.98 -0.74 7.16
CA ARG A 74 -39.33 -0.75 8.56
C ARG A 74 -40.80 -0.39 8.74
N TYR A 75 -41.31 -0.54 9.96
CA TYR A 75 -42.69 -0.17 10.26
C TYR A 75 -42.90 1.31 9.98
N ARG A 76 -44.03 1.65 9.37
CA ARG A 76 -44.30 3.02 8.92
C ARG A 76 -44.23 4.03 10.06
N ALA A 77 -44.65 3.61 11.24
CA ALA A 77 -44.67 4.50 12.40
C ALA A 77 -43.27 4.93 12.81
N ILE A 78 -42.30 4.04 12.63
CA ILE A 78 -40.91 4.35 12.93
C ILE A 78 -40.36 5.36 11.92
N THR A 79 -40.71 5.16 10.65
CA THR A 79 -40.33 6.08 9.59
C THR A 79 -40.89 7.47 9.86
N SER A 80 -42.14 7.50 10.31
CA SER A 80 -42.80 8.76 10.63
CA SER A 80 -42.81 8.76 10.63
C SER A 80 -42.08 9.49 11.75
N ALA A 81 -41.67 8.74 12.78
CA ALA A 81 -40.95 9.31 13.90
C ALA A 81 -39.57 9.81 13.47
N TYR A 82 -38.98 9.11 12.51
CA TYR A 82 -37.66 9.47 11.99
C TYR A 82 -37.69 10.83 11.30
N TYR A 83 -38.71 11.04 10.46
CA TYR A 83 -38.83 12.27 9.69
C TYR A 83 -39.48 13.41 10.47
N ARG A 84 -40.20 13.07 11.54
CA ARG A 84 -40.98 14.07 12.28
C ARG A 84 -40.14 15.25 12.77
N GLY A 85 -40.53 16.45 12.35
CA GLY A 85 -39.88 17.66 12.81
C GLY A 85 -38.59 17.99 12.09
N ALA A 86 -38.19 17.14 11.15
CA ALA A 86 -36.98 17.36 10.38
C ALA A 86 -37.14 18.58 9.48
N VAL A 87 -36.12 19.44 9.48
CA VAL A 87 -36.13 20.64 8.65
C VAL A 87 -35.11 20.53 7.52
N GLY A 88 -34.30 19.47 7.58
CA GLY A 88 -33.29 19.24 6.58
C GLY A 88 -33.08 17.75 6.34
N ALA A 89 -32.60 17.40 5.17
CA ALA A 89 -32.34 16.01 4.83
C ALA A 89 -31.19 15.88 3.84
N LEU A 90 -30.26 14.98 4.14
CA LEU A 90 -29.21 14.62 3.19
C LEU A 90 -29.61 13.34 2.48
N LEU A 91 -29.88 13.45 1.17
CA LEU A 91 -30.22 12.30 0.36
C LEU A 91 -28.95 11.76 -0.30
N VAL A 92 -28.44 10.65 0.23
CA VAL A 92 -27.09 10.21 -0.13
C VAL A 92 -27.08 9.01 -1.08
N TYR A 93 -26.17 9.04 -2.03
CA TYR A 93 -25.88 7.89 -2.86
C TYR A 93 -24.37 7.69 -3.00
N ASP A 94 -23.98 6.59 -3.64
CA ASP A 94 -22.59 6.23 -3.85
C ASP A 94 -22.21 6.49 -5.31
N ILE A 95 -21.30 7.42 -5.54
CA ILE A 95 -20.92 7.79 -6.91
C ILE A 95 -20.31 6.62 -7.68
N ALA A 96 -19.82 5.62 -6.95
CA ALA A 96 -19.21 4.45 -7.58
C ALA A 96 -20.21 3.31 -7.73
N LYS A 97 -21.46 3.57 -7.36
CA LYS A 97 -22.51 2.55 -7.42
C LYS A 97 -23.80 3.14 -7.98
N HIS A 98 -24.01 2.96 -9.29
CA HIS A 98 -25.12 3.62 -9.98
C HIS A 98 -26.49 3.19 -9.45
N LEU A 99 -26.57 1.98 -8.90
CA LEU A 99 -27.83 1.47 -8.36
C LEU A 99 -28.33 2.32 -7.19
N THR A 100 -27.39 2.81 -6.38
CA THR A 100 -27.73 3.65 -5.25
C THR A 100 -28.28 5.00 -5.73
N TYR A 101 -27.82 5.44 -6.90
CA TYR A 101 -28.30 6.68 -7.50
C TYR A 101 -29.68 6.45 -8.13
N GLU A 102 -29.88 5.28 -8.72
CA GLU A 102 -31.16 4.91 -9.30
CA GLU A 102 -31.16 4.92 -9.30
C GLU A 102 -32.25 4.91 -8.23
N ASN A 103 -31.89 4.49 -7.02
CA ASN A 103 -32.83 4.38 -5.91
C ASN A 103 -33.11 5.70 -5.21
N VAL A 104 -32.48 6.77 -5.66
CA VAL A 104 -32.72 8.10 -5.08
C VAL A 104 -34.19 8.49 -5.22
N GLU A 105 -34.80 8.09 -6.34
CA GLU A 105 -36.22 8.34 -6.58
CA GLU A 105 -36.21 8.37 -6.56
C GLU A 105 -37.08 7.75 -5.47
N ARG A 106 -36.73 6.54 -5.04
CA ARG A 106 -37.45 5.84 -4.00
C ARG A 106 -37.38 6.59 -2.68
N TRP A 107 -36.19 7.09 -2.36
CA TRP A 107 -35.98 7.81 -1.11
C TRP A 107 -36.63 9.19 -1.15
N LEU A 108 -36.64 9.79 -2.33
CA LEU A 108 -37.35 11.05 -2.53
C LEU A 108 -38.84 10.85 -2.27
N LYS A 109 -39.36 9.71 -2.72
CA LYS A 109 -40.76 9.37 -2.52
C LYS A 109 -41.09 9.18 -1.04
N GLU A 110 -40.19 8.53 -0.32
CA GLU A 110 -40.35 8.36 1.13
C GLU A 110 -40.35 9.71 1.82
N LEU A 111 -39.46 10.60 1.35
CA LEU A 111 -39.37 11.96 1.86
C LEU A 111 -40.69 12.71 1.72
N ARG A 112 -41.22 12.73 0.50
CA ARG A 112 -42.46 13.44 0.22
C ARG A 112 -43.64 12.87 0.99
N ASP A 113 -43.56 11.59 1.32
CA ASP A 113 -44.64 10.91 2.02
C ASP A 113 -44.67 11.23 3.50
N HIS A 114 -43.50 11.49 4.07
CA HIS A 114 -43.37 11.61 5.53
C HIS A 114 -42.91 12.99 6.02
N ALA A 115 -42.13 13.69 5.22
CA ALA A 115 -41.51 14.93 5.69
C ALA A 115 -42.37 16.17 5.43
N ASP A 116 -42.08 17.23 6.16
CA ASP A 116 -42.70 18.53 5.93
C ASP A 116 -42.40 18.98 4.51
N SER A 117 -43.35 19.68 3.89
CA SER A 117 -43.21 20.10 2.50
CA SER A 117 -43.21 20.10 2.50
C SER A 117 -42.09 21.11 2.31
N ASN A 118 -41.75 21.81 3.38
CA ASN A 118 -40.70 22.83 3.30
C ASN A 118 -39.32 22.34 3.74
N ILE A 119 -39.16 21.01 3.85
CA ILE A 119 -37.88 20.45 4.26
C ILE A 119 -36.81 20.75 3.20
N VAL A 120 -35.63 21.14 3.66
CA VAL A 120 -34.53 21.43 2.75
C VAL A 120 -33.78 20.14 2.43
N ILE A 121 -33.70 19.81 1.15
CA ILE A 121 -33.09 18.56 0.72
C ILE A 121 -31.81 18.80 -0.08
N MET A 122 -30.74 18.15 0.34
CA MET A 122 -29.50 18.17 -0.43
C MET A 122 -29.19 16.78 -0.96
N LEU A 123 -29.00 16.68 -2.26
CA LEU A 123 -28.56 15.44 -2.88
C LEU A 123 -27.05 15.33 -2.72
N VAL A 124 -26.60 14.24 -2.10
CA VAL A 124 -25.19 14.08 -1.80
C VAL A 124 -24.58 12.87 -2.49
N GLY A 125 -23.61 13.12 -3.36
CA GLY A 125 -22.85 12.06 -3.99
C GLY A 125 -21.60 11.75 -3.18
N ASN A 126 -21.67 10.72 -2.35
CA ASN A 126 -20.57 10.39 -1.46
C ASN A 126 -19.55 9.47 -2.13
N LYS A 127 -18.39 9.33 -1.47
CA LYS A 127 -17.27 8.49 -1.92
C LYS A 127 -16.62 9.06 -3.18
N SER A 128 -16.47 10.38 -3.21
CA SER A 128 -15.86 11.06 -4.35
C SER A 128 -14.39 10.72 -4.49
N ASP A 129 -13.84 10.10 -3.44
CA ASP A 129 -12.44 9.67 -3.45
C ASP A 129 -12.23 8.49 -4.41
N LEU A 130 -13.32 7.81 -4.74
CA LEU A 130 -13.27 6.68 -5.67
C LEU A 130 -13.42 7.15 -7.10
N ARG A 131 -12.59 8.10 -7.51
CA ARG A 131 -12.68 8.72 -8.83
C ARG A 131 -12.54 7.72 -9.97
N HIS A 132 -11.69 6.73 -9.78
CA HIS A 132 -11.41 5.75 -10.83
C HIS A 132 -12.56 4.77 -11.02
N LEU A 133 -13.53 4.80 -10.10
CA LEU A 133 -14.65 3.87 -10.13
C LEU A 133 -15.99 4.55 -10.34
N ARG A 134 -15.97 5.83 -10.72
CA ARG A 134 -17.19 6.61 -10.84
C ARG A 134 -18.19 6.02 -11.84
N ALA A 135 -19.43 5.86 -11.38
CA ALA A 135 -20.49 5.31 -12.20
C ALA A 135 -21.60 6.33 -12.40
N VAL A 136 -21.60 7.37 -11.58
CA VAL A 136 -22.61 8.42 -11.67
C VAL A 136 -21.97 9.75 -12.04
N PRO A 137 -22.19 10.20 -13.28
CA PRO A 137 -21.64 11.48 -13.74
C PRO A 137 -22.11 12.66 -12.88
N THR A 138 -21.20 13.56 -12.54
CA THR A 138 -21.54 14.71 -11.70
C THR A 138 -22.62 15.56 -12.36
N ASP A 139 -22.49 15.78 -13.67
CA ASP A 139 -23.44 16.59 -14.42
C ASP A 139 -24.83 15.97 -14.44
N GLU A 140 -24.89 14.64 -14.49
CA GLU A 140 -26.17 13.95 -14.52
C GLU A 140 -26.91 14.10 -13.20
N ALA A 141 -26.18 13.96 -12.10
CA ALA A 141 -26.77 14.06 -10.78
C ALA A 141 -27.17 15.50 -10.44
N ARG A 142 -26.32 16.44 -10.82
CA ARG A 142 -26.60 17.85 -10.56
C ARG A 142 -27.85 18.28 -11.32
N ALA A 143 -28.00 17.79 -12.56
CA ALA A 143 -29.16 18.11 -13.38
C ALA A 143 -30.44 17.55 -12.77
N PHE A 144 -30.35 16.36 -12.19
CA PHE A 144 -31.50 15.76 -11.51
C PHE A 144 -31.87 16.56 -10.27
N ALA A 145 -30.86 16.96 -9.51
CA ALA A 145 -31.06 17.73 -8.30
C ALA A 145 -31.77 19.05 -8.61
N GLU A 146 -31.24 19.79 -9.57
CA GLU A 146 -31.81 21.07 -9.98
C GLU A 146 -33.24 20.91 -10.49
N LYS A 147 -33.48 19.83 -11.22
CA LYS A 147 -34.79 19.58 -11.81
C LYS A 147 -35.83 19.28 -10.72
N ASN A 148 -35.38 18.70 -9.62
CA ASN A 148 -36.28 18.27 -8.56
C ASN A 148 -36.22 19.15 -7.31
N GLY A 149 -35.64 20.34 -7.45
CA GLY A 149 -35.59 21.30 -6.35
C GLY A 149 -34.70 20.85 -5.19
N LEU A 150 -33.59 20.20 -5.53
CA LEU A 150 -32.65 19.74 -4.51
C LEU A 150 -31.33 20.46 -4.65
N SER A 151 -30.66 20.69 -3.52
CA SER A 151 -29.28 21.15 -3.55
C SER A 151 -28.39 19.97 -3.94
N PHE A 152 -27.16 20.22 -4.33
CA PHE A 152 -26.28 19.14 -4.75
C PHE A 152 -24.83 19.38 -4.36
N ILE A 153 -24.16 18.29 -3.96
CA ILE A 153 -22.75 18.33 -3.64
C ILE A 153 -22.19 16.91 -3.67
N GLU A 154 -20.90 16.79 -3.99
CA GLU A 154 -20.21 15.50 -3.89
C GLU A 154 -19.25 15.53 -2.71
N THR A 155 -19.29 14.48 -1.89
CA THR A 155 -18.48 14.43 -0.69
C THR A 155 -17.60 13.18 -0.65
N SER A 156 -16.64 13.20 0.25
CA SER A 156 -15.90 12.01 0.61
C SER A 156 -15.76 11.98 2.12
N ALA A 157 -16.53 11.11 2.76
CA ALA A 157 -16.42 10.95 4.21
C ALA A 157 -15.03 10.43 4.56
N LEU A 158 -14.43 9.70 3.62
CA LEU A 158 -13.11 9.09 3.82
C LEU A 158 -12.00 10.13 3.95
N ASP A 159 -11.89 11.03 2.97
CA ASP A 159 -10.84 12.04 3.02
C ASP A 159 -11.37 13.42 3.44
N SER A 160 -12.64 13.45 3.83
CA SER A 160 -13.32 14.60 4.44
C SER A 160 -13.72 15.72 3.46
N THR A 161 -13.48 15.51 2.17
CA THR A 161 -13.77 16.55 1.17
C THR A 161 -15.26 16.93 1.13
N ASN A 162 -15.52 18.23 1.27
CA ASN A 162 -16.87 18.80 1.16
C ASN A 162 -17.88 18.38 2.22
N VAL A 163 -17.44 17.64 3.24
CA VAL A 163 -18.35 17.18 4.29
C VAL A 163 -18.85 18.34 5.13
N GLU A 164 -17.94 19.21 5.55
CA GLU A 164 -18.29 20.41 6.30
C GLU A 164 -19.16 21.34 5.46
N ALA A 165 -18.77 21.49 4.19
CA ALA A 165 -19.48 22.39 3.27
C ALA A 165 -20.93 21.94 3.05
N ALA A 166 -21.12 20.63 2.95
CA ALA A 166 -22.44 20.06 2.73
C ALA A 166 -23.38 20.42 3.86
N PHE A 167 -22.95 20.17 5.10
CA PHE A 167 -23.76 20.47 6.26
C PHE A 167 -23.90 21.98 6.46
N GLN A 168 -22.82 22.72 6.22
CA GLN A 168 -22.84 24.17 6.33
C GLN A 168 -23.90 24.76 5.39
N THR A 169 -23.95 24.26 4.16
CA THR A 169 -24.86 24.77 3.15
C THR A 169 -26.32 24.48 3.49
N ILE A 170 -26.61 23.24 3.87
CA ILE A 170 -28.00 22.86 4.13
C ILE A 170 -28.51 23.54 5.40
N LEU A 171 -27.63 23.75 6.38
CA LEU A 171 -28.02 24.40 7.62
C LEU A 171 -28.26 25.89 7.38
N THR A 172 -27.52 26.46 6.42
CA THR A 172 -27.68 27.85 6.06
C THR A 172 -28.98 28.08 5.30
N GLU A 173 -29.32 27.14 4.42
CA GLU A 173 -30.56 27.23 3.64
C GLU A 173 -31.79 27.08 4.53
N ILE A 174 -31.67 26.24 5.56
CA ILE A 174 -32.73 26.12 6.55
C ILE A 174 -32.89 27.43 7.30
N TYR A 175 -31.77 28.01 7.68
CA TYR A 175 -31.74 29.27 8.41
C TYR A 175 -32.41 30.39 7.62
N ARG A 176 -32.19 30.41 6.31
CA ARG A 176 -32.80 31.41 5.44
C ARG A 176 -34.32 31.32 5.48
N ILE A 177 -34.84 30.12 5.72
CA ILE A 177 -36.27 29.87 5.69
C ILE A 177 -36.94 30.13 7.04
N VAL A 178 -36.28 29.74 8.12
CA VAL A 178 -36.93 29.75 9.43
C VAL A 178 -36.55 30.93 10.32
N SER A 179 -35.51 31.67 9.97
CA SER A 179 -35.09 32.82 10.78
C SER A 179 -36.01 34.01 10.54
N PHE B 15 16.79 28.32 49.92
CA PHE B 15 16.05 27.71 51.02
C PHE B 15 16.12 26.20 50.97
N GLN B 16 16.05 25.56 52.13
CA GLN B 16 16.18 24.11 52.24
C GLN B 16 14.97 23.38 51.68
N GLY B 17 13.78 23.94 51.90
CA GLY B 17 12.55 23.31 51.47
C GLY B 17 11.89 22.53 52.58
N MET B 18 12.13 22.96 53.82
CA MET B 18 11.52 22.35 54.99
C MET B 18 10.65 23.37 55.73
N LEU B 19 9.93 22.89 56.74
CA LEU B 19 9.10 23.77 57.56
C LEU B 19 9.22 23.41 59.03
N GLU B 20 9.65 24.37 59.85
CA GLU B 20 9.84 24.15 61.26
C GLU B 20 8.66 24.67 62.08
N TYR B 21 8.28 23.91 63.11
CA TYR B 21 7.21 24.33 64.01
C TYR B 21 7.49 23.79 65.41
N LYS B 22 7.05 24.53 66.41
CA LYS B 22 7.24 24.12 67.80
C LYS B 22 6.34 22.94 68.14
N LYS B 23 6.79 22.12 69.08
CA LYS B 23 6.06 20.92 69.48
C LYS B 23 4.69 21.25 70.06
N GLU B 24 4.58 22.43 70.67
CA GLU B 24 3.32 22.86 71.27
C GLU B 24 2.35 23.37 70.22
N ASP B 25 2.84 23.55 69.00
CA ASP B 25 2.02 24.09 67.92
C ASP B 25 1.62 23.03 66.89
N GLU B 26 1.81 21.76 67.25
CA GLU B 26 1.45 20.67 66.35
C GLU B 26 -0.05 20.58 66.14
N GLN B 27 -0.81 20.64 67.22
CA GLN B 27 -2.26 20.61 67.16
C GLN B 27 -2.79 21.84 66.43
N LYS B 28 -2.10 22.96 66.63
CA LYS B 28 -2.45 24.20 65.95
C LYS B 28 -2.19 24.06 64.44
N LEU B 29 -1.15 23.32 64.11
CA LEU B 29 -0.78 23.08 62.72
C LEU B 29 -1.84 22.23 62.00
N VAL B 30 -2.22 21.12 62.62
CA VAL B 30 -3.18 20.20 62.03
C VAL B 30 -4.59 20.80 61.99
N LYS B 31 -4.85 21.72 62.91
CA LYS B 31 -6.17 22.34 63.01
C LYS B 31 -6.48 23.24 61.81
N ASN B 32 -5.54 24.14 61.50
CA ASN B 32 -5.75 25.10 60.43
C ASN B 32 -5.50 24.52 59.04
N LEU B 33 -4.54 23.61 58.94
CA LEU B 33 -4.14 23.07 57.65
C LEU B 33 -5.04 21.92 57.21
N ILE B 34 -5.66 21.24 58.17
CA ILE B 34 -6.49 20.08 57.86
C ILE B 34 -7.92 20.21 58.40
N LEU B 35 -8.04 20.38 59.71
CA LEU B 35 -9.33 20.32 60.38
C LEU B 35 -10.28 21.46 59.99
N GLU B 36 -9.74 22.66 59.88
CA GLU B 36 -10.58 23.83 59.62
C GLU B 36 -10.29 24.49 58.27
N LEU B 37 -9.48 23.85 57.45
CA LEU B 37 -9.11 24.41 56.15
C LEU B 37 -10.28 24.31 55.17
N LYS B 38 -10.53 25.41 54.46
CA LYS B 38 -11.62 25.45 53.49
C LYS B 38 -11.14 25.16 52.08
N PRO B 39 -11.80 24.21 51.40
CA PRO B 39 -11.49 23.82 50.02
C PRO B 39 -11.58 24.99 49.03
N ARG B 40 -12.47 25.93 49.28
CA ARG B 40 -12.68 27.07 48.38
C ARG B 40 -11.77 28.24 48.71
N GLY B 41 -10.76 28.01 49.55
CA GLY B 41 -9.83 29.04 49.94
C GLY B 41 -9.06 29.59 48.76
N VAL B 42 -8.89 30.91 48.73
CA VAL B 42 -8.22 31.59 47.63
C VAL B 42 -6.77 31.11 47.48
N ALA B 43 -6.05 31.08 48.60
CA ALA B 43 -4.66 30.66 48.60
C ALA B 43 -4.53 29.16 48.34
N VAL B 44 -5.59 28.42 48.67
CA VAL B 44 -5.61 26.98 48.46
C VAL B 44 -5.82 26.65 46.98
N ASN B 45 -6.48 27.57 46.27
CA ASN B 45 -6.77 27.38 44.85
C ASN B 45 -5.73 27.98 43.92
N LEU B 46 -4.58 28.36 44.47
CA LEU B 46 -3.47 28.81 43.66
C LEU B 46 -2.86 27.63 42.92
N ILE B 47 -2.36 26.67 43.70
CA ILE B 47 -1.86 25.41 43.16
C ILE B 47 -2.49 24.26 43.94
N PRO B 48 -2.77 23.13 43.26
CA PRO B 48 -3.41 22.00 43.93
C PRO B 48 -2.48 21.27 44.89
N GLY B 49 -3.07 20.60 45.88
CA GLY B 49 -2.32 19.78 46.81
C GLY B 49 -1.40 20.56 47.74
N LEU B 50 -1.65 21.85 47.90
CA LEU B 50 -0.81 22.69 48.74
C LEU B 50 -0.74 22.25 50.22
N PRO B 51 -1.90 21.88 50.82
CA PRO B 51 -1.78 21.35 52.19
C PRO B 51 -0.91 20.10 52.29
N ALA B 52 -0.98 19.25 51.27
CA ALA B 52 -0.18 18.03 51.23
C ALA B 52 1.31 18.35 51.17
N TYR B 53 1.66 19.32 50.36
CA TYR B 53 3.06 19.75 50.23
C TYR B 53 3.58 20.36 51.53
N ILE B 54 2.77 21.21 52.15
CA ILE B 54 3.14 21.85 53.41
C ILE B 54 3.35 20.81 54.50
N LEU B 55 2.44 19.85 54.58
CA LEU B 55 2.54 18.76 55.56
C LEU B 55 3.84 17.99 55.41
N PHE B 56 4.20 17.67 54.18
CA PHE B 56 5.40 16.89 53.93
C PHE B 56 6.68 17.67 54.25
N MET B 57 6.65 18.98 53.99
CA MET B 57 7.80 19.82 54.25
C MET B 57 8.15 19.83 55.73
N CYS B 58 7.13 19.63 56.57
CA CYS B 58 7.33 19.54 58.01
C CYS B 58 7.96 18.19 58.37
N VAL B 59 7.55 17.15 57.67
CA VAL B 59 8.06 15.80 57.89
C VAL B 59 9.56 15.73 57.60
N ARG B 60 9.98 16.41 56.54
CA ARG B 60 11.39 16.48 56.17
C ARG B 60 12.25 17.01 57.31
N HIS B 61 11.79 18.10 57.93
CA HIS B 61 12.52 18.73 59.02
C HIS B 61 12.61 17.80 60.22
N ALA B 62 11.51 17.10 60.50
CA ALA B 62 11.49 16.11 61.58
C ALA B 62 12.48 15.00 61.29
N ASP B 63 12.49 14.54 60.03
CA ASP B 63 13.44 13.54 59.58
C ASP B 63 14.86 14.08 59.64
N TYR B 64 15.02 15.35 59.27
CA TYR B 64 16.32 16.01 59.32
C TYR B 64 16.82 16.15 60.76
N LEU B 65 15.89 16.33 61.69
CA LEU B 65 16.23 16.47 63.09
C LEU B 65 16.45 15.12 63.77
N ASN B 66 16.23 14.05 63.00
CA ASN B 66 16.33 12.68 63.50
C ASN B 66 15.40 12.45 64.70
N ASP B 67 14.32 13.23 64.73
CA ASP B 67 13.35 13.17 65.82
C ASP B 67 12.27 12.13 65.51
N ASP B 68 12.48 10.91 65.98
CA ASP B 68 11.55 9.82 65.72
C ASP B 68 10.20 10.04 66.41
N GLN B 69 10.22 10.75 67.53
CA GLN B 69 9.00 11.01 68.28
C GLN B 69 8.13 12.04 67.55
N LYS B 70 8.76 13.06 66.98
CA LYS B 70 8.02 14.08 66.24
C LYS B 70 7.47 13.52 64.94
N VAL B 71 8.27 12.69 64.27
CA VAL B 71 7.83 12.02 63.05
C VAL B 71 6.59 11.19 63.32
N ARG B 72 6.60 10.44 64.43
CA ARG B 72 5.47 9.61 64.81
C ARG B 72 4.23 10.43 65.13
N SER B 73 4.41 11.51 65.89
CA SER B 73 3.29 12.34 66.33
C SER B 73 2.64 13.08 65.17
N LEU B 74 3.46 13.69 64.31
CA LEU B 74 2.96 14.46 63.18
C LEU B 74 2.16 13.60 62.20
N LEU B 75 2.73 12.44 61.84
CA LEU B 75 2.06 11.52 60.93
C LEU B 75 0.76 11.00 61.53
N THR B 76 0.78 10.76 62.84
CA THR B 76 -0.40 10.31 63.56
C THR B 76 -1.45 11.42 63.62
N SER B 77 -1.00 12.64 63.88
CA SER B 77 -1.89 13.79 63.94
C SER B 77 -2.49 14.09 62.56
N THR B 78 -1.70 13.83 61.51
CA THR B 78 -2.14 14.07 60.14
C THR B 78 -3.26 13.13 59.73
N ILE B 79 -3.01 11.82 59.88
CA ILE B 79 -3.98 10.80 59.49
C ILE B 79 -5.29 10.93 60.27
N ASN B 80 -5.17 11.16 61.56
CA ASN B 80 -6.34 11.30 62.42
C ASN B 80 -7.15 12.56 62.13
N SER B 81 -6.46 13.60 61.67
CA SER B 81 -7.12 14.86 61.33
C SER B 81 -7.92 14.73 60.04
N ILE B 82 -7.39 13.96 59.10
CA ILE B 82 -8.07 13.73 57.83
C ILE B 82 -9.31 12.85 58.04
N LYS B 83 -9.17 11.84 58.88
CA LYS B 83 -10.28 10.97 59.24
C LYS B 83 -11.39 11.75 59.93
N LYS B 84 -11.00 12.77 60.69
CA LYS B 84 -11.94 13.56 61.47
C LYS B 84 -12.81 14.45 60.59
N VAL B 85 -12.19 15.09 59.60
CA VAL B 85 -12.90 15.96 58.67
C VAL B 85 -13.94 15.18 57.87
N LEU B 86 -13.54 14.01 57.40
CA LEU B 86 -14.41 13.18 56.57
C LEU B 86 -15.52 12.52 57.39
N LYS B 87 -15.36 12.49 58.71
CA LYS B 87 -16.38 11.95 59.59
C LYS B 87 -17.39 13.05 59.94
N LYS B 88 -16.90 14.28 60.05
CA LYS B 88 -17.75 15.43 60.32
C LYS B 88 -18.43 15.92 59.04
N ARG B 89 -17.63 16.36 58.08
CA ARG B 89 -18.13 16.78 56.78
C ARG B 89 -18.17 15.60 55.82
N GLY B 90 -19.03 14.63 56.12
CA GLY B 90 -19.07 13.39 55.37
C GLY B 90 -19.90 13.41 54.10
N ASP B 91 -20.98 14.18 54.11
CA ASP B 91 -21.91 14.20 52.99
C ASP B 91 -21.68 15.36 52.02
N ASP B 92 -20.48 15.94 52.06
CA ASP B 92 -20.14 17.02 51.16
C ASP B 92 -19.14 16.55 50.10
N PHE B 93 -19.55 16.63 48.83
CA PHE B 93 -18.73 16.14 47.72
C PHE B 93 -17.39 16.87 47.64
N GLU B 94 -17.42 18.19 47.74
CA GLU B 94 -16.21 19.00 47.61
C GLU B 94 -15.19 18.67 48.70
N THR B 95 -15.67 18.47 49.92
CA THR B 95 -14.79 18.12 51.04
C THR B 95 -14.09 16.80 50.79
N VAL B 96 -14.87 15.76 50.47
CA VAL B 96 -14.35 14.43 50.21
C VAL B 96 -13.41 14.44 49.00
N SER B 97 -13.81 15.17 47.96
CA SER B 97 -12.99 15.28 46.75
C SER B 97 -11.66 15.96 47.04
N PHE B 98 -11.70 17.01 47.87
CA PHE B 98 -10.51 17.79 48.18
C PHE B 98 -9.48 16.97 48.96
N TRP B 99 -9.95 16.20 49.93
CA TRP B 99 -9.05 15.48 50.82
C TRP B 99 -8.65 14.13 50.27
N LEU B 100 -9.39 13.65 49.26
CA LEU B 100 -8.94 12.50 48.50
C LEU B 100 -7.73 12.91 47.69
N SER B 101 -7.81 14.09 47.08
CA SER B 101 -6.74 14.64 46.27
C SER B 101 -5.48 14.92 47.08
N ASN B 102 -5.65 15.52 48.26
CA ASN B 102 -4.52 15.89 49.08
C ASN B 102 -3.88 14.72 49.82
N THR B 103 -4.69 13.73 50.19
CA THR B 103 -4.17 12.52 50.82
C THR B 103 -3.29 11.77 49.83
N CYS B 104 -3.75 11.70 48.58
CA CYS B 104 -3.00 11.04 47.52
C CYS B 104 -1.71 11.78 47.21
N ARG B 105 -1.76 13.11 47.24
CA ARG B 105 -0.60 13.94 46.98
C ARG B 105 0.40 13.85 48.13
N PHE B 106 -0.10 13.76 49.35
CA PHE B 106 0.75 13.57 50.51
C PHE B 106 1.46 12.23 50.42
N LEU B 107 0.75 11.24 49.88
CA LEU B 107 1.31 9.92 49.66
C LEU B 107 2.33 9.96 48.52
N HIS B 108 2.03 10.77 47.51
CA HIS B 108 2.94 10.98 46.39
C HIS B 108 4.28 11.52 46.87
N CYS B 109 4.23 12.49 47.77
CA CYS B 109 5.42 13.11 48.32
C CYS B 109 6.26 12.11 49.12
N LEU B 110 5.58 11.32 49.94
CA LEU B 110 6.26 10.34 50.78
C LEU B 110 6.97 9.29 49.94
N LYS B 111 6.41 8.97 48.79
CA LYS B 111 7.05 8.05 47.86
C LYS B 111 8.17 8.74 47.10
N GLN B 112 7.84 9.87 46.48
CA GLN B 112 8.78 10.61 45.65
C GLN B 112 10.06 10.99 46.39
N TYR B 113 9.92 11.35 47.67
CA TYR B 113 11.08 11.72 48.47
C TYR B 113 11.35 10.69 49.57
N SER B 114 11.21 9.41 49.23
CA SER B 114 11.42 8.34 50.19
C SER B 114 12.88 7.93 50.31
N GLY B 115 13.64 8.15 49.25
CA GLY B 115 15.02 7.73 49.21
C GLY B 115 15.16 6.39 48.50
N GLU B 116 14.02 5.82 48.11
CA GLU B 116 13.99 4.55 47.39
C GLU B 116 14.12 4.80 45.88
N GLU B 117 15.06 4.10 45.25
CA GLU B 117 15.38 4.30 43.84
C GLU B 117 14.18 4.09 42.92
N GLY B 118 13.28 3.20 43.31
CA GLY B 118 12.11 2.88 42.50
C GLY B 118 11.10 4.01 42.41
N PHE B 119 11.22 4.98 43.30
CA PHE B 119 10.28 6.09 43.36
C PHE B 119 10.90 7.43 42.94
N MET B 120 12.16 7.39 42.51
CA MET B 120 12.90 8.61 42.21
C MET B 120 13.36 8.67 40.75
N LYS B 121 12.69 7.93 39.88
CA LYS B 121 13.08 7.87 38.47
C LYS B 121 12.77 9.18 37.73
N HIS B 122 11.80 9.93 38.23
CA HIS B 122 11.40 11.17 37.58
C HIS B 122 11.82 12.40 38.40
N ASN B 123 12.68 12.19 39.38
CA ASN B 123 13.14 13.28 40.25
C ASN B 123 14.30 14.06 39.67
N THR B 124 14.35 15.35 39.98
CA THR B 124 15.50 16.17 39.61
C THR B 124 16.60 16.00 40.65
N SER B 125 17.79 16.49 40.35
CA SER B 125 18.92 16.37 41.25
C SER B 125 18.64 17.05 42.59
N ARG B 126 17.99 18.20 42.55
CA ARG B 126 17.65 18.94 43.75
C ARG B 126 16.54 18.24 44.54
N GLN B 127 15.60 17.62 43.84
CA GLN B 127 14.52 16.88 44.49
C GLN B 127 15.06 15.68 45.26
N ASN B 128 16.07 15.03 44.69
CA ASN B 128 16.71 13.90 45.36
C ASN B 128 17.43 14.33 46.64
N GLU B 129 17.87 15.58 46.68
CA GLU B 129 18.51 16.14 47.87
C GLU B 129 17.49 16.39 48.96
N HIS B 130 16.22 16.33 48.60
CA HIS B 130 15.13 16.57 49.55
C HIS B 130 14.55 15.28 50.11
N CYS B 131 15.07 14.15 49.63
CA CYS B 131 14.63 12.85 50.11
C CYS B 131 14.91 12.66 51.60
N LEU B 132 14.11 11.81 52.24
CA LEU B 132 14.33 11.49 53.65
C LEU B 132 15.61 10.69 53.80
N THR B 133 16.31 10.91 54.91
CA THR B 133 17.61 10.29 55.12
C THR B 133 17.69 9.41 56.37
N ASN B 134 16.75 9.61 57.29
CA ASN B 134 16.82 8.94 58.59
C ASN B 134 15.70 7.96 58.88
N PHE B 135 14.59 8.07 58.17
CA PHE B 135 13.43 7.25 58.51
C PHE B 135 12.79 6.54 57.31
N ASP B 136 12.47 5.27 57.53
CA ASP B 136 11.74 4.46 56.56
C ASP B 136 10.26 4.46 56.92
N LEU B 137 9.46 5.20 56.18
CA LEU B 137 8.04 5.35 56.49
C LEU B 137 7.17 4.45 55.63
N ALA B 138 7.70 3.30 55.24
CA ALA B 138 6.98 2.35 54.40
C ALA B 138 5.66 1.92 55.02
N GLU B 139 5.68 1.69 56.33
CA GLU B 139 4.49 1.27 57.07
C GLU B 139 3.43 2.36 57.10
N TYR B 140 3.87 3.61 57.17
CA TYR B 140 2.95 4.74 57.21
C TYR B 140 2.32 5.00 55.85
N ARG B 141 3.06 4.66 54.79
CA ARG B 141 2.54 4.81 53.43
C ARG B 141 1.42 3.82 53.18
N GLN B 142 1.50 2.66 53.81
CA GLN B 142 0.47 1.64 53.68
C GLN B 142 -0.82 2.08 54.36
N VAL B 143 -0.68 2.76 55.49
CA VAL B 143 -1.81 3.28 56.24
C VAL B 143 -2.58 4.31 55.41
N LEU B 144 -1.85 5.23 54.80
CA LEU B 144 -2.45 6.25 53.96
C LEU B 144 -3.08 5.67 52.71
N SER B 145 -2.44 4.65 52.15
CA SER B 145 -2.96 3.97 50.97
C SER B 145 -4.33 3.38 51.25
N ASP B 146 -4.45 2.69 52.38
CA ASP B 146 -5.72 2.12 52.81
C ASP B 146 -6.71 3.22 53.18
N LEU B 147 -6.19 4.32 53.73
CA LEU B 147 -7.03 5.47 54.05
C LEU B 147 -7.63 6.05 52.78
N ALA B 148 -6.80 6.16 51.74
CA ALA B 148 -7.22 6.71 50.46
C ALA B 148 -8.33 5.88 49.84
N ILE B 149 -8.28 4.56 50.05
CA ILE B 149 -9.32 3.66 49.57
C ILE B 149 -10.66 3.98 50.22
N GLN B 150 -10.63 4.23 51.53
CA GLN B 150 -11.84 4.54 52.28
C GLN B 150 -12.45 5.87 51.85
N ILE B 151 -11.59 6.84 51.52
CA ILE B 151 -12.05 8.15 51.08
C ILE B 151 -12.74 8.05 49.72
N TYR B 152 -12.14 7.29 48.81
CA TYR B 152 -12.71 7.07 47.49
C TYR B 152 -14.06 6.39 47.60
N GLN B 153 -14.15 5.40 48.50
CA GLN B 153 -15.41 4.70 48.75
C GLN B 153 -16.48 5.70 49.18
N GLN B 154 -16.10 6.62 50.06
CA GLN B 154 -17.00 7.63 50.58
C GLN B 154 -17.43 8.60 49.49
N LEU B 155 -16.51 8.91 48.58
CA LEU B 155 -16.78 9.82 47.47
C LEU B 155 -17.87 9.24 46.57
N VAL B 156 -17.75 7.96 46.26
CA VAL B 156 -18.70 7.26 45.40
C VAL B 156 -20.09 7.23 46.03
N ARG B 157 -20.15 6.98 47.33
CA ARG B 157 -21.43 6.94 48.04
C ARG B 157 -22.14 8.28 47.99
N VAL B 158 -21.38 9.36 48.12
CA VAL B 158 -21.96 10.71 48.12
C VAL B 158 -22.53 11.07 46.75
N LEU B 159 -21.78 10.78 45.69
CA LEU B 159 -22.23 11.09 44.34
C LEU B 159 -23.37 10.17 43.91
N GLU B 160 -23.36 8.94 44.40
CA GLU B 160 -24.42 7.98 44.09
C GLU B 160 -25.73 8.43 44.69
N ASN B 161 -25.67 9.02 45.88
CA ASN B 161 -26.86 9.49 46.58
C ASN B 161 -27.49 10.68 45.87
N ILE B 162 -26.69 11.41 45.10
CA ILE B 162 -27.17 12.58 44.37
C ILE B 162 -27.73 12.21 43.01
N LEU B 163 -27.03 11.33 42.30
CA LEU B 163 -27.42 10.93 40.95
C LEU B 163 -28.66 10.04 40.92
N GLN B 164 -28.71 9.08 41.85
CA GLN B 164 -29.76 8.06 41.86
C GLN B 164 -31.20 8.58 41.69
N PRO B 165 -31.57 9.67 42.39
CA PRO B 165 -32.97 10.12 42.19
C PRO B 165 -33.24 10.74 40.82
N MET B 166 -32.19 11.07 40.07
CA MET B 166 -32.36 11.77 38.80
C MET B 166 -32.46 10.85 37.59
N ILE B 167 -31.93 9.65 37.74
CA ILE B 167 -31.74 8.74 36.60
CA ILE B 167 -31.74 8.74 36.61
C ILE B 167 -33.03 8.28 35.94
N VAL B 168 -33.94 7.68 36.72
CA VAL B 168 -35.19 7.16 36.16
C VAL B 168 -36.00 8.23 35.44
N SER B 169 -36.16 9.38 36.07
CA SER B 169 -36.92 10.48 35.49
C SER B 169 -36.26 11.04 34.23
N GLY B 170 -34.94 11.21 34.28
CA GLY B 170 -34.21 11.85 33.20
C GLY B 170 -33.88 10.95 32.03
N MET B 171 -33.67 9.67 32.29
CA MET B 171 -33.24 8.74 31.24
C MET B 171 -34.41 8.03 30.56
N LEU B 172 -35.54 7.93 31.25
CA LEU B 172 -36.65 7.13 30.77
C LEU B 172 -37.97 7.88 30.65
N GLU B 173 -38.43 8.45 31.75
CA GLU B 173 -39.78 9.02 31.81
C GLU B 173 -39.94 10.31 31.02
N HIS B 174 -38.91 11.15 31.02
CA HIS B 174 -38.97 12.43 30.30
C HIS B 174 -38.82 12.23 28.80
N GLU B 175 -39.88 12.52 28.05
CA GLU B 175 -39.91 12.28 26.61
C GLU B 175 -39.52 13.52 25.81
N THR B 176 -38.52 13.37 24.95
CA THR B 176 -38.04 14.47 24.11
C THR B 176 -37.78 14.02 22.68
N ILE B 177 -37.87 12.71 22.44
CA ILE B 177 -37.52 12.13 21.15
C ILE B 177 -38.55 12.51 20.08
N GLN B 178 -39.75 12.90 20.51
CA GLN B 178 -40.80 13.30 19.58
C GLN B 178 -40.57 14.73 19.10
N GLY B 179 -39.58 15.40 19.69
CA GLY B 179 -39.25 16.76 19.31
C GLY B 179 -40.02 17.79 20.11
N GLY B 199 -39.80 20.95 40.53
CA GLY B 199 -39.59 20.38 39.21
C GLY B 199 -38.97 18.99 39.28
N THR B 200 -39.05 18.26 38.18
CA THR B 200 -38.49 16.91 38.11
C THR B 200 -37.24 16.89 37.24
N TYR B 201 -36.47 15.81 37.33
CA TYR B 201 -35.18 15.73 36.65
C TYR B 201 -35.29 15.34 35.18
N THR B 202 -34.47 15.97 34.35
CA THR B 202 -34.38 15.64 32.94
C THR B 202 -32.98 15.16 32.60
N LEU B 203 -32.72 14.92 31.32
CA LEU B 203 -31.39 14.51 30.88
C LEU B 203 -30.39 15.65 31.12
N ASP B 204 -30.84 16.87 30.87
CA ASP B 204 -30.01 18.06 31.08
C ASP B 204 -29.67 18.23 32.55
N SER B 205 -30.57 17.81 33.42
CA SER B 205 -30.33 17.85 34.87
C SER B 205 -29.15 16.95 35.21
N ILE B 206 -29.17 15.73 34.69
CA ILE B 206 -28.09 14.77 34.87
C ILE B 206 -26.78 15.28 34.27
N LEU B 207 -26.88 15.87 33.09
CA LEU B 207 -25.71 16.44 32.41
C LEU B 207 -25.07 17.54 33.23
N ARG B 208 -25.90 18.39 33.84
CA ARG B 208 -25.40 19.49 34.65
C ARG B 208 -24.75 18.98 35.94
N GLN B 209 -25.33 17.94 36.53
CA GLN B 209 -24.80 17.36 37.75
C GLN B 209 -23.44 16.71 37.48
N LEU B 210 -23.34 16.05 36.33
CA LEU B 210 -22.08 15.44 35.90
C LEU B 210 -20.99 16.50 35.73
N ASN B 211 -21.36 17.60 35.08
CA ASN B 211 -20.45 18.73 34.90
C ASN B 211 -19.95 19.28 36.22
N SER B 212 -20.83 19.35 37.20
CA SER B 212 -20.46 19.86 38.53
C SER B 212 -19.44 18.95 39.21
N PHE B 213 -19.72 17.65 39.18
CA PHE B 213 -18.82 16.64 39.74
C PHE B 213 -17.43 16.73 39.12
N HIS B 214 -17.38 16.69 37.80
CA HIS B 214 -16.12 16.72 37.05
C HIS B 214 -15.34 18.01 37.30
N SER B 215 -16.03 19.13 37.28
CA SER B 215 -15.40 20.44 37.46
C SER B 215 -14.74 20.58 38.83
N VAL B 216 -15.41 20.03 39.86
CA VAL B 216 -14.89 20.10 41.22
C VAL B 216 -13.61 19.29 41.38
N MET B 217 -13.63 18.07 40.85
CA MET B 217 -12.46 17.18 40.92
C MET B 217 -11.27 17.77 40.16
N CYS B 218 -11.55 18.39 39.02
CA CYS B 218 -10.51 19.03 38.22
C CYS B 218 -9.90 20.22 38.96
N GLN B 219 -10.76 21.01 39.59
CA GLN B 219 -10.32 22.20 40.33
C GLN B 219 -9.38 21.82 41.48
N HIS B 220 -9.68 20.69 42.12
CA HIS B 220 -8.88 20.21 43.23
C HIS B 220 -7.58 19.56 42.75
N GLY B 221 -7.48 19.35 41.45
CA GLY B 221 -6.31 18.71 40.88
C GLY B 221 -6.19 17.27 41.31
N MET B 222 -7.32 16.57 41.33
CA MET B 222 -7.33 15.14 41.62
C MET B 222 -6.60 14.41 40.50
N ASP B 223 -5.94 13.31 40.84
CA ASP B 223 -5.26 12.48 39.83
C ASP B 223 -6.22 12.11 38.71
N PRO B 224 -5.79 12.30 37.45
CA PRO B 224 -6.63 12.02 36.29
C PRO B 224 -7.10 10.57 36.25
N GLU B 225 -6.26 9.65 36.72
CA GLU B 225 -6.63 8.25 36.79
C GLU B 225 -7.80 8.04 37.73
N LEU B 226 -7.83 8.83 38.80
CA LEU B 226 -8.91 8.75 39.78
C LEU B 226 -10.20 9.35 39.23
N ILE B 227 -10.08 10.51 38.58
CA ILE B 227 -11.23 11.17 37.97
C ILE B 227 -11.93 10.26 36.96
N LYS B 228 -11.13 9.60 36.13
CA LYS B 228 -11.67 8.69 35.11
C LYS B 228 -12.39 7.51 35.74
N GLN B 229 -11.88 7.01 36.86
CA GLN B 229 -12.51 5.89 37.55
C GLN B 229 -13.81 6.33 38.22
N VAL B 230 -13.84 7.57 38.71
CA VAL B 230 -15.06 8.11 39.29
C VAL B 230 -16.15 8.28 38.23
N VAL B 231 -15.76 8.81 37.07
CA VAL B 231 -16.69 9.01 35.96
C VAL B 231 -17.24 7.67 35.47
N LYS B 232 -16.35 6.68 35.36
CA LYS B 232 -16.76 5.33 35.00
C LYS B 232 -17.78 4.80 35.99
N GLN B 233 -17.54 5.07 37.27
CA GLN B 233 -18.43 4.64 38.33
C GLN B 233 -19.80 5.29 38.20
N MET B 234 -19.81 6.58 37.88
CA MET B 234 -21.07 7.33 37.74
C MET B 234 -21.88 6.83 36.55
N PHE B 235 -21.21 6.53 35.45
CA PHE B 235 -21.88 6.06 34.24
C PHE B 235 -22.47 4.67 34.42
N TYR B 236 -21.78 3.83 35.18
CA TYR B 236 -22.30 2.51 35.51
C TYR B 236 -23.58 2.63 36.31
N ILE B 237 -23.60 3.57 37.25
CA ILE B 237 -24.77 3.83 38.07
C ILE B 237 -25.95 4.26 37.21
N ILE B 238 -25.67 5.16 36.26
CA ILE B 238 -26.70 5.62 35.32
C ILE B 238 -27.21 4.46 34.48
N GLY B 239 -26.29 3.66 33.96
CA GLY B 239 -26.62 2.54 33.11
C GLY B 239 -27.40 1.45 33.84
N ALA B 240 -26.91 1.05 35.00
CA ALA B 240 -27.50 -0.04 35.75
C ALA B 240 -28.94 0.27 36.20
N ILE B 241 -29.14 1.48 36.72
CA ILE B 241 -30.45 1.88 37.22
C ILE B 241 -31.46 2.00 36.08
N THR B 242 -31.00 2.53 34.94
CA THR B 242 -31.85 2.64 33.76
C THR B 242 -32.23 1.27 33.22
N LEU B 243 -31.24 0.38 33.10
CA LEU B 243 -31.46 -0.96 32.58
C LEU B 243 -32.34 -1.79 33.50
N ASN B 244 -32.16 -1.62 34.80
CA ASN B 244 -32.97 -2.34 35.79
C ASN B 244 -34.44 -1.97 35.69
N ASN B 245 -34.71 -0.69 35.42
CA ASN B 245 -36.08 -0.22 35.26
C ASN B 245 -36.72 -0.77 33.98
N LEU B 246 -35.92 -0.90 32.93
CA LEU B 246 -36.37 -1.54 31.69
C LEU B 246 -36.82 -2.97 31.96
N LEU B 247 -36.02 -3.67 32.76
CA LEU B 247 -36.26 -5.08 33.04
C LEU B 247 -37.38 -5.30 34.07
N LEU B 248 -37.90 -4.21 34.63
CA LEU B 248 -38.94 -4.30 35.63
C LEU B 248 -40.26 -3.66 35.18
N ARG B 249 -40.20 -2.86 34.12
CA ARG B 249 -41.38 -2.14 33.67
C ARG B 249 -41.77 -2.43 32.22
N LYS B 250 -43.04 -2.76 32.01
CA LYS B 250 -43.56 -3.03 30.67
C LYS B 250 -43.82 -1.75 29.90
N ASP B 251 -44.11 -0.67 30.63
CA ASP B 251 -44.44 0.61 30.01
C ASP B 251 -43.19 1.34 29.51
N MET B 252 -42.05 0.68 29.57
CA MET B 252 -40.79 1.26 29.12
C MET B 252 -40.19 0.47 27.96
N CYS B 253 -40.85 -0.63 27.59
CA CYS B 253 -40.33 -1.49 26.53
C CYS B 253 -41.10 -1.34 25.23
N SER B 254 -40.75 -0.32 24.46
CA SER B 254 -41.29 -0.10 23.13
C SER B 254 -40.18 0.44 22.24
N TRP B 255 -40.40 0.46 20.92
CA TRP B 255 -39.36 0.94 20.02
C TRP B 255 -39.15 2.43 20.20
N SER B 256 -40.21 3.14 20.59
CA SER B 256 -40.13 4.57 20.82
C SER B 256 -39.23 4.88 22.01
N LYS B 257 -39.36 4.07 23.06
CA LYS B 257 -38.53 4.25 24.25
C LYS B 257 -37.10 3.86 23.94
N GLY B 258 -36.92 2.86 23.08
CA GLY B 258 -35.59 2.45 22.64
C GLY B 258 -34.86 3.59 21.97
N MET B 259 -35.57 4.32 21.12
CA MET B 259 -35.01 5.49 20.44
C MET B 259 -34.66 6.59 21.44
N GLN B 260 -35.55 6.82 22.39
CA GLN B 260 -35.34 7.84 23.42
C GLN B 260 -34.09 7.53 24.24
N ILE B 261 -33.96 6.27 24.66
CA ILE B 261 -32.82 5.83 25.44
C ILE B 261 -31.52 5.98 24.66
N ARG B 262 -31.55 5.61 23.39
CA ARG B 262 -30.37 5.70 22.54
C ARG B 262 -29.91 7.15 22.39
N TYR B 263 -30.86 8.06 22.23
CA TYR B 263 -30.54 9.48 22.12
C TYR B 263 -29.93 10.00 23.41
N ASN B 264 -30.53 9.62 24.54
CA ASN B 264 -30.03 10.04 25.84
C ASN B 264 -28.60 9.57 26.08
N VAL B 265 -28.31 8.34 25.69
CA VAL B 265 -26.97 7.77 25.81
C VAL B 265 -25.99 8.52 24.90
N SER B 266 -26.46 8.87 23.71
CA SER B 266 -25.62 9.60 22.75
C SER B 266 -25.20 10.95 23.32
N GLN B 267 -26.08 11.56 24.11
CA GLN B 267 -25.76 12.81 24.79
C GLN B 267 -24.70 12.59 25.87
N LEU B 268 -24.78 11.45 26.55
CA LEU B 268 -23.80 11.10 27.58
C LEU B 268 -22.44 10.81 26.94
N GLU B 269 -22.47 10.18 25.77
CA GLU B 269 -21.25 9.88 25.03
C GLU B 269 -20.54 11.16 24.58
N GLU B 270 -21.33 12.11 24.08
CA GLU B 270 -20.78 13.37 23.60
C GLU B 270 -20.22 14.19 24.76
N TRP B 271 -20.78 14.02 25.95
CA TRP B 271 -20.25 14.65 27.15
C TRP B 271 -18.87 14.09 27.46
N LEU B 272 -18.72 12.77 27.32
CA LEU B 272 -17.44 12.10 27.52
C LEU B 272 -16.39 12.62 26.55
N ARG B 273 -16.79 12.77 25.28
CA ARG B 273 -15.89 13.24 24.25
C ARG B 273 -15.45 14.68 24.51
N ASP B 274 -16.39 15.52 24.91
CA ASP B 274 -16.12 16.92 25.19
C ASP B 274 -15.18 17.09 26.38
N LYS B 275 -15.21 16.14 27.30
CA LYS B 275 -14.38 16.21 28.50
C LYS B 275 -13.10 15.38 28.36
N ASN B 276 -12.87 14.86 27.16
CA ASN B 276 -11.71 14.02 26.87
C ASN B 276 -11.63 12.80 27.79
N LEU B 277 -12.74 12.09 27.94
CA LEU B 277 -12.82 10.95 28.84
C LEU B 277 -13.17 9.67 28.10
N MET B 278 -12.78 9.58 26.83
CA MET B 278 -13.15 8.42 26.02
CA MET B 278 -13.12 8.43 25.99
C MET B 278 -12.32 7.19 26.35
N ASN B 279 -11.32 7.35 27.21
CA ASN B 279 -10.51 6.22 27.64
CA ASN B 279 -10.50 6.22 27.65
C ASN B 279 -10.72 5.89 29.11
N SER B 280 -11.81 6.39 29.67
CA SER B 280 -12.12 6.21 31.08
C SER B 280 -12.80 4.87 31.36
N GLY B 281 -13.38 4.27 30.32
CA GLY B 281 -14.11 3.03 30.46
C GLY B 281 -15.59 3.28 30.73
N ALA B 282 -15.93 4.55 30.89
CA ALA B 282 -17.28 4.96 31.23
C ALA B 282 -18.29 4.59 30.14
N LYS B 283 -17.87 4.76 28.88
CA LYS B 283 -18.74 4.46 27.74
C LYS B 283 -19.10 2.97 27.69
N GLU B 284 -18.11 2.13 27.99
CA GLU B 284 -18.28 0.68 27.90
C GLU B 284 -19.27 0.14 28.92
N THR B 285 -19.43 0.86 30.02
CA THR B 285 -20.37 0.44 31.05
C THR B 285 -21.82 0.62 30.61
N LEU B 286 -22.02 1.44 29.58
CA LEU B 286 -23.36 1.72 29.05
C LEU B 286 -23.76 0.72 27.96
N GLU B 287 -22.83 -0.13 27.56
CA GLU B 287 -23.06 -1.07 26.47
C GLU B 287 -24.25 -2.02 26.69
N PRO B 288 -24.45 -2.53 27.92
CA PRO B 288 -25.68 -3.31 28.10
C PRO B 288 -26.95 -2.51 27.87
N LEU B 289 -26.96 -1.24 28.31
CA LEU B 289 -28.13 -0.39 28.13
C LEU B 289 -28.36 -0.08 26.65
N ILE B 290 -27.27 0.19 25.93
CA ILE B 290 -27.33 0.49 24.51
C ILE B 290 -27.94 -0.67 23.73
N GLN B 291 -27.50 -1.89 24.04
CA GLN B 291 -27.98 -3.07 23.34
C GLN B 291 -29.43 -3.40 23.70
N ALA B 292 -29.86 -2.98 24.89
CA ALA B 292 -31.25 -3.13 25.29
C ALA B 292 -32.13 -2.15 24.52
N ALA B 293 -31.61 -0.94 24.30
CA ALA B 293 -32.29 0.07 23.51
C ALA B 293 -32.39 -0.37 22.05
N GLN B 294 -31.33 -1.02 21.58
CA GLN B 294 -31.31 -1.58 20.23
C GLN B 294 -32.31 -2.72 20.09
N LEU B 295 -32.36 -3.57 21.11
CA LEU B 295 -33.26 -4.71 21.13
C LEU B 295 -34.71 -4.25 21.02
N LEU B 296 -35.02 -3.12 21.65
CA LEU B 296 -36.36 -2.55 21.60
C LEU B 296 -36.75 -2.08 20.19
N GLN B 297 -35.74 -1.75 19.39
CA GLN B 297 -35.97 -1.14 18.09
C GLN B 297 -36.00 -2.12 16.92
N VAL B 298 -35.20 -3.18 17.02
CA VAL B 298 -35.03 -4.11 15.91
C VAL B 298 -36.26 -4.99 15.66
N LYS B 299 -36.30 -5.62 14.50
CA LYS B 299 -37.40 -6.51 14.15
C LYS B 299 -37.37 -7.79 14.99
N LYS B 300 -38.55 -8.30 15.33
CA LYS B 300 -38.65 -9.43 16.24
C LYS B 300 -39.62 -10.50 15.74
N LYS B 301 -39.44 -10.97 14.52
CA LYS B 301 -40.38 -11.93 13.94
C LYS B 301 -39.72 -13.13 13.25
N THR B 302 -38.84 -12.86 12.28
CA THR B 302 -38.25 -13.93 11.48
C THR B 302 -37.07 -14.59 12.19
N ASP B 303 -36.58 -15.69 11.61
CA ASP B 303 -35.41 -16.37 12.15
C ASP B 303 -34.15 -15.55 11.95
N ASP B 304 -34.14 -14.73 10.91
CA ASP B 304 -33.04 -13.80 10.67
C ASP B 304 -33.03 -12.71 11.75
N ASP B 305 -34.22 -12.29 12.16
CA ASP B 305 -34.36 -11.32 13.25
C ASP B 305 -33.82 -11.90 14.55
N ALA B 306 -34.10 -13.17 14.77
CA ALA B 306 -33.64 -13.88 15.97
C ALA B 306 -32.13 -13.98 15.99
N GLU B 307 -31.55 -14.35 14.86
CA GLU B 307 -30.09 -14.49 14.74
C GLU B 307 -29.41 -13.14 14.92
N ALA B 308 -30.02 -12.10 14.35
CA ALA B 308 -29.48 -10.75 14.46
C ALA B 308 -29.46 -10.30 15.92
N ILE B 309 -30.53 -10.59 16.64
CA ILE B 309 -30.66 -10.22 18.05
C ILE B 309 -29.59 -10.89 18.90
N CYS B 310 -29.37 -12.18 18.67
CA CYS B 310 -28.39 -12.95 19.43
C CYS B 310 -26.97 -12.49 19.16
N SER B 311 -26.69 -12.09 17.92
CA SER B 311 -25.36 -11.61 17.55
C SER B 311 -25.14 -10.18 18.06
N MET B 312 -26.23 -9.48 18.32
CA MET B 312 -26.20 -8.07 18.68
C MET B 312 -26.10 -7.83 20.18
N CYS B 313 -26.72 -8.72 20.96
CA CYS B 313 -26.82 -8.53 22.40
C CYS B 313 -25.82 -9.39 23.18
N ASN B 314 -24.54 -9.25 22.85
CA ASN B 314 -23.50 -10.03 23.52
C ASN B 314 -23.12 -9.46 24.88
N ALA B 315 -23.61 -8.26 25.19
CA ALA B 315 -23.35 -7.64 26.47
C ALA B 315 -24.54 -7.81 27.41
N LEU B 316 -25.58 -8.47 26.91
CA LEU B 316 -26.75 -8.81 27.71
C LEU B 316 -26.80 -10.31 27.97
N THR B 317 -27.33 -10.71 29.11
CA THR B 317 -27.48 -12.13 29.41
C THR B 317 -28.72 -12.68 28.71
N THR B 318 -28.82 -14.00 28.64
CA THR B 318 -29.98 -14.64 28.02
C THR B 318 -31.25 -14.25 28.76
N ALA B 319 -31.18 -14.23 30.08
CA ALA B 319 -32.32 -13.87 30.92
C ALA B 319 -32.78 -12.44 30.65
N GLN B 320 -31.82 -11.54 30.50
CA GLN B 320 -32.13 -10.14 30.23
C GLN B 320 -32.81 -9.96 28.87
N ILE B 321 -32.25 -10.62 27.85
CA ILE B 321 -32.79 -10.55 26.50
C ILE B 321 -34.23 -11.08 26.43
N VAL B 322 -34.45 -12.26 27.00
CA VAL B 322 -35.77 -12.87 27.02
C VAL B 322 -36.76 -12.00 27.80
N LYS B 323 -36.28 -11.37 28.85
CA LYS B 323 -37.11 -10.51 29.69
C LYS B 323 -37.65 -9.32 28.89
N VAL B 324 -36.76 -8.61 28.20
CA VAL B 324 -37.12 -7.47 27.38
C VAL B 324 -38.13 -7.86 26.30
N LEU B 325 -37.88 -9.00 25.65
CA LEU B 325 -38.78 -9.53 24.65
C LEU B 325 -40.14 -9.88 25.24
N ASN B 326 -40.13 -10.33 26.49
CA ASN B 326 -41.36 -10.62 27.22
C ASN B 326 -42.11 -9.35 27.60
N LEU B 327 -41.36 -8.36 28.09
CA LEU B 327 -41.96 -7.12 28.57
C LEU B 327 -42.35 -6.18 27.42
N TYR B 328 -41.91 -6.51 26.21
CA TYR B 328 -42.14 -5.64 25.06
C TYR B 328 -43.62 -5.38 24.84
N THR B 329 -44.07 -4.18 25.21
CA THR B 329 -45.47 -3.81 25.07
C THR B 329 -45.63 -2.67 24.06
N PRO B 330 -46.05 -3.03 22.83
CA PRO B 330 -46.25 -2.07 21.74
C PRO B 330 -47.30 -1.02 22.07
N VAL B 331 -47.23 0.14 21.41
CA VAL B 331 -48.17 1.22 21.67
C VAL B 331 -48.91 1.63 20.39
N ASN B 332 -48.68 0.88 19.31
CA ASN B 332 -49.37 1.14 18.05
C ASN B 332 -50.25 -0.05 17.66
N GLU B 333 -51.09 0.16 16.65
CA GLU B 333 -52.12 -0.83 16.30
C GLU B 333 -51.61 -1.94 15.38
N PHE B 334 -50.84 -1.59 14.37
CA PHE B 334 -50.46 -2.55 13.33
C PHE B 334 -49.30 -3.46 13.74
N GLU B 335 -48.82 -3.32 14.97
CA GLU B 335 -47.69 -4.14 15.43
C GLU B 335 -48.09 -5.12 16.52
N GLU B 336 -47.72 -6.38 16.31
CA GLU B 336 -48.04 -7.46 17.24
C GLU B 336 -47.01 -7.59 18.36
N ARG B 337 -47.40 -8.28 19.43
CA ARG B 337 -46.47 -8.58 20.52
C ARG B 337 -45.53 -9.69 20.11
N VAL B 338 -44.43 -9.84 20.84
CA VAL B 338 -43.46 -10.89 20.58
C VAL B 338 -44.08 -12.26 20.89
N SER B 339 -44.13 -13.14 19.90
CA SER B 339 -44.76 -14.43 20.06
C SER B 339 -43.94 -15.36 20.93
N VAL B 340 -44.59 -16.39 21.46
CA VAL B 340 -43.92 -17.40 22.26
C VAL B 340 -42.96 -18.23 21.39
N SER B 341 -43.29 -18.34 20.11
CA SER B 341 -42.47 -19.09 19.16
C SER B 341 -41.14 -18.40 18.92
N PHE B 342 -41.18 -17.07 18.84
CA PHE B 342 -39.97 -16.28 18.62
C PHE B 342 -39.04 -16.35 19.83
N ILE B 343 -39.63 -16.29 21.02
CA ILE B 343 -38.86 -16.34 22.26
C ILE B 343 -38.19 -17.69 22.45
N ARG B 344 -38.90 -18.76 22.07
CA ARG B 344 -38.33 -20.10 22.08
C ARG B 344 -37.14 -20.20 21.15
N THR B 345 -37.26 -19.57 19.98
CA THR B 345 -36.18 -19.54 19.00
C THR B 345 -34.94 -18.86 19.58
N ILE B 346 -35.15 -17.77 20.29
CA ILE B 346 -34.06 -17.03 20.94
C ILE B 346 -33.37 -17.90 21.98
N GLN B 347 -34.16 -18.54 22.85
CA GLN B 347 -33.62 -19.39 23.91
C GLN B 347 -32.86 -20.58 23.34
N MET B 348 -33.31 -21.08 22.19
CA MET B 348 -32.64 -22.20 21.54
C MET B 348 -31.26 -21.80 21.03
N ARG B 349 -31.19 -20.60 20.43
CA ARG B 349 -29.92 -20.10 19.90
C ARG B 349 -28.96 -19.70 21.02
N LEU B 350 -29.50 -19.21 22.12
CA LEU B 350 -28.68 -18.76 23.24
C LEU B 350 -28.40 -19.90 24.23
N ARG B 351 -28.63 -21.13 23.79
CA ARG B 351 -28.40 -22.29 24.64
C ARG B 351 -26.92 -22.61 24.75
N ASP B 352 -26.20 -22.47 23.64
CA ASP B 352 -24.78 -22.81 23.58
C ASP B 352 -23.90 -21.70 24.15
N ARG B 353 -24.48 -20.53 24.40
CA ARG B 353 -23.74 -19.44 25.03
C ARG B 353 -23.51 -19.75 26.50
N LYS B 354 -22.32 -19.44 26.99
CA LYS B 354 -22.00 -19.64 28.40
C LYS B 354 -21.80 -18.28 29.07
N ASP B 355 -22.89 -17.66 29.49
CA ASP B 355 -22.84 -16.33 30.09
C ASP B 355 -23.31 -16.34 31.54
N SER B 356 -23.32 -15.15 32.15
CA SER B 356 -23.78 -14.99 33.52
C SER B 356 -25.28 -15.22 33.64
N PRO B 357 -25.73 -15.72 34.79
CA PRO B 357 -27.17 -15.91 35.04
C PRO B 357 -27.83 -14.62 35.52
N GLN B 358 -27.08 -13.53 35.56
CA GLN B 358 -27.55 -12.24 36.05
C GLN B 358 -28.80 -11.74 35.33
N LEU B 359 -29.77 -11.26 36.10
CA LEU B 359 -30.95 -10.61 35.55
C LEU B 359 -30.86 -9.11 35.79
N LEU B 360 -31.17 -8.69 37.02
CA LEU B 360 -31.00 -7.31 37.42
C LEU B 360 -29.55 -7.06 37.82
N MET B 361 -29.05 -5.87 37.54
CA MET B 361 -27.67 -5.53 37.89
C MET B 361 -27.59 -4.92 39.28
N ASP B 362 -26.44 -5.11 39.92
CA ASP B 362 -26.19 -4.50 41.22
C ASP B 362 -25.82 -3.03 41.03
N ALA B 363 -26.81 -2.16 41.21
CA ALA B 363 -26.62 -0.73 41.00
C ALA B 363 -25.75 -0.11 42.09
N LYS B 364 -25.43 -0.89 43.11
CA LYS B 364 -24.62 -0.42 44.22
C LYS B 364 -23.16 -0.82 44.09
N HIS B 365 -22.87 -1.66 43.09
CA HIS B 365 -21.52 -2.20 42.90
C HIS B 365 -20.49 -1.11 42.69
N ILE B 366 -19.36 -1.23 43.39
CA ILE B 366 -18.26 -0.30 43.24
C ILE B 366 -17.04 -1.01 42.67
N PHE B 367 -16.57 -0.53 41.52
CA PHE B 367 -15.36 -1.08 40.92
C PHE B 367 -14.15 -0.80 41.79
N PRO B 368 -13.32 -1.83 42.05
CA PRO B 368 -12.10 -1.66 42.83
C PRO B 368 -11.18 -0.61 42.19
N VAL B 369 -10.83 0.40 42.96
CA VAL B 369 -10.04 1.53 42.47
C VAL B 369 -8.54 1.23 42.51
N THR B 370 -7.85 1.57 41.43
CA THR B 370 -6.40 1.50 41.39
C THR B 370 -5.80 2.89 41.51
N PHE B 371 -4.86 3.04 42.44
CA PHE B 371 -4.25 4.34 42.68
C PHE B 371 -2.92 4.50 41.95
N PRO B 372 -2.77 5.60 41.21
CA PRO B 372 -1.50 5.89 40.52
C PRO B 372 -0.48 6.51 41.45
N PHE B 373 0.78 6.49 41.03
CA PHE B 373 1.81 7.27 41.70
C PHE B 373 2.25 8.38 40.76
N ASN B 374 1.87 9.61 41.09
CA ASN B 374 2.15 10.76 40.22
C ASN B 374 3.05 11.78 40.89
N PRO B 375 4.38 11.57 40.82
CA PRO B 375 5.32 12.54 41.37
C PRO B 375 5.28 13.84 40.56
N SER B 376 5.57 14.97 41.21
CA SER B 376 5.48 16.25 40.54
C SER B 376 6.83 16.92 40.38
N SER B 377 6.87 17.99 39.59
CA SER B 377 8.09 18.75 39.37
C SER B 377 8.19 19.93 40.33
N LEU B 378 7.23 20.03 41.24
CA LEU B 378 7.20 21.14 42.18
C LEU B 378 8.44 21.17 43.07
N ALA B 379 9.12 22.31 43.08
CA ALA B 379 10.30 22.50 43.90
C ALA B 379 9.92 22.96 45.30
N LEU B 380 10.17 22.11 46.29
CA LEU B 380 9.81 22.37 47.67
C LEU B 380 10.41 23.66 48.21
N GLU B 381 11.60 24.02 47.72
CA GLU B 381 12.30 25.19 48.21
C GLU B 381 11.66 26.49 47.70
N THR B 382 10.74 26.36 46.76
CA THR B 382 10.08 27.53 46.18
C THR B 382 8.68 27.74 46.76
N ILE B 383 8.15 26.70 47.40
CA ILE B 383 6.80 26.75 47.96
C ILE B 383 6.72 27.72 49.13
N GLN B 384 5.87 28.74 48.99
CA GLN B 384 5.65 29.70 50.06
C GLN B 384 4.29 29.48 50.71
N ILE B 385 4.15 29.98 51.94
CA ILE B 385 2.92 29.79 52.70
C ILE B 385 2.21 31.12 52.89
N PRO B 386 1.08 31.31 52.19
CA PRO B 386 0.27 32.53 52.27
C PRO B 386 -0.19 32.83 53.69
N ALA B 387 -0.45 34.11 53.97
CA ALA B 387 -0.84 34.53 55.31
C ALA B 387 -2.29 34.17 55.62
N SER B 388 -3.09 33.99 54.57
CA SER B 388 -4.51 33.70 54.73
C SER B 388 -4.75 32.30 55.30
N LEU B 389 -3.72 31.45 55.24
CA LEU B 389 -3.83 30.10 55.79
C LEU B 389 -3.78 30.10 57.31
N GLY B 390 -3.31 31.20 57.89
CA GLY B 390 -3.20 31.32 59.33
C GLY B 390 -2.14 30.39 59.89
N LEU B 391 -0.99 30.34 59.22
CA LEU B 391 0.09 29.46 59.62
C LEU B 391 1.39 30.24 59.78
N GLY B 392 1.31 31.41 60.41
CA GLY B 392 2.46 32.27 60.59
C GLY B 392 3.47 31.74 61.60
N PHE B 393 3.01 30.85 62.47
CA PHE B 393 3.87 30.27 63.49
C PHE B 393 4.87 29.29 62.90
N ILE B 394 4.63 28.89 61.66
CA ILE B 394 5.54 27.98 60.96
C ILE B 394 6.72 28.73 60.36
N SER B 395 7.93 28.28 60.70
CA SER B 395 9.13 28.88 60.15
C SER B 395 9.56 28.13 58.89
N ARG B 396 9.95 28.88 57.86
CA ARG B 396 10.40 28.29 56.62
C ARG B 396 11.91 28.04 56.66
N VAL B 397 12.29 26.77 56.68
CA VAL B 397 13.69 26.39 56.73
C VAL B 397 14.21 26.02 55.35
N LYS C 13 -35.05 -2.83 -25.09
CA LYS C 13 -35.41 -2.74 -23.68
C LYS C 13 -34.24 -3.13 -22.79
N ASP C 14 -34.03 -4.43 -22.63
CA ASP C 14 -32.93 -4.94 -21.82
C ASP C 14 -31.76 -5.36 -22.69
N PHE C 15 -30.78 -4.47 -22.81
CA PHE C 15 -29.61 -4.72 -23.65
C PHE C 15 -28.63 -5.69 -22.98
N GLN C 16 -27.73 -6.25 -23.78
CA GLN C 16 -26.80 -7.26 -23.30
C GLN C 16 -25.53 -6.65 -22.71
N GLY C 17 -25.24 -5.40 -23.08
CA GLY C 17 -24.01 -4.76 -22.67
C GLY C 17 -22.91 -5.01 -23.68
N MET C 18 -23.30 -5.16 -24.93
CA MET C 18 -22.35 -5.33 -26.02
C MET C 18 -22.54 -4.22 -27.05
N LEU C 19 -21.55 -4.06 -27.93
CA LEU C 19 -21.64 -3.09 -29.01
C LEU C 19 -21.26 -3.74 -30.33
N GLU C 20 -22.11 -3.55 -31.33
CA GLU C 20 -21.87 -4.14 -32.65
C GLU C 20 -21.43 -3.08 -33.66
N TYR C 21 -20.54 -3.49 -34.57
CA TYR C 21 -20.11 -2.63 -35.67
C TYR C 21 -19.72 -3.49 -36.87
N LYS C 22 -19.81 -2.90 -38.06
CA LYS C 22 -19.38 -3.59 -39.27
C LYS C 22 -17.87 -3.47 -39.42
N LYS C 23 -17.23 -4.52 -39.91
CA LYS C 23 -15.77 -4.56 -39.99
C LYS C 23 -15.20 -3.49 -40.91
N GLU C 24 -16.01 -3.05 -41.88
CA GLU C 24 -15.60 -1.97 -42.79
C GLU C 24 -15.45 -0.64 -42.04
N ASP C 25 -16.05 -0.54 -40.87
CA ASP C 25 -16.03 0.69 -40.08
C ASP C 25 -15.01 0.66 -38.94
N GLU C 26 -14.18 -0.37 -38.90
CA GLU C 26 -13.26 -0.53 -37.77
C GLU C 26 -12.24 0.60 -37.66
N GLN C 27 -11.72 1.04 -38.81
CA GLN C 27 -10.76 2.14 -38.81
C GLN C 27 -11.41 3.44 -38.36
N LYS C 28 -12.67 3.64 -38.73
CA LYS C 28 -13.41 4.82 -38.30
C LYS C 28 -13.66 4.75 -36.79
N LEU C 29 -13.82 3.53 -36.28
CA LEU C 29 -14.04 3.32 -34.85
C LEU C 29 -12.84 3.83 -34.05
N VAL C 30 -11.66 3.31 -34.37
CA VAL C 30 -10.45 3.67 -33.63
C VAL C 30 -10.02 5.10 -33.94
N LYS C 31 -10.44 5.63 -35.08
CA LYS C 31 -10.14 7.01 -35.43
C LYS C 31 -10.87 7.95 -34.48
N ASN C 32 -12.17 7.72 -34.30
CA ASN C 32 -13.00 8.58 -33.48
C ASN C 32 -12.83 8.32 -31.98
N LEU C 33 -12.58 7.07 -31.60
CA LEU C 33 -12.52 6.71 -30.19
C LEU C 33 -11.11 6.85 -29.61
N ILE C 34 -10.09 6.80 -30.47
CA ILE C 34 -8.71 6.83 -29.99
C ILE C 34 -7.86 7.91 -30.66
N LEU C 35 -7.72 7.81 -31.98
CA LEU C 35 -6.85 8.69 -32.75
C LEU C 35 -7.14 10.17 -32.56
N GLU C 36 -8.41 10.55 -32.68
CA GLU C 36 -8.79 11.96 -32.65
C GLU C 36 -9.67 12.28 -31.46
N LEU C 37 -9.74 11.37 -30.50
CA LEU C 37 -10.51 11.61 -29.29
C LEU C 37 -9.89 12.70 -28.43
N LYS C 38 -10.69 13.67 -28.03
CA LYS C 38 -10.21 14.76 -27.18
C LYS C 38 -10.51 14.47 -25.71
N PRO C 39 -9.44 14.34 -24.89
CA PRO C 39 -9.57 14.04 -23.46
C PRO C 39 -10.40 15.07 -22.69
N ARG C 40 -10.49 16.29 -23.23
CA ARG C 40 -11.24 17.35 -22.59
C ARG C 40 -12.69 17.37 -23.05
N GLY C 41 -13.04 16.45 -23.95
CA GLY C 41 -14.40 16.36 -24.46
C GLY C 41 -15.41 16.14 -23.38
N VAL C 42 -16.59 16.73 -23.54
CA VAL C 42 -17.65 16.63 -22.54
C VAL C 42 -18.08 15.20 -22.31
N ALA C 43 -18.19 14.43 -23.39
CA ALA C 43 -18.69 13.06 -23.33
C ALA C 43 -17.76 12.13 -22.56
N VAL C 44 -16.46 12.31 -22.72
CA VAL C 44 -15.47 11.44 -22.08
C VAL C 44 -15.12 11.90 -20.67
N ASN C 45 -15.88 12.86 -20.16
CA ASN C 45 -15.71 13.33 -18.79
C ASN C 45 -16.97 13.12 -17.96
N LEU C 46 -17.86 12.26 -18.45
CA LEU C 46 -19.02 11.85 -17.70
C LEU C 46 -18.61 10.77 -16.70
N ILE C 47 -18.08 9.67 -17.22
CA ILE C 47 -17.45 8.64 -16.39
C ILE C 47 -16.04 8.39 -16.89
N PRO C 48 -15.11 8.06 -15.98
CA PRO C 48 -13.74 7.77 -16.40
C PRO C 48 -13.63 6.45 -17.14
N GLY C 49 -12.69 6.36 -18.07
CA GLY C 49 -12.44 5.11 -18.78
C GLY C 49 -13.52 4.71 -19.77
N LEU C 50 -14.32 5.67 -20.22
CA LEU C 50 -15.39 5.39 -21.17
C LEU C 50 -14.91 4.78 -22.50
N PRO C 51 -13.83 5.31 -23.09
CA PRO C 51 -13.30 4.64 -24.30
C PRO C 51 -12.93 3.17 -24.04
N ALA C 52 -12.38 2.89 -22.87
CA ALA C 52 -12.02 1.53 -22.50
C ALA C 52 -13.25 0.63 -22.39
N TYR C 53 -14.28 1.12 -21.71
CA TYR C 53 -15.53 0.38 -21.56
C TYR C 53 -16.19 0.12 -22.90
N ILE C 54 -16.20 1.15 -23.75
CA ILE C 54 -16.77 1.03 -25.09
C ILE C 54 -15.99 0.01 -25.91
N LEU C 55 -14.66 0.08 -25.84
CA LEU C 55 -13.81 -0.83 -26.57
C LEU C 55 -14.03 -2.28 -26.12
N PHE C 56 -14.21 -2.49 -24.81
CA PHE C 56 -14.43 -3.84 -24.33
C PHE C 56 -15.81 -4.38 -24.70
N MET C 57 -16.80 -3.49 -24.73
CA MET C 57 -18.15 -3.88 -25.13
C MET C 57 -18.14 -4.34 -26.58
N CYS C 58 -17.26 -3.74 -27.37
CA CYS C 58 -17.06 -4.15 -28.76
C CYS C 58 -16.40 -5.52 -28.82
N VAL C 59 -15.44 -5.75 -27.92
CA VAL C 59 -14.75 -7.03 -27.84
C VAL C 59 -15.74 -8.14 -27.46
N ARG C 60 -16.65 -7.80 -26.55
CA ARG C 60 -17.67 -8.74 -26.10
C ARG C 60 -18.50 -9.29 -27.25
N HIS C 61 -18.93 -8.41 -28.15
CA HIS C 61 -19.79 -8.83 -29.26
C HIS C 61 -19.01 -9.67 -30.28
N ALA C 62 -17.76 -9.29 -30.51
CA ALA C 62 -16.89 -10.06 -31.39
C ALA C 62 -16.67 -11.45 -30.81
N ASP C 63 -16.52 -11.50 -29.49
CA ASP C 63 -16.40 -12.77 -28.78
C ASP C 63 -17.67 -13.60 -28.91
N TYR C 64 -18.81 -12.95 -28.68
CA TYR C 64 -20.11 -13.60 -28.80
C TYR C 64 -20.33 -14.16 -30.20
N LEU C 65 -19.83 -13.44 -31.19
CA LEU C 65 -19.96 -13.85 -32.59
C LEU C 65 -19.01 -14.99 -32.95
N ASN C 66 -18.10 -15.31 -32.03
CA ASN C 66 -17.04 -16.29 -32.28
C ASN C 66 -16.21 -15.88 -33.49
N ASP C 67 -16.06 -14.58 -33.68
CA ASP C 67 -15.33 -14.01 -34.81
C ASP C 67 -13.89 -13.71 -34.42
N ASP C 68 -13.00 -14.67 -34.66
CA ASP C 68 -11.60 -14.53 -34.28
C ASP C 68 -10.90 -13.42 -35.08
N GLN C 69 -11.29 -13.24 -36.33
CA GLN C 69 -10.70 -12.20 -37.16
C GLN C 69 -11.00 -10.81 -36.60
N LYS C 70 -12.26 -10.62 -36.18
CA LYS C 70 -12.68 -9.33 -35.63
C LYS C 70 -12.04 -9.06 -34.28
N VAL C 71 -11.91 -10.09 -33.46
CA VAL C 71 -11.25 -9.97 -32.17
C VAL C 71 -9.79 -9.57 -32.36
N ARG C 72 -9.09 -10.29 -33.24
CA ARG C 72 -7.70 -9.98 -33.56
C ARG C 72 -7.53 -8.55 -34.06
N SER C 73 -8.34 -8.19 -35.05
CA SER C 73 -8.25 -6.88 -35.69
C SER C 73 -8.52 -5.75 -34.70
N LEU C 74 -9.57 -5.88 -33.90
CA LEU C 74 -9.96 -4.86 -32.94
C LEU C 74 -8.88 -4.62 -31.87
N LEU C 75 -8.38 -5.70 -31.29
CA LEU C 75 -7.36 -5.62 -30.26
C LEU C 75 -6.05 -5.06 -30.82
N THR C 76 -5.71 -5.46 -32.04
CA THR C 76 -4.50 -4.98 -32.69
C THR C 76 -4.61 -3.51 -33.06
N SER C 77 -5.77 -3.14 -33.62
CA SER C 77 -6.01 -1.75 -34.00
C SER C 77 -6.01 -0.84 -32.78
N THR C 78 -6.57 -1.33 -31.68
CA THR C 78 -6.60 -0.58 -30.43
C THR C 78 -5.20 -0.28 -29.92
N ILE C 79 -4.37 -1.31 -29.85
CA ILE C 79 -3.00 -1.17 -29.39
C ILE C 79 -2.18 -0.25 -30.30
N ASN C 80 -2.29 -0.46 -31.60
CA ASN C 80 -1.57 0.37 -32.57
C ASN C 80 -2.02 1.81 -32.55
N SER C 81 -3.31 2.04 -32.34
CA SER C 81 -3.87 3.38 -32.31
C SER C 81 -3.39 4.17 -31.10
N ILE C 82 -3.36 3.50 -29.94
CA ILE C 82 -2.88 4.12 -28.71
C ILE C 82 -1.41 4.51 -28.84
N LYS C 83 -0.61 3.61 -29.43
CA LYS C 83 0.80 3.89 -29.69
C LYS C 83 0.95 5.06 -30.65
N LYS C 84 0.07 5.13 -31.64
CA LYS C 84 0.11 6.19 -32.65
C LYS C 84 -0.17 7.55 -32.00
N VAL C 85 -1.20 7.60 -31.17
CA VAL C 85 -1.57 8.80 -30.44
C VAL C 85 -0.42 9.29 -29.57
N LEU C 86 0.20 8.36 -28.85
CA LEU C 86 1.28 8.69 -27.93
C LEU C 86 2.58 9.05 -28.66
N LYS C 87 2.64 8.77 -29.96
CA LYS C 87 3.81 9.12 -30.74
C LYS C 87 3.65 10.52 -31.32
N LYS C 88 2.43 10.86 -31.72
CA LYS C 88 2.16 12.16 -32.33
C LYS C 88 2.05 13.26 -31.27
N ARG C 89 1.31 13.00 -30.20
CA ARG C 89 1.13 13.96 -29.13
C ARG C 89 1.82 13.49 -27.86
N GLY C 90 3.07 13.07 -27.99
CA GLY C 90 3.79 12.42 -26.92
C GLY C 90 4.33 13.32 -25.82
N ASP C 91 4.43 14.61 -26.08
CA ASP C 91 4.98 15.54 -25.10
C ASP C 91 3.85 16.23 -24.32
N ASP C 92 2.62 15.81 -24.55
CA ASP C 92 1.46 16.37 -23.88
C ASP C 92 1.04 15.50 -22.70
N PHE C 93 1.19 16.04 -21.49
CA PHE C 93 0.92 15.29 -20.27
C PHE C 93 -0.52 14.78 -20.20
N GLU C 94 -1.47 15.64 -20.57
CA GLU C 94 -2.88 15.27 -20.51
C GLU C 94 -3.19 14.08 -21.41
N THR C 95 -2.55 14.04 -22.58
CA THR C 95 -2.77 12.95 -23.53
C THR C 95 -2.22 11.62 -22.99
N VAL C 96 -1.00 11.66 -22.44
CA VAL C 96 -0.37 10.47 -21.90
C VAL C 96 -1.11 9.96 -20.68
N SER C 97 -1.51 10.88 -19.81
CA SER C 97 -2.27 10.54 -18.61
C SER C 97 -3.61 9.90 -18.96
N PHE C 98 -4.28 10.45 -19.96
CA PHE C 98 -5.59 9.96 -20.36
C PHE C 98 -5.52 8.52 -20.84
N TRP C 99 -4.50 8.20 -21.63
CA TRP C 99 -4.41 6.90 -22.25
C TRP C 99 -3.69 5.88 -21.39
N LEU C 100 -2.99 6.35 -20.36
CA LEU C 100 -2.51 5.45 -19.32
C LEU C 100 -3.70 4.95 -18.54
N SER C 101 -4.58 5.89 -18.17
CA SER C 101 -5.77 5.58 -17.40
CA SER C 101 -5.78 5.57 -17.40
C SER C 101 -6.70 4.62 -18.15
N ASN C 102 -6.91 4.90 -19.44
CA ASN C 102 -7.80 4.08 -20.25
C ASN C 102 -7.22 2.74 -20.67
N THR C 103 -5.91 2.68 -20.87
CA THR C 103 -5.24 1.41 -21.15
C THR C 103 -5.39 0.50 -19.95
N CYS C 104 -5.26 1.07 -18.76
CA CYS C 104 -5.37 0.31 -17.53
C CYS C 104 -6.80 -0.19 -17.29
N ARG C 105 -7.79 0.68 -17.54
CA ARG C 105 -9.18 0.30 -17.37
C ARG C 105 -9.59 -0.74 -18.41
N PHE C 106 -9.02 -0.62 -19.61
CA PHE C 106 -9.25 -1.62 -20.65
C PHE C 106 -8.74 -2.99 -20.18
N LEU C 107 -7.56 -2.99 -19.57
CA LEU C 107 -6.98 -4.20 -19.02
C LEU C 107 -7.80 -4.71 -17.84
N HIS C 108 -8.29 -3.78 -17.01
CA HIS C 108 -9.17 -4.12 -15.91
C HIS C 108 -10.40 -4.87 -16.40
N CYS C 109 -10.97 -4.39 -17.50
CA CYS C 109 -12.15 -5.01 -18.09
C CYS C 109 -11.85 -6.42 -18.60
N LEU C 110 -10.75 -6.55 -19.33
CA LEU C 110 -10.37 -7.84 -19.90
C LEU C 110 -10.11 -8.88 -18.82
N LYS C 111 -9.66 -8.42 -17.66
CA LYS C 111 -9.48 -9.30 -16.51
C LYS C 111 -10.80 -9.58 -15.82
N GLN C 112 -11.51 -8.51 -15.44
CA GLN C 112 -12.78 -8.62 -14.71
C GLN C 112 -13.80 -9.48 -15.43
N TYR C 113 -13.77 -9.46 -16.76
CA TYR C 113 -14.71 -10.24 -17.55
C TYR C 113 -13.99 -11.32 -18.37
N SER C 114 -12.85 -11.78 -17.86
CA SER C 114 -12.08 -12.82 -18.53
C SER C 114 -12.77 -14.18 -18.44
N GLY C 115 -13.50 -14.39 -17.35
CA GLY C 115 -14.08 -15.69 -17.08
C GLY C 115 -13.17 -16.51 -16.19
N GLU C 116 -12.06 -15.90 -15.80
CA GLU C 116 -11.12 -16.52 -14.87
C GLU C 116 -11.50 -16.18 -13.44
N GLU C 117 -11.69 -17.21 -12.63
CA GLU C 117 -12.21 -17.07 -11.27
C GLU C 117 -11.42 -16.10 -10.40
N GLY C 118 -10.10 -16.11 -10.55
CA GLY C 118 -9.23 -15.26 -9.76
C GLY C 118 -9.43 -13.78 -9.99
N PHE C 119 -10.05 -13.43 -11.13
CA PHE C 119 -10.28 -12.04 -11.49
C PHE C 119 -11.70 -11.58 -11.20
N MET C 120 -12.58 -12.51 -10.83
CA MET C 120 -14.00 -12.23 -10.73
C MET C 120 -14.54 -12.15 -9.30
N LYS C 121 -13.62 -12.07 -8.33
CA LYS C 121 -14.00 -12.14 -6.92
C LYS C 121 -14.93 -11.01 -6.47
N HIS C 122 -14.86 -9.87 -7.16
CA HIS C 122 -15.64 -8.70 -6.77
C HIS C 122 -16.85 -8.45 -7.68
N ASN C 123 -17.11 -9.41 -8.57
CA ASN C 123 -18.19 -9.26 -9.55
C ASN C 123 -19.57 -9.50 -8.96
N THR C 124 -20.55 -8.75 -9.46
CA THR C 124 -21.95 -9.06 -9.18
C THR C 124 -22.33 -10.26 -10.03
N SER C 125 -23.51 -10.83 -9.75
CA SER C 125 -23.98 -11.99 -10.51
C SER C 125 -24.12 -11.68 -11.99
N ARG C 126 -24.59 -10.46 -12.30
CA ARG C 126 -24.81 -10.06 -13.68
C ARG C 126 -23.50 -9.78 -14.41
N GLN C 127 -22.51 -9.24 -13.69
CA GLN C 127 -21.21 -8.98 -14.28
C GLN C 127 -20.54 -10.27 -14.72
N ASN C 128 -20.71 -11.33 -13.94
CA ASN C 128 -20.20 -12.64 -14.29
C ASN C 128 -20.83 -13.17 -15.57
N GLU C 129 -22.08 -12.80 -15.80
CA GLU C 129 -22.81 -13.21 -17.00
C GLU C 129 -22.26 -12.53 -18.25
N HIS C 130 -21.47 -11.48 -18.04
CA HIS C 130 -20.94 -10.68 -19.15
C HIS C 130 -19.51 -11.08 -19.53
N CYS C 131 -19.02 -12.17 -18.95
CA CYS C 131 -17.66 -12.63 -19.22
CA CYS C 131 -17.66 -12.61 -19.22
C CYS C 131 -17.52 -13.16 -20.64
N LEU C 132 -16.30 -13.13 -21.17
CA LEU C 132 -16.02 -13.70 -22.48
C LEU C 132 -16.18 -15.21 -22.41
N THR C 133 -16.66 -15.82 -23.49
CA THR C 133 -16.95 -17.25 -23.48
C THR C 133 -16.22 -18.01 -24.57
N ASN C 134 -15.79 -17.31 -25.61
CA ASN C 134 -15.20 -17.97 -26.77
C ASN C 134 -13.70 -17.78 -26.91
N PHE C 135 -13.16 -16.70 -26.36
CA PHE C 135 -11.74 -16.41 -26.55
C PHE C 135 -10.99 -16.16 -25.24
N ASP C 136 -9.83 -16.80 -25.12
CA ASP C 136 -8.88 -16.58 -24.04
C ASP C 136 -7.87 -15.52 -24.49
N LEU C 137 -7.95 -14.35 -23.88
CA LEU C 137 -7.15 -13.21 -24.33
C LEU C 137 -5.94 -12.95 -23.43
N ALA C 138 -5.47 -13.99 -22.77
CA ALA C 138 -4.36 -13.87 -21.81
C ALA C 138 -3.11 -13.24 -22.42
N GLU C 139 -2.80 -13.61 -23.65
CA GLU C 139 -1.59 -13.11 -24.31
C GLU C 139 -1.74 -11.64 -24.70
N TYR C 140 -2.95 -11.24 -25.09
CA TYR C 140 -3.22 -9.84 -25.41
C TYR C 140 -3.19 -8.99 -24.14
N ARG C 141 -3.61 -9.59 -23.02
CA ARG C 141 -3.55 -8.91 -21.73
C ARG C 141 -2.10 -8.63 -21.33
N GLN C 142 -1.21 -9.53 -21.71
CA GLN C 142 0.21 -9.35 -21.41
C GLN C 142 0.80 -8.22 -22.25
N VAL C 143 0.38 -8.16 -23.51
CA VAL C 143 0.82 -7.10 -24.41
C VAL C 143 0.40 -5.73 -23.88
N LEU C 144 -0.85 -5.65 -23.42
CA LEU C 144 -1.39 -4.42 -22.88
C LEU C 144 -0.71 -4.03 -21.57
N SER C 145 -0.35 -5.03 -20.77
CA SER C 145 0.37 -4.78 -19.53
C SER C 145 1.73 -4.16 -19.80
N ASP C 146 2.42 -4.68 -20.81
CA ASP C 146 3.71 -4.16 -21.22
C ASP C 146 3.56 -2.75 -21.77
N LEU C 147 2.47 -2.51 -22.49
CA LEU C 147 2.19 -1.19 -23.04
C LEU C 147 1.98 -0.18 -21.93
N ALA C 148 1.22 -0.57 -20.91
CA ALA C 148 0.95 0.29 -19.77
C ALA C 148 2.24 0.73 -19.08
N ILE C 149 3.19 -0.19 -18.99
CA ILE C 149 4.51 0.12 -18.42
C ILE C 149 5.20 1.21 -19.24
N GLN C 150 5.19 1.04 -20.55
CA GLN C 150 5.82 2.01 -21.46
CA GLN C 150 5.81 2.01 -21.46
C GLN C 150 5.13 3.37 -21.39
N ILE C 151 3.80 3.36 -21.28
CA ILE C 151 3.04 4.61 -21.19
C ILE C 151 3.36 5.32 -19.88
N TYR C 152 3.48 4.55 -18.80
CA TYR C 152 3.86 5.12 -17.50
C TYR C 152 5.22 5.79 -17.58
N GLN C 153 6.18 5.10 -18.20
CA GLN C 153 7.53 5.61 -18.35
C GLN C 153 7.55 6.88 -19.19
N GLN C 154 6.65 6.95 -20.18
CA GLN C 154 6.54 8.15 -21.01
C GLN C 154 5.96 9.30 -20.20
N LEU C 155 5.01 8.98 -19.31
CA LEU C 155 4.41 9.98 -18.44
C LEU C 155 5.46 10.62 -17.54
N VAL C 156 6.32 9.79 -16.98
CA VAL C 156 7.38 10.25 -16.08
C VAL C 156 8.37 11.14 -16.84
N ARG C 157 8.72 10.75 -18.06
CA ARG C 157 9.62 11.53 -18.89
C ARG C 157 9.05 12.91 -19.20
N VAL C 158 7.75 12.95 -19.50
CA VAL C 158 7.07 14.21 -19.82
C VAL C 158 7.05 15.15 -18.62
N LEU C 159 6.69 14.63 -17.45
CA LEU C 159 6.61 15.45 -16.25
C LEU C 159 7.99 15.91 -15.80
N GLU C 160 8.99 15.04 -16.00
CA GLU C 160 10.36 15.38 -15.61
C GLU C 160 10.89 16.51 -16.47
N ASN C 161 10.59 16.45 -17.76
CA ASN C 161 11.01 17.50 -18.70
CA ASN C 161 11.01 17.50 -18.70
C ASN C 161 10.40 18.85 -18.34
N ILE C 162 9.24 18.83 -17.70
CA ILE C 162 8.55 20.04 -17.29
C ILE C 162 9.06 20.52 -15.94
N LEU C 163 9.27 19.59 -15.01
CA LEU C 163 9.64 19.92 -13.63
C LEU C 163 11.10 20.34 -13.48
N GLN C 164 12.00 19.60 -14.13
CA GLN C 164 13.44 19.78 -13.97
C GLN C 164 13.95 21.22 -14.12
N PRO C 165 13.46 21.98 -15.12
CA PRO C 165 14.00 23.34 -15.23
C PRO C 165 13.54 24.30 -14.12
N MET C 166 12.56 23.88 -13.32
CA MET C 166 11.96 24.76 -12.33
C MET C 166 12.62 24.67 -10.95
N ILE C 167 13.30 23.55 -10.69
CA ILE C 167 13.64 23.15 -9.34
C ILE C 167 14.77 23.96 -8.69
N VAL C 168 15.91 24.10 -9.37
CA VAL C 168 17.04 24.85 -8.82
C VAL C 168 16.63 26.28 -8.47
N SER C 169 15.95 26.94 -9.40
CA SER C 169 15.45 28.29 -9.18
C SER C 169 14.41 28.32 -8.07
N GLY C 170 13.46 27.40 -8.13
CA GLY C 170 12.34 27.39 -7.20
C GLY C 170 12.67 26.93 -5.79
N MET C 171 13.54 25.93 -5.68
CA MET C 171 13.86 25.35 -4.37
C MET C 171 15.05 26.00 -3.69
N LEU C 172 15.93 26.61 -4.48
CA LEU C 172 17.21 27.10 -3.94
C LEU C 172 17.46 28.59 -4.13
N GLU C 173 17.39 29.05 -5.37
CA GLU C 173 17.85 30.39 -5.71
C GLU C 173 16.84 31.48 -5.33
N HIS C 174 15.55 31.18 -5.41
CA HIS C 174 14.52 32.16 -5.07
C HIS C 174 14.32 32.23 -3.55
N GLU C 175 14.55 33.41 -2.99
CA GLU C 175 14.45 33.61 -1.55
C GLU C 175 13.08 34.18 -1.16
N THR C 176 12.45 33.56 -0.16
CA THR C 176 11.12 33.98 0.26
C THR C 176 11.00 34.25 1.76
N ILE C 177 11.85 33.62 2.55
CA ILE C 177 11.81 33.81 4.00
C ILE C 177 12.95 34.72 4.48
N GLN C 178 13.66 35.31 3.53
CA GLN C 178 14.74 36.24 3.85
C GLN C 178 14.32 37.68 3.53
N THR C 200 11.48 33.90 -13.83
CA THR C 200 12.15 32.93 -12.97
C THR C 200 11.14 32.07 -12.21
N TYR C 201 11.46 30.78 -12.06
CA TYR C 201 10.56 29.86 -11.38
C TYR C 201 10.66 29.99 -9.87
N THR C 202 9.51 30.03 -9.21
CA THR C 202 9.46 30.10 -7.75
C THR C 202 8.92 28.79 -7.19
N LEU C 203 8.80 28.71 -5.86
CA LEU C 203 8.23 27.55 -5.22
C LEU C 203 6.75 27.44 -5.59
N ASP C 204 6.09 28.59 -5.69
CA ASP C 204 4.69 28.65 -6.09
C ASP C 204 4.51 28.11 -7.50
N SER C 205 5.50 28.33 -8.35
CA SER C 205 5.48 27.80 -9.71
C SER C 205 5.45 26.28 -9.69
N ILE C 206 6.27 25.70 -8.82
CA ILE C 206 6.34 24.25 -8.67
C ILE C 206 5.04 23.68 -8.10
N LEU C 207 4.50 24.34 -7.09
CA LEU C 207 3.27 23.89 -6.45
C LEU C 207 2.09 23.92 -7.41
N ARG C 208 2.04 24.96 -8.24
CA ARG C 208 0.98 25.08 -9.24
C ARG C 208 1.13 24.00 -10.31
N GLN C 209 2.36 23.66 -10.64
CA GLN C 209 2.62 22.62 -11.63
C GLN C 209 2.26 21.26 -11.07
N LEU C 210 2.53 21.07 -9.77
CA LEU C 210 2.15 19.84 -9.07
C LEU C 210 0.64 19.71 -9.03
N ASN C 211 -0.04 20.81 -8.73
CA ASN C 211 -1.49 20.85 -8.74
C ASN C 211 -2.06 20.46 -10.10
N SER C 212 -1.46 20.98 -11.16
CA SER C 212 -1.90 20.71 -12.52
C SER C 212 -1.76 19.23 -12.86
N PHE C 213 -0.59 18.67 -12.57
CA PHE C 213 -0.33 17.25 -12.77
C PHE C 213 -1.35 16.38 -12.04
N HIS C 214 -1.55 16.68 -10.76
CA HIS C 214 -2.43 15.90 -9.90
C HIS C 214 -3.91 16.06 -10.31
N SER C 215 -4.29 17.28 -10.68
CA SER C 215 -5.68 17.56 -11.06
C SER C 215 -6.05 16.81 -12.33
N VAL C 216 -5.11 16.69 -13.25
CA VAL C 216 -5.34 16.02 -14.53
C VAL C 216 -5.52 14.52 -14.34
N MET C 217 -4.63 13.91 -13.56
CA MET C 217 -4.69 12.47 -13.31
C MET C 217 -5.98 12.09 -12.59
N CYS C 218 -6.41 12.94 -11.66
CA CYS C 218 -7.66 12.71 -10.92
C CYS C 218 -8.88 12.81 -11.83
N GLN C 219 -8.88 13.81 -12.71
CA GLN C 219 -9.99 14.02 -13.63
C GLN C 219 -10.13 12.85 -14.60
N HIS C 220 -8.99 12.24 -14.94
CA HIS C 220 -8.98 11.09 -15.84
C HIS C 220 -9.35 9.80 -15.12
N GLY C 221 -9.47 9.88 -13.79
CA GLY C 221 -9.81 8.72 -13.00
C GLY C 221 -8.73 7.67 -13.06
N MET C 222 -7.48 8.12 -13.04
CA MET C 222 -6.34 7.21 -12.98
C MET C 222 -6.39 6.41 -11.68
N ASP C 223 -5.96 5.16 -11.73
CA ASP C 223 -5.86 4.34 -10.52
C ASP C 223 -5.10 5.09 -9.43
N PRO C 224 -5.67 5.16 -8.22
CA PRO C 224 -5.06 5.90 -7.11
C PRO C 224 -3.67 5.38 -6.77
N GLU C 225 -3.44 4.09 -6.97
CA GLU C 225 -2.12 3.51 -6.73
C GLU C 225 -1.09 4.09 -7.71
N LEU C 226 -1.54 4.35 -8.93
CA LEU C 226 -0.67 4.94 -9.94
C LEU C 226 -0.40 6.41 -9.67
N ILE C 227 -1.42 7.13 -9.24
CA ILE C 227 -1.29 8.54 -8.89
C ILE C 227 -0.30 8.72 -7.74
N LYS C 228 -0.39 7.83 -6.76
CA LYS C 228 0.52 7.87 -5.61
C LYS C 228 1.96 7.65 -6.02
N GLN C 229 2.17 6.73 -6.97
CA GLN C 229 3.52 6.42 -7.44
C GLN C 229 4.08 7.52 -8.32
N VAL C 230 3.21 8.18 -9.09
CA VAL C 230 3.63 9.31 -9.90
C VAL C 230 4.07 10.46 -9.01
N VAL C 231 3.28 10.74 -7.97
CA VAL C 231 3.58 11.80 -7.03
C VAL C 231 4.90 11.54 -6.29
N LYS C 232 5.11 10.29 -5.90
CA LYS C 232 6.37 9.88 -5.30
C LYS C 232 7.53 10.14 -6.25
N GLN C 233 7.30 9.87 -7.53
CA GLN C 233 8.31 10.09 -8.56
C GLN C 233 8.64 11.57 -8.72
N MET C 234 7.60 12.40 -8.68
CA MET C 234 7.77 13.84 -8.82
C MET C 234 8.55 14.43 -7.65
N PHE C 235 8.21 13.98 -6.44
CA PHE C 235 8.88 14.46 -5.24
C PHE C 235 10.33 14.01 -5.17
N TYR C 236 10.61 12.83 -5.72
CA TYR C 236 11.99 12.36 -5.79
C TYR C 236 12.81 13.26 -6.70
N ILE C 237 12.23 13.62 -7.85
CA ILE C 237 12.88 14.50 -8.80
C ILE C 237 13.23 15.84 -8.16
N ILE C 238 12.28 16.39 -7.42
CA ILE C 238 12.47 17.65 -6.71
C ILE C 238 13.58 17.52 -5.67
N GLY C 239 13.54 16.44 -4.89
CA GLY C 239 14.52 16.21 -3.85
C GLY C 239 15.91 15.94 -4.38
N ALA C 240 16.01 15.07 -5.39
CA ALA C 240 17.30 14.65 -5.93
C ALA C 240 18.05 15.80 -6.59
N ILE C 241 17.32 16.63 -7.32
CA ILE C 241 17.93 17.77 -8.01
C ILE C 241 18.40 18.83 -7.00
N THR C 242 17.57 19.09 -5.99
CA THR C 242 17.89 20.05 -4.96
C THR C 242 19.11 19.62 -4.15
N LEU C 243 19.15 18.34 -3.77
CA LEU C 243 20.24 17.81 -2.97
C LEU C 243 21.54 17.77 -3.76
N ASN C 244 21.45 17.38 -5.03
CA ASN C 244 22.62 17.32 -5.91
C ASN C 244 23.30 18.68 -6.06
N ASN C 245 22.49 19.73 -6.23
CA ASN C 245 23.01 21.08 -6.29
C ASN C 245 23.63 21.52 -4.96
N LEU C 246 23.10 20.98 -3.87
CA LEU C 246 23.63 21.25 -2.54
C LEU C 246 24.99 20.59 -2.38
N LEU C 247 25.17 19.48 -3.08
CA LEU C 247 26.41 18.71 -3.02
C LEU C 247 27.45 19.19 -4.03
N LEU C 248 27.12 20.25 -4.76
CA LEU C 248 28.01 20.77 -5.79
C LEU C 248 28.31 22.25 -5.64
N ARG C 249 27.52 22.95 -4.83
CA ARG C 249 27.62 24.40 -4.75
C ARG C 249 27.87 24.92 -3.35
N LYS C 250 29.01 25.60 -3.18
CA LYS C 250 29.35 26.24 -1.91
C LYS C 250 28.40 27.37 -1.57
N ASP C 251 27.90 28.06 -2.60
CA ASP C 251 27.03 29.22 -2.40
C ASP C 251 25.62 28.79 -1.97
N MET C 252 25.41 27.49 -1.82
CA MET C 252 24.12 26.95 -1.41
C MET C 252 24.21 26.30 -0.03
N CYS C 253 25.44 26.13 0.48
CA CYS C 253 25.64 25.48 1.76
C CYS C 253 25.87 26.46 2.91
N SER C 254 24.78 26.95 3.47
CA SER C 254 24.83 27.85 4.62
C SER C 254 23.58 27.63 5.47
N TRP C 255 23.57 28.16 6.69
CA TRP C 255 22.44 27.94 7.59
C TRP C 255 21.18 28.63 7.08
N SER C 256 21.34 29.77 6.41
CA SER C 256 20.20 30.51 5.87
C SER C 256 19.55 29.74 4.74
N LYS C 257 20.37 29.11 3.90
CA LYS C 257 19.86 28.28 2.83
C LYS C 257 19.17 27.04 3.38
N GLY C 258 19.72 26.50 4.46
CA GLY C 258 19.12 25.35 5.12
C GLY C 258 17.72 25.65 5.62
N MET C 259 17.54 26.87 6.13
CA MET C 259 16.23 27.32 6.59
C MET C 259 15.28 27.50 5.41
N GLN C 260 15.78 28.08 4.32
CA GLN C 260 14.98 28.28 3.12
C GLN C 260 14.52 26.95 2.53
N ILE C 261 15.43 25.99 2.48
CA ILE C 261 15.13 24.66 1.98
C ILE C 261 14.10 23.96 2.84
N ARG C 262 14.26 24.07 4.16
CA ARG C 262 13.33 23.43 5.09
C ARG C 262 11.92 24.01 4.93
N TYR C 263 11.82 25.32 4.77
CA TYR C 263 10.53 25.95 4.55
C TYR C 263 9.90 25.47 3.25
N ASN C 264 10.72 25.42 2.20
CA ASN C 264 10.26 24.97 0.88
C ASN C 264 9.72 23.55 0.93
N VAL C 265 10.42 22.68 1.66
CA VAL C 265 9.99 21.31 1.83
C VAL C 265 8.71 21.23 2.66
N SER C 266 8.62 22.10 3.67
CA SER C 266 7.45 22.16 4.53
C SER C 266 6.20 22.51 3.71
N GLN C 267 6.38 23.35 2.70
CA GLN C 267 5.30 23.70 1.79
C GLN C 267 4.89 22.49 0.94
N LEU C 268 5.87 21.70 0.54
CA LEU C 268 5.62 20.49 -0.24
C LEU C 268 4.92 19.45 0.62
N GLU C 269 5.28 19.39 1.89
CA GLU C 269 4.65 18.47 2.83
C GLU C 269 3.17 18.80 3.03
N GLU C 270 2.88 20.09 3.11
CA GLU C 270 1.51 20.54 3.30
C GLU C 270 0.67 20.31 2.05
N TRP C 271 1.33 20.31 0.88
CA TRP C 271 0.66 19.98 -0.37
C TRP C 271 0.21 18.52 -0.35
N LEU C 272 1.10 17.66 0.12
CA LEU C 272 0.79 16.24 0.26
C LEU C 272 -0.39 16.02 1.20
N ARG C 273 -0.40 16.74 2.31
CA ARG C 273 -1.46 16.63 3.31
C ARG C 273 -2.80 17.08 2.74
N ASP C 274 -2.79 18.22 2.04
CA ASP C 274 -4.00 18.76 1.44
C ASP C 274 -4.59 17.83 0.39
N LYS C 275 -3.72 17.08 -0.28
CA LYS C 275 -4.15 16.17 -1.36
C LYS C 275 -4.36 14.75 -0.86
N ASN C 276 -4.25 14.55 0.46
CA ASN C 276 -4.39 13.24 1.07
C ASN C 276 -3.42 12.21 0.49
N LEU C 277 -2.16 12.59 0.36
CA LEU C 277 -1.15 11.72 -0.24
C LEU C 277 -0.01 11.42 0.73
N MET C 278 -0.32 11.32 2.01
CA MET C 278 0.72 11.15 3.02
CA MET C 278 0.69 11.14 3.04
C MET C 278 1.18 9.70 3.15
N ASN C 279 0.50 8.78 2.46
CA ASN C 279 0.92 7.39 2.42
CA ASN C 279 0.96 7.39 2.43
C ASN C 279 1.39 6.99 1.03
N SER C 280 1.76 7.98 0.23
CA SER C 280 2.20 7.75 -1.14
C SER C 280 3.68 7.42 -1.21
N GLY C 281 4.41 7.75 -0.14
CA GLY C 281 5.84 7.51 -0.09
C GLY C 281 6.63 8.71 -0.58
N ALA C 282 5.91 9.74 -1.00
CA ALA C 282 6.52 10.96 -1.54
C ALA C 282 7.31 11.73 -0.48
N LYS C 283 6.74 11.82 0.72
CA LYS C 283 7.38 12.53 1.82
C LYS C 283 8.73 11.91 2.16
N GLU C 284 8.79 10.58 2.16
CA GLU C 284 10.00 9.86 2.55
C GLU C 284 11.15 10.10 1.57
N THR C 285 10.83 10.41 0.32
CA THR C 285 11.86 10.69 -0.68
C THR C 285 12.59 11.98 -0.37
N LEU C 286 11.96 12.84 0.42
CA LEU C 286 12.53 14.15 0.75
C LEU C 286 13.34 14.13 2.05
N GLU C 287 13.41 12.97 2.70
CA GLU C 287 14.13 12.86 3.97
C GLU C 287 15.64 13.13 3.84
N PRO C 288 16.30 12.64 2.78
CA PRO C 288 17.71 13.03 2.66
C PRO C 288 17.92 14.55 2.51
N LEU C 289 17.04 15.20 1.77
CA LEU C 289 17.13 16.64 1.57
C LEU C 289 16.86 17.39 2.87
N ILE C 290 15.88 16.91 3.63
CA ILE C 290 15.55 17.50 4.92
C ILE C 290 16.74 17.44 5.88
N GLN C 291 17.38 16.28 5.94
CA GLN C 291 18.52 16.08 6.83
C GLN C 291 19.73 16.90 6.38
N ALA C 292 19.84 17.13 5.07
CA ALA C 292 20.89 17.98 4.54
C ALA C 292 20.64 19.43 4.95
N ALA C 293 19.37 19.83 4.93
CA ALA C 293 18.97 21.17 5.33
C ALA C 293 19.19 21.37 6.82
N GLN C 294 18.95 20.31 7.59
CA GLN C 294 19.18 20.32 9.03
C GLN C 294 20.68 20.40 9.32
N LEU C 295 21.46 19.66 8.55
CA LEU C 295 22.90 19.63 8.70
C LEU C 295 23.50 21.01 8.50
N LEU C 296 22.90 21.78 7.60
CA LEU C 296 23.36 23.14 7.32
C LEU C 296 23.11 24.09 8.49
N GLN C 297 22.15 23.73 9.34
CA GLN C 297 21.71 24.62 10.42
C GLN C 297 22.36 24.33 11.76
N VAL C 298 22.63 23.05 12.04
CA VAL C 298 23.09 22.65 13.37
C VAL C 298 24.52 23.10 13.65
N LYS C 299 24.89 23.09 14.93
CA LYS C 299 26.24 23.44 15.35
C LYS C 299 27.25 22.42 14.85
N LYS C 300 28.42 22.89 14.42
CA LYS C 300 29.43 22.01 13.85
C LYS C 300 30.80 22.27 14.45
N LYS C 301 30.93 22.15 15.76
CA LYS C 301 32.19 22.50 16.43
C LYS C 301 32.67 21.46 17.44
N THR C 302 31.79 21.02 18.33
CA THR C 302 32.19 20.14 19.42
C THR C 302 31.98 18.66 19.10
N ASP C 303 32.48 17.80 19.98
CA ASP C 303 32.32 16.36 19.83
C ASP C 303 30.86 15.95 19.95
N ASP C 304 30.12 16.67 20.78
CA ASP C 304 28.68 16.43 20.92
C ASP C 304 27.95 16.84 19.65
N ASP C 305 28.40 17.93 19.04
CA ASP C 305 27.86 18.37 17.76
C ASP C 305 28.08 17.30 16.71
N ALA C 306 29.26 16.70 16.73
CA ALA C 306 29.63 15.66 15.79
C ALA C 306 28.79 14.40 15.97
N GLU C 307 28.53 14.05 17.24
CA GLU C 307 27.73 12.87 17.55
C GLU C 307 26.27 13.09 17.17
N ALA C 308 25.78 14.29 17.43
CA ALA C 308 24.41 14.65 17.09
C ALA C 308 24.18 14.56 15.58
N ILE C 309 25.17 15.01 14.82
CA ILE C 309 25.10 14.98 13.36
C ILE C 309 25.02 13.55 12.83
N CYS C 310 25.86 12.67 13.37
CA CYS C 310 25.94 11.29 12.92
C CYS C 310 24.67 10.49 13.23
N SER C 311 23.99 10.86 14.32
CA SER C 311 22.73 10.22 14.67
C SER C 311 21.59 10.80 13.86
N MET C 312 21.67 12.10 13.58
CA MET C 312 20.63 12.83 12.89
C MET C 312 20.55 12.48 11.40
N CYS C 313 21.71 12.25 10.79
CA CYS C 313 21.77 12.06 9.34
C CYS C 313 21.81 10.58 8.94
N ASN C 314 20.76 9.85 9.28
CA ASN C 314 20.70 8.42 8.97
C ASN C 314 20.23 8.15 7.55
N ALA C 315 19.78 9.19 6.85
CA ALA C 315 19.31 9.04 5.48
C ALA C 315 20.33 9.60 4.49
N LEU C 316 21.45 10.09 5.02
CA LEU C 316 22.56 10.55 4.18
C LEU C 316 23.73 9.60 4.29
N THR C 317 24.40 9.34 3.18
CA THR C 317 25.61 8.53 3.19
C THR C 317 26.76 9.32 3.81
N THR C 318 27.86 8.64 4.12
CA THR C 318 29.03 9.30 4.68
C THR C 318 29.61 10.30 3.69
N ALA C 319 29.63 9.91 2.42
CA ALA C 319 30.15 10.76 1.36
C ALA C 319 29.37 12.07 1.26
N GLN C 320 28.06 11.99 1.43
CA GLN C 320 27.20 13.15 1.31
C GLN C 320 27.32 14.10 2.51
N ILE C 321 27.41 13.52 3.70
CA ILE C 321 27.58 14.30 4.93
C ILE C 321 28.88 15.09 4.91
N VAL C 322 29.98 14.39 4.59
CA VAL C 322 31.30 15.00 4.54
C VAL C 322 31.37 16.05 3.44
N LYS C 323 30.68 15.81 2.34
CA LYS C 323 30.66 16.74 1.21
C LYS C 323 30.03 18.06 1.62
N VAL C 324 28.89 17.99 2.29
CA VAL C 324 28.18 19.18 2.77
C VAL C 324 29.03 19.96 3.76
N LEU C 325 29.70 19.25 4.65
CA LEU C 325 30.56 19.87 5.65
C LEU C 325 31.76 20.57 4.99
N ASN C 326 32.32 19.92 3.96
CA ASN C 326 33.43 20.50 3.22
C ASN C 326 33.01 21.73 2.43
N LEU C 327 31.81 21.69 1.88
CA LEU C 327 31.31 22.76 1.03
C LEU C 327 30.74 23.92 1.84
N TYR C 328 30.51 23.70 3.13
CA TYR C 328 29.85 24.70 3.97
C TYR C 328 30.57 26.03 3.94
N THR C 329 29.86 27.07 3.52
CA THR C 329 30.43 28.40 3.37
C THR C 329 29.52 29.45 3.99
N PRO C 330 29.95 30.05 5.10
CA PRO C 330 29.21 31.11 5.80
C PRO C 330 28.93 32.31 4.89
N VAL C 331 27.77 32.92 5.06
CA VAL C 331 27.38 34.08 4.26
C VAL C 331 27.67 35.37 5.03
N ASN C 332 27.64 35.27 6.35
CA ASN C 332 27.92 36.42 7.21
C ASN C 332 29.34 36.37 7.77
N GLU C 333 29.94 37.55 7.93
CA GLU C 333 31.25 37.64 8.55
C GLU C 333 31.20 37.21 10.00
N PHE C 334 32.36 36.84 10.54
CA PHE C 334 32.53 36.44 11.94
C PHE C 334 31.83 35.12 12.26
N GLU C 335 31.34 34.45 11.22
CA GLU C 335 30.82 33.09 11.36
C GLU C 335 31.93 32.11 10.99
N GLU C 336 32.25 31.23 11.92
CA GLU C 336 33.37 30.30 11.72
C GLU C 336 33.04 29.22 10.71
N ARG C 337 34.00 28.94 9.84
CA ARG C 337 33.85 27.85 8.88
C ARG C 337 34.10 26.53 9.58
N VAL C 338 33.64 25.43 8.97
CA VAL C 338 33.87 24.11 9.55
C VAL C 338 35.33 23.74 9.48
N SER C 339 35.93 23.50 10.65
CA SER C 339 37.35 23.13 10.71
C SER C 339 37.55 21.74 10.12
N VAL C 340 38.70 21.54 9.47
CA VAL C 340 39.05 20.24 8.91
C VAL C 340 39.15 19.21 10.02
N SER C 341 39.51 19.67 11.21
CA SER C 341 39.57 18.81 12.39
C SER C 341 38.22 18.21 12.73
N PHE C 342 37.18 19.03 12.68
CA PHE C 342 35.82 18.58 12.97
C PHE C 342 35.35 17.54 11.94
N ILE C 343 35.66 17.80 10.67
CA ILE C 343 35.31 16.90 9.59
C ILE C 343 36.02 15.56 9.77
N ARG C 344 37.25 15.60 10.26
CA ARG C 344 38.00 14.40 10.55
C ARG C 344 37.35 13.59 11.66
N THR C 345 36.79 14.28 12.65
CA THR C 345 36.09 13.64 13.74
C THR C 345 34.83 12.93 13.22
N ILE C 346 34.14 13.57 12.30
CA ILE C 346 32.95 13.00 11.67
C ILE C 346 33.29 11.71 10.93
N GLN C 347 34.35 11.76 10.13
CA GLN C 347 34.82 10.61 9.36
C GLN C 347 35.16 9.42 10.27
N MET C 348 35.70 9.71 11.44
CA MET C 348 36.09 8.66 12.38
C MET C 348 34.88 7.98 13.01
N ARG C 349 33.87 8.77 13.39
CA ARG C 349 32.66 8.23 14.01
C ARG C 349 31.81 7.48 12.99
N LEU C 350 31.90 7.89 11.73
CA LEU C 350 31.10 7.29 10.67
C LEU C 350 31.76 6.06 10.05
N ARG C 351 32.90 5.65 10.60
CA ARG C 351 33.60 4.47 10.10
C ARG C 351 32.85 3.18 10.42
N ASP C 352 32.06 3.21 11.48
CA ASP C 352 31.29 2.03 11.88
C ASP C 352 30.22 1.69 10.86
N ARG C 353 29.78 2.69 10.11
CA ARG C 353 28.79 2.50 9.06
C ARG C 353 29.30 1.62 7.92
N LYS C 354 28.39 0.83 7.35
CA LYS C 354 28.64 0.17 6.08
C LYS C 354 27.58 0.65 5.10
N ASP C 355 27.66 1.91 4.72
CA ASP C 355 26.64 2.53 3.87
C ASP C 355 27.05 2.60 2.41
N SER C 356 26.15 3.11 1.59
CA SER C 356 26.40 3.29 0.17
C SER C 356 27.49 4.33 -0.06
N PRO C 357 28.33 4.13 -1.08
CA PRO C 357 29.36 5.11 -1.42
C PRO C 357 28.78 6.29 -2.20
N GLN C 358 27.46 6.29 -2.39
CA GLN C 358 26.78 7.30 -3.21
C GLN C 358 27.06 8.73 -2.76
N LEU C 359 27.38 9.58 -3.74
CA LEU C 359 27.48 11.02 -3.51
C LEU C 359 26.28 11.69 -4.17
N LEU C 360 26.41 11.96 -5.47
CA LEU C 360 25.31 12.52 -6.24
C LEU C 360 24.26 11.45 -6.54
N MET C 361 22.99 11.85 -6.52
CA MET C 361 21.91 10.93 -6.84
C MET C 361 21.57 10.97 -8.33
N ASP C 362 21.12 9.84 -8.86
CA ASP C 362 20.62 9.79 -10.23
C ASP C 362 19.25 10.44 -10.27
N ALA C 363 19.21 11.69 -10.73
CA ALA C 363 17.98 12.47 -10.78
C ALA C 363 17.02 11.95 -11.83
N LYS C 364 17.52 11.12 -12.75
CA LYS C 364 16.69 10.57 -13.82
C LYS C 364 16.14 9.20 -13.43
N HIS C 365 16.43 8.77 -12.20
CA HIS C 365 15.99 7.46 -11.73
C HIS C 365 14.47 7.34 -11.69
N ILE C 366 13.97 6.21 -12.17
CA ILE C 366 12.54 5.93 -12.16
C ILE C 366 12.24 4.72 -11.31
N PHE C 367 11.47 4.92 -10.25
CA PHE C 367 11.07 3.82 -9.38
C PHE C 367 10.23 2.82 -10.17
N PRO C 368 10.51 1.52 -10.00
CA PRO C 368 9.70 0.48 -10.64
C PRO C 368 8.25 0.58 -10.19
N VAL C 369 7.34 0.54 -11.14
CA VAL C 369 5.91 0.74 -10.87
C VAL C 369 5.17 -0.58 -10.71
N THR C 370 4.23 -0.62 -9.76
CA THR C 370 3.35 -1.77 -9.61
CA THR C 370 3.35 -1.76 -9.60
C THR C 370 1.93 -1.38 -10.01
N PHE C 371 1.35 -2.15 -10.91
CA PHE C 371 0.00 -1.86 -11.41
C PHE C 371 -1.06 -2.60 -10.63
N PRO C 372 -2.07 -1.88 -10.14
CA PRO C 372 -3.18 -2.52 -9.42
C PRO C 372 -4.19 -3.14 -10.38
N PHE C 373 -5.01 -4.04 -9.85
CA PHE C 373 -6.19 -4.51 -10.56
C PHE C 373 -7.41 -3.99 -9.83
N ASN C 374 -8.12 -3.05 -10.46
CA ASN C 374 -9.25 -2.40 -9.83
C ASN C 374 -10.56 -2.62 -10.59
N PRO C 375 -11.19 -3.78 -10.37
CA PRO C 375 -12.51 -4.04 -10.98
C PRO C 375 -13.54 -3.03 -10.50
N SER C 376 -14.54 -2.74 -11.34
CA SER C 376 -15.52 -1.72 -10.99
C SER C 376 -16.92 -2.30 -10.86
N SER C 377 -17.88 -1.44 -10.50
CA SER C 377 -19.27 -1.84 -10.35
CA SER C 377 -19.26 -1.85 -10.35
C SER C 377 -20.08 -1.42 -11.57
N LEU C 378 -19.39 -0.89 -12.57
CA LEU C 378 -20.03 -0.43 -13.80
C LEU C 378 -20.78 -1.57 -14.48
N ALA C 379 -22.07 -1.36 -14.73
CA ALA C 379 -22.89 -2.34 -15.41
C ALA C 379 -22.90 -2.05 -16.91
N LEU C 380 -22.28 -2.94 -17.69
CA LEU C 380 -22.11 -2.75 -19.12
C LEU C 380 -23.44 -2.58 -19.86
N GLU C 381 -24.51 -3.17 -19.33
CA GLU C 381 -25.81 -3.12 -19.98
C GLU C 381 -26.49 -1.76 -19.82
N THR C 382 -25.87 -0.87 -19.04
CA THR C 382 -26.44 0.46 -18.80
C THR C 382 -25.61 1.55 -19.48
N ILE C 383 -24.45 1.18 -20.01
CA ILE C 383 -23.55 2.15 -20.64
C ILE C 383 -24.04 2.55 -22.03
N GLN C 384 -24.13 3.85 -22.26
CA GLN C 384 -24.57 4.39 -23.56
C GLN C 384 -23.44 5.16 -24.24
N ILE C 385 -23.58 5.33 -25.56
CA ILE C 385 -22.60 6.09 -26.33
C ILE C 385 -23.15 7.47 -26.67
N PRO C 386 -22.51 8.52 -26.13
CA PRO C 386 -22.90 9.90 -26.45
C PRO C 386 -22.70 10.20 -27.94
N ALA C 387 -23.64 10.93 -28.53
CA ALA C 387 -23.62 11.21 -29.96
C ALA C 387 -22.40 12.05 -30.37
N SER C 388 -21.90 12.85 -29.44
CA SER C 388 -20.77 13.74 -29.71
C SER C 388 -19.50 12.97 -30.00
N LEU C 389 -19.49 11.68 -29.65
CA LEU C 389 -18.34 10.81 -29.89
C LEU C 389 -18.22 10.46 -31.37
N GLY C 390 -19.30 10.67 -32.11
CA GLY C 390 -19.31 10.39 -33.54
C GLY C 390 -19.23 8.91 -33.84
N LEU C 391 -19.91 8.10 -33.02
CA LEU C 391 -19.89 6.66 -33.17
C LEU C 391 -21.28 6.11 -33.49
N GLY C 392 -22.05 6.87 -34.26
CA GLY C 392 -23.41 6.50 -34.58
C GLY C 392 -23.53 5.20 -35.37
N PHE C 393 -22.45 4.81 -36.02
CA PHE C 393 -22.42 3.59 -36.82
C PHE C 393 -22.31 2.34 -35.94
N ILE C 394 -22.05 2.56 -34.66
CA ILE C 394 -22.00 1.47 -33.69
C ILE C 394 -23.38 1.26 -33.08
N SER C 395 -23.79 -0.01 -32.98
CA SER C 395 -25.11 -0.33 -32.44
C SER C 395 -25.03 -0.92 -31.05
N ARG C 396 -25.86 -0.41 -30.15
CA ARG C 396 -25.97 -0.96 -28.80
C ARG C 396 -26.71 -2.29 -28.86
N VAL C 397 -26.13 -3.31 -28.24
CA VAL C 397 -26.66 -4.67 -28.34
C VAL C 397 -26.80 -5.33 -26.97
N ASP D 7 -6.04 28.50 -7.31
CA ASP D 7 -4.94 28.38 -6.36
C ASP D 7 -5.36 28.84 -4.97
N ASP D 8 -4.49 28.62 -3.99
CA ASP D 8 -4.74 29.05 -2.62
C ASP D 8 -4.45 30.53 -2.44
N GLU D 9 -5.48 31.31 -2.16
CA GLU D 9 -5.34 32.76 -2.05
C GLU D 9 -5.64 33.26 -0.64
N TYR D 10 -4.94 34.31 -0.24
CA TYR D 10 -5.11 34.91 1.08
C TYR D 10 -5.06 36.43 1.00
N ASP D 11 -5.65 37.10 1.97
CA ASP D 11 -5.63 38.55 2.03
C ASP D 11 -4.41 39.06 2.78
N TYR D 12 -4.05 38.37 3.86
CA TYR D 12 -2.91 38.75 4.68
C TYR D 12 -2.01 37.56 5.00
N LEU D 13 -0.72 37.84 5.19
CA LEU D 13 0.25 36.82 5.59
C LEU D 13 0.96 37.26 6.85
N PHE D 14 0.66 36.60 7.97
CA PHE D 14 1.23 36.98 9.25
C PHE D 14 2.27 35.99 9.76
N LYS D 15 3.50 36.45 9.90
CA LYS D 15 4.55 35.61 10.47
C LYS D 15 4.45 35.60 12.00
N VAL D 16 4.29 34.40 12.55
CA VAL D 16 4.22 34.23 14.00
C VAL D 16 5.30 33.28 14.47
N VAL D 17 6.02 33.65 15.53
CA VAL D 17 7.08 32.81 16.06
C VAL D 17 6.70 32.21 17.41
N LEU D 18 7.24 31.03 17.68
CA LEU D 18 7.04 30.37 18.97
C LEU D 18 8.31 30.46 19.81
N ILE D 19 8.18 30.93 21.04
CA ILE D 19 9.34 31.07 21.92
C ILE D 19 9.03 30.52 23.31
N GLY D 20 10.08 30.09 24.01
CA GLY D 20 9.93 29.52 25.33
C GLY D 20 10.87 28.36 25.58
N ASP D 21 10.98 27.95 26.84
CA ASP D 21 11.89 26.88 27.24
C ASP D 21 11.70 25.59 26.45
N SER D 22 12.77 24.84 26.28
CA SER D 22 12.70 23.54 25.65
C SER D 22 11.78 22.62 26.43
N GLY D 23 10.81 22.02 25.75
CA GLY D 23 9.94 21.04 26.38
C GLY D 23 8.61 21.58 26.88
N VAL D 24 8.33 22.85 26.62
CA VAL D 24 7.06 23.44 27.07
C VAL D 24 5.91 23.09 26.13
N GLY D 25 6.24 22.67 24.91
CA GLY D 25 5.23 22.19 23.97
C GLY D 25 5.00 23.09 22.76
N LYS D 26 6.01 23.87 22.39
CA LYS D 26 5.88 24.77 21.25
C LYS D 26 5.59 24.01 19.95
N SER D 27 6.32 22.92 19.73
CA SER D 27 6.18 22.16 18.50
C SER D 27 4.84 21.44 18.41
N ASN D 28 4.28 21.05 19.55
CA ASN D 28 3.00 20.38 19.57
C ASN D 28 1.83 21.35 19.52
N LEU D 29 2.06 22.58 19.95
CA LEU D 29 1.09 23.65 19.75
C LEU D 29 1.00 23.94 18.25
N LEU D 30 2.15 23.92 17.58
N LEU D 30 2.15 23.92 17.58
CA LEU D 30 2.20 24.15 16.15
CA LEU D 30 2.21 24.14 16.15
C LEU D 30 1.52 23.02 15.37
C LEU D 30 1.53 23.02 15.38
N SER D 31 1.83 21.78 15.76
CA SER D 31 1.27 20.62 15.08
C SER D 31 -0.23 20.48 15.33
N ARG D 32 -0.67 20.85 16.54
CA ARG D 32 -2.09 20.78 16.86
C ARG D 32 -2.89 21.80 16.05
N PHE D 33 -2.35 22.99 15.92
CA PHE D 33 -3.05 24.06 15.23
C PHE D 33 -3.08 23.86 13.71
N THR D 34 -1.95 23.50 13.13
CA THR D 34 -1.81 23.48 11.67
C THR D 34 -2.23 22.17 11.02
N ARG D 35 -2.20 21.06 11.77
CA ARG D 35 -2.56 19.77 11.19
C ARG D 35 -3.29 18.84 12.16
N ASN D 36 -3.76 19.40 13.27
CA ASN D 36 -4.53 18.65 14.27
C ASN D 36 -3.81 17.38 14.73
N GLU D 37 -2.52 17.48 14.95
CA GLU D 37 -1.74 16.32 15.37
C GLU D 37 -0.94 16.61 16.64
N PHE D 38 -0.71 15.56 17.43
CA PHE D 38 0.02 15.68 18.69
C PHE D 38 0.92 14.48 18.88
N ASN D 39 2.11 14.72 19.43
CA ASN D 39 3.07 13.64 19.64
C ASN D 39 3.57 13.61 21.08
N LEU D 40 3.27 12.51 21.77
CA LEU D 40 3.72 12.33 23.15
C LEU D 40 5.24 12.23 23.26
N GLU D 41 5.87 11.76 22.19
CA GLU D 41 7.30 11.47 22.20
C GLU D 41 8.12 12.39 21.29
N SER D 42 7.61 13.59 21.05
CA SER D 42 8.31 14.55 20.20
C SER D 42 9.65 14.93 20.81
N LYS D 43 10.67 15.09 19.97
CA LYS D 43 12.01 15.44 20.43
C LYS D 43 12.29 16.91 20.26
N SER D 44 13.43 17.36 20.79
CA SER D 44 13.84 18.76 20.66
CA SER D 44 13.83 18.76 20.66
C SER D 44 13.96 19.16 19.19
N THR D 45 13.43 20.33 18.85
CA THR D 45 13.42 20.79 17.46
C THR D 45 14.81 21.06 16.91
N ILE D 46 15.06 20.54 15.71
CA ILE D 46 16.32 20.77 15.00
C ILE D 46 16.20 21.96 14.05
N GLY D 47 17.07 22.95 14.25
CA GLY D 47 17.06 24.15 13.44
C GLY D 47 15.75 24.90 13.56
N VAL D 48 15.26 25.43 12.45
CA VAL D 48 13.98 26.13 12.42
C VAL D 48 12.98 25.33 11.59
N GLU D 49 11.75 25.23 12.08
CA GLU D 49 10.70 24.52 11.35
C GLU D 49 9.52 25.44 11.06
N PHE D 50 8.69 25.05 10.10
CA PHE D 50 7.64 25.91 9.58
C PHE D 50 6.33 25.15 9.36
N ALA D 51 5.22 25.85 9.55
CA ALA D 51 3.91 25.33 9.21
C ALA D 51 2.94 26.48 9.00
N THR D 52 2.00 26.30 8.07
CA THR D 52 1.04 27.35 7.76
C THR D 52 -0.40 26.87 7.91
N ARG D 53 -1.28 27.81 8.22
CA ARG D 53 -2.72 27.56 8.21
C ARG D 53 -3.46 28.87 7.98
N SER D 54 -4.49 28.81 7.14
CA SER D 54 -5.30 29.98 6.86
C SER D 54 -6.58 29.97 7.69
N ILE D 55 -6.96 31.14 8.19
CA ILE D 55 -8.20 31.28 8.94
C ILE D 55 -8.99 32.50 8.44
N GLN D 56 -10.25 32.58 8.87
CA GLN D 56 -11.11 33.70 8.48
C GLN D 56 -11.26 34.71 9.59
N VAL D 57 -10.84 35.94 9.32
CA VAL D 57 -10.99 37.04 10.27
C VAL D 57 -11.61 38.26 9.60
N ASP D 58 -12.79 38.65 10.09
CA ASP D 58 -13.50 39.82 9.57
C ASP D 58 -13.74 39.71 8.06
N GLY D 59 -14.10 38.52 7.61
CA GLY D 59 -14.38 38.29 6.21
C GLY D 59 -13.14 38.21 5.34
N LYS D 60 -11.98 38.24 5.97
CA LYS D 60 -10.70 38.17 5.27
C LYS D 60 -10.01 36.83 5.49
N THR D 61 -9.32 36.34 4.47
CA THR D 61 -8.51 35.14 4.60
C THR D 61 -7.12 35.48 5.11
N ILE D 62 -6.81 35.05 6.32
CA ILE D 62 -5.51 35.33 6.93
C ILE D 62 -4.65 34.07 6.99
N LYS D 63 -3.49 34.12 6.36
CA LYS D 63 -2.58 32.99 6.33
C LYS D 63 -1.51 33.13 7.41
N ALA D 64 -1.59 32.26 8.42
CA ALA D 64 -0.61 32.26 9.50
C ALA D 64 0.62 31.46 9.09
N GLN D 65 1.77 32.14 9.03
CA GLN D 65 3.03 31.47 8.77
C GLN D 65 3.80 31.34 10.08
N ILE D 66 3.76 30.15 10.67
CA ILE D 66 4.26 29.97 12.02
C ILE D 66 5.66 29.35 12.06
N TRP D 67 6.58 30.06 12.72
CA TRP D 67 7.96 29.59 12.84
C TRP D 67 8.17 28.89 14.18
N ASP D 68 9.05 27.88 14.18
CA ASP D 68 9.28 27.08 15.36
C ASP D 68 10.75 26.70 15.49
N THR D 69 11.28 26.77 16.71
CA THR D 69 12.65 26.39 16.97
C THR D 69 12.82 26.00 18.43
N ALA D 70 13.95 25.37 18.75
CA ALA D 70 14.21 24.93 20.11
C ALA D 70 14.58 26.09 21.02
N GLY D 71 14.18 26.00 22.28
CA GLY D 71 14.52 27.00 23.27
C GLY D 71 15.96 26.86 23.72
N GLN D 72 16.89 27.04 22.77
CA GLN D 72 18.30 26.86 23.04
C GLN D 72 19.10 28.08 22.62
N GLU D 73 20.40 28.05 22.86
CA GLU D 73 21.28 29.12 22.43
C GLU D 73 21.75 28.86 21.00
N ARG D 74 21.94 29.93 20.24
CA ARG D 74 22.32 29.80 18.83
C ARG D 74 23.03 31.05 18.36
N TYR D 75 23.50 31.04 17.11
CA TYR D 75 24.10 32.22 16.50
C TYR D 75 23.12 33.40 16.58
N ARG D 76 23.62 34.57 16.91
CA ARG D 76 22.77 35.75 17.04
C ARG D 76 22.10 36.09 15.70
N ALA D 77 22.82 35.83 14.62
CA ALA D 77 22.31 36.10 13.28
C ALA D 77 21.08 35.23 12.97
N ILE D 78 21.11 33.99 13.44
CA ILE D 78 19.99 33.07 13.26
C ILE D 78 18.78 33.53 14.07
N THR D 79 19.03 33.94 15.31
CA THR D 79 17.99 34.47 16.17
C THR D 79 17.36 35.72 15.53
N SER D 80 18.21 36.53 14.90
CA SER D 80 17.76 37.74 14.22
C SER D 80 16.81 37.39 13.08
N ALA D 81 17.19 36.42 12.27
CA ALA D 81 16.38 35.98 11.14
C ALA D 81 15.07 35.37 11.62
N TYR D 82 15.13 34.70 12.77
CA TYR D 82 13.96 34.06 13.36
C TYR D 82 12.88 35.08 13.70
N TYR D 83 13.29 36.19 14.32
CA TYR D 83 12.35 37.21 14.76
C TYR D 83 12.00 38.20 13.65
N ARG D 84 12.85 38.27 12.63
CA ARG D 84 12.70 39.28 11.59
C ARG D 84 11.36 39.19 10.85
N GLY D 85 10.65 40.30 10.82
CA GLY D 85 9.39 40.38 10.08
C GLY D 85 8.20 39.79 10.80
N ALA D 86 8.44 39.20 11.97
CA ALA D 86 7.38 38.59 12.75
C ALA D 86 6.45 39.66 13.30
N VAL D 87 5.15 39.47 13.14
CA VAL D 87 4.15 40.41 13.64
C VAL D 87 3.42 39.86 14.85
N GLY D 88 3.78 38.63 15.23
CA GLY D 88 3.16 37.99 16.37
C GLY D 88 4.07 36.96 17.00
N ALA D 89 3.88 36.73 18.29
CA ALA D 89 4.69 35.75 19.01
C ALA D 89 3.90 35.10 20.14
N LEU D 90 4.03 33.78 20.26
CA LEU D 90 3.48 33.06 21.40
C LEU D 90 4.59 32.78 22.41
N LEU D 91 4.46 33.34 23.60
CA LEU D 91 5.44 33.13 24.66
C LEU D 91 4.96 31.99 25.56
N VAL D 92 5.55 30.82 25.40
CA VAL D 92 5.02 29.60 26.02
C VAL D 92 5.82 29.12 27.21
N TYR D 93 5.10 28.71 28.26
CA TYR D 93 5.70 28.03 29.40
C TYR D 93 4.88 26.80 29.76
N ASP D 94 5.41 25.99 30.67
CA ASP D 94 4.75 24.79 31.16
C ASP D 94 4.14 25.06 32.53
N ILE D 95 2.82 24.95 32.64
CA ILE D 95 2.14 25.25 33.89
C ILE D 95 2.51 24.26 35.00
N ALA D 96 3.10 23.13 34.62
CA ALA D 96 3.49 22.11 35.58
C ALA D 96 4.97 22.23 35.93
N LYS D 97 5.63 23.25 35.38
CA LYS D 97 7.04 23.51 35.67
C LYS D 97 7.29 25.00 35.84
N HIS D 98 7.39 25.44 37.08
CA HIS D 98 7.54 26.85 37.42
C HIS D 98 8.82 27.46 36.83
N LEU D 99 9.82 26.62 36.61
CA LEU D 99 11.09 27.07 36.06
C LEU D 99 10.91 27.65 34.65
N THR D 100 10.03 27.03 33.87
CA THR D 100 9.73 27.50 32.52
C THR D 100 9.02 28.83 32.54
N TYR D 101 8.26 29.08 33.61
CA TYR D 101 7.56 30.35 33.78
C TYR D 101 8.52 31.44 34.25
N GLU D 102 9.49 31.06 35.08
CA GLU D 102 10.51 31.99 35.54
C GLU D 102 11.36 32.49 34.39
N ASN D 103 11.59 31.61 33.41
CA ASN D 103 12.42 31.93 32.27
C ASN D 103 11.70 32.76 31.20
N VAL D 104 10.42 33.03 31.43
CA VAL D 104 9.63 33.87 30.52
C VAL D 104 10.25 35.25 30.39
N GLU D 105 10.77 35.76 31.51
CA GLU D 105 11.50 37.03 31.53
C GLU D 105 12.64 37.02 30.52
N ARG D 106 13.38 35.91 30.48
CA ARG D 106 14.53 35.76 29.61
C ARG D 106 14.13 35.78 28.13
N TRP D 107 13.04 35.10 27.81
CA TRP D 107 12.56 35.03 26.44
C TRP D 107 11.94 36.35 26.00
N LEU D 108 11.32 37.05 26.94
CA LEU D 108 10.75 38.36 26.67
C LEU D 108 11.87 39.35 26.38
N LYS D 109 13.03 39.14 27.00
CA LYS D 109 14.18 39.99 26.78
C LYS D 109 14.78 39.76 25.39
N GLU D 110 14.90 38.49 25.01
CA GLU D 110 15.36 38.13 23.66
C GLU D 110 14.42 38.72 22.61
N LEU D 111 13.13 38.71 22.93
CA LEU D 111 12.09 39.24 22.07
C LEU D 111 12.29 40.72 21.80
N ARG D 112 12.52 41.49 22.86
CA ARG D 112 12.70 42.93 22.75
C ARG D 112 13.96 43.30 21.98
N ASP D 113 14.97 42.45 22.04
CA ASP D 113 16.26 42.75 21.43
C ASP D 113 16.26 42.52 19.92
N HIS D 114 15.33 41.71 19.43
CA HIS D 114 15.35 41.29 18.03
C HIS D 114 14.09 41.63 17.24
N ALA D 115 12.94 41.66 17.91
CA ALA D 115 11.68 41.82 17.21
C ALA D 115 11.26 43.29 17.05
N ASP D 116 10.26 43.50 16.19
CA ASP D 116 9.65 44.81 16.03
C ASP D 116 8.99 45.24 17.32
N SER D 117 8.95 46.54 17.57
CA SER D 117 8.42 47.06 18.83
C SER D 117 6.91 46.86 18.95
N ASN D 118 6.23 46.75 17.81
CA ASN D 118 4.77 46.62 17.81
C ASN D 118 4.30 45.19 17.65
N ILE D 119 5.18 44.23 17.91
CA ILE D 119 4.82 42.82 17.77
C ILE D 119 3.78 42.43 18.82
N VAL D 120 2.77 41.68 18.39
CA VAL D 120 1.73 41.23 19.30
C VAL D 120 2.19 39.97 20.04
N ILE D 121 2.18 40.03 21.37
CA ILE D 121 2.65 38.92 22.18
C ILE D 121 1.54 38.32 23.02
N MET D 122 1.42 37.00 22.99
CA MET D 122 0.50 36.29 23.87
C MET D 122 1.27 35.33 24.78
N LEU D 123 1.07 35.49 26.09
CA LEU D 123 1.64 34.57 27.05
C LEU D 123 0.80 33.30 27.10
N VAL D 124 1.43 32.16 26.85
CA VAL D 124 0.69 30.90 26.78
C VAL D 124 1.17 29.89 27.83
N GLY D 125 0.27 29.53 28.72
CA GLY D 125 0.54 28.47 29.69
C GLY D 125 0.05 27.14 29.15
N ASN D 126 0.97 26.35 28.62
CA ASN D 126 0.62 25.09 27.99
C ASN D 126 0.53 23.95 29.01
N LYS D 127 0.01 22.81 28.54
CA LYS D 127 -0.13 21.58 29.33
C LYS D 127 -1.14 21.76 30.47
N SER D 128 -2.25 22.43 30.16
CA SER D 128 -3.29 22.68 31.14
C SER D 128 -4.01 21.39 31.53
N ASP D 129 -3.79 20.34 30.76
CA ASP D 129 -4.35 19.03 31.06
C ASP D 129 -3.73 18.44 32.32
N LEU D 130 -2.52 18.89 32.64
CA LEU D 130 -1.81 18.44 33.83
C LEU D 130 -2.26 19.21 35.07
N ARG D 131 -3.57 19.21 35.33
CA ARG D 131 -4.15 19.97 36.44
C ARG D 131 -3.61 19.53 37.80
N HIS D 132 -3.33 18.24 37.95
CA HIS D 132 -2.89 17.69 39.22
C HIS D 132 -1.42 18.01 39.51
N LEU D 133 -0.75 18.62 38.54
CA LEU D 133 0.68 18.92 38.67
C LEU D 133 0.97 20.40 38.52
N ARG D 134 -0.06 21.23 38.55
CA ARG D 134 0.08 22.66 38.32
C ARG D 134 1.03 23.32 39.31
N ALA D 135 2.03 24.03 38.79
CA ALA D 135 3.00 24.72 39.62
C ALA D 135 2.91 26.24 39.42
N VAL D 136 2.30 26.64 38.31
CA VAL D 136 2.13 28.06 38.01
C VAL D 136 0.67 28.47 38.08
N PRO D 137 0.30 29.26 39.09
CA PRO D 137 -1.08 29.72 39.28
C PRO D 137 -1.55 30.60 38.13
N THR D 138 -2.78 30.38 37.68
CA THR D 138 -3.34 31.12 36.56
C THR D 138 -3.40 32.63 36.82
N ASP D 139 -3.74 32.99 38.06
CA ASP D 139 -3.86 34.40 38.42
C ASP D 139 -2.53 35.15 38.37
N GLU D 140 -1.47 34.48 38.79
N GLU D 140 -1.47 34.48 38.79
CA GLU D 140 -0.14 35.08 38.81
CA GLU D 140 -0.14 35.09 38.80
C GLU D 140 0.36 35.35 37.38
C GLU D 140 0.38 35.34 37.39
N ALA D 141 0.09 34.41 36.49
CA ALA D 141 0.52 34.53 35.10
C ALA D 141 -0.27 35.59 34.36
N ARG D 142 -1.56 35.67 34.62
CA ARG D 142 -2.41 36.67 33.99
C ARG D 142 -2.02 38.08 34.43
N ALA D 143 -1.65 38.21 35.69
CA ALA D 143 -1.21 39.49 36.24
C ALA D 143 0.07 39.96 35.57
N PHE D 144 1.00 39.03 35.37
CA PHE D 144 2.26 39.33 34.71
C PHE D 144 2.02 39.77 33.27
N ALA D 145 1.09 39.10 32.60
CA ALA D 145 0.73 39.42 31.22
C ALA D 145 0.18 40.83 31.12
N GLU D 146 -0.70 41.19 32.04
CA GLU D 146 -1.33 42.51 32.06
C GLU D 146 -0.31 43.60 32.36
N LYS D 147 0.61 43.32 33.29
CA LYS D 147 1.63 44.28 33.67
C LYS D 147 2.59 44.57 32.51
N ASN D 148 2.81 43.57 31.67
CA ASN D 148 3.72 43.70 30.54
C ASN D 148 3.00 43.86 29.20
N GLY D 149 1.70 44.10 29.27
CA GLY D 149 0.90 44.34 28.07
C GLY D 149 0.87 43.16 27.13
N LEU D 150 0.72 41.96 27.69
CA LEU D 150 0.65 40.75 26.89
C LEU D 150 -0.75 40.14 26.93
N SER D 151 -1.10 39.40 25.89
CA SER D 151 -2.30 38.59 25.94
C SER D 151 -2.00 37.37 26.78
N PHE D 152 -3.03 36.73 27.32
CA PHE D 152 -2.83 35.53 28.14
C PHE D 152 -3.89 34.47 27.90
N ILE D 153 -3.45 33.21 27.92
CA ILE D 153 -4.33 32.07 27.77
C ILE D 153 -3.63 30.80 28.24
N GLU D 154 -4.40 29.83 28.70
CA GLU D 154 -3.86 28.51 29.02
C GLU D 154 -4.33 27.50 28.00
N THR D 155 -3.41 26.68 27.51
CA THR D 155 -3.73 25.73 26.46
C THR D 155 -3.33 24.30 26.82
N SER D 156 -3.83 23.37 26.03
CA SER D 156 -3.38 21.98 26.08
C SER D 156 -3.28 21.44 24.67
N ALA D 157 -2.06 21.35 24.15
CA ALA D 157 -1.82 20.76 22.84
C ALA D 157 -2.26 19.30 22.83
N LEU D 158 -2.19 18.66 23.99
CA LEU D 158 -2.56 17.26 24.14
C LEU D 158 -4.03 17.00 23.88
N ASP D 159 -4.91 17.74 24.56
CA ASP D 159 -6.35 17.52 24.42
C ASP D 159 -7.05 18.65 23.64
N SER D 160 -6.23 19.49 22.98
CA SER D 160 -6.68 20.53 22.04
C SER D 160 -7.27 21.80 22.68
N THR D 161 -7.43 21.82 24.01
CA THR D 161 -8.09 22.93 24.69
C THR D 161 -7.43 24.29 24.43
N ASN D 162 -8.22 25.22 23.88
CA ASN D 162 -7.83 26.61 23.65
C ASN D 162 -6.68 26.83 22.67
N VAL D 163 -6.30 25.81 21.92
CA VAL D 163 -5.22 25.95 20.94
C VAL D 163 -5.68 26.81 19.76
N GLU D 164 -6.85 26.49 19.21
CA GLU D 164 -7.43 27.27 18.13
C GLU D 164 -7.70 28.71 18.60
N ALA D 165 -8.24 28.83 19.80
CA ALA D 165 -8.57 30.12 20.40
C ALA D 165 -7.33 31.00 20.56
N ALA D 166 -6.23 30.38 20.96
CA ALA D 166 -4.98 31.09 21.16
C ALA D 166 -4.47 31.74 19.87
N PHE D 167 -4.39 30.95 18.81
CA PHE D 167 -3.93 31.46 17.52
C PHE D 167 -4.96 32.40 16.90
N GLN D 168 -6.25 32.06 17.05
CA GLN D 168 -7.31 32.90 16.51
C GLN D 168 -7.27 34.30 17.13
N THR D 169 -7.07 34.35 18.44
CA THR D 169 -7.06 35.62 19.16
C THR D 169 -5.88 36.51 18.77
N ILE D 170 -4.69 35.93 18.66
CA ILE D 170 -3.50 36.71 18.35
C ILE D 170 -3.50 37.15 16.88
N LEU D 171 -4.03 36.31 16.01
CA LEU D 171 -4.10 36.65 14.59
C LEU D 171 -5.15 37.73 14.35
N THR D 172 -6.18 37.73 15.18
CA THR D 172 -7.23 38.74 15.10
C THR D 172 -6.71 40.10 15.52
N GLU D 173 -5.95 40.14 16.61
CA GLU D 173 -5.40 41.40 17.11
C GLU D 173 -4.39 41.99 16.13
N ILE D 174 -3.58 41.12 15.52
CA ILE D 174 -2.64 41.55 14.49
C ILE D 174 -3.38 42.18 13.32
N TYR D 175 -4.51 41.58 12.95
CA TYR D 175 -5.33 42.08 11.86
C TYR D 175 -5.89 43.47 12.16
N ARG D 176 -6.37 43.67 13.39
CA ARG D 176 -6.95 44.94 13.79
C ARG D 176 -5.94 46.08 13.72
N ILE D 177 -4.67 45.73 13.86
CA ILE D 177 -3.59 46.71 13.84
C ILE D 177 -3.10 46.98 12.41
N VAL D 178 -2.91 45.91 11.64
CA VAL D 178 -2.31 46.01 10.32
C VAL D 178 -3.29 46.49 9.24
N SER D 179 -4.52 45.98 9.29
CA SER D 179 -5.52 46.30 8.26
C SER D 179 -5.87 47.78 8.25
N PHE E 15 48.70 -14.06 -0.88
CA PHE E 15 47.94 -12.86 -1.22
C PHE E 15 46.55 -12.88 -0.58
N GLN E 16 45.90 -11.72 -0.55
CA GLN E 16 44.59 -11.60 0.10
C GLN E 16 43.44 -11.65 -0.92
N GLY E 17 43.79 -11.66 -2.20
CA GLY E 17 42.78 -11.73 -3.25
C GLY E 17 42.28 -10.37 -3.70
N MET E 18 43.13 -9.36 -3.57
CA MET E 18 42.78 -8.01 -3.98
C MET E 18 43.73 -7.49 -5.05
N LEU E 19 43.32 -6.42 -5.74
CA LEU E 19 44.15 -5.81 -6.77
C LEU E 19 44.22 -4.30 -6.58
N GLU E 20 45.43 -3.75 -6.71
CA GLU E 20 45.64 -2.32 -6.53
C GLU E 20 46.02 -1.65 -7.84
N TYR E 21 45.53 -0.43 -8.03
CA TYR E 21 45.90 0.37 -9.20
C TYR E 21 45.89 1.86 -8.85
N LYS E 22 46.71 2.62 -9.57
CA LYS E 22 46.75 4.07 -9.38
C LYS E 22 45.53 4.71 -10.02
N LYS E 23 45.00 5.74 -9.38
CA LYS E 23 43.78 6.41 -9.84
C LYS E 23 43.95 7.00 -11.24
N GLU E 24 45.19 7.32 -11.61
CA GLU E 24 45.48 7.89 -12.91
C GLU E 24 45.45 6.83 -14.01
N ASP E 25 45.46 5.56 -13.62
CA ASP E 25 45.46 4.46 -14.58
C ASP E 25 44.10 3.80 -14.73
N GLU E 26 43.08 4.37 -14.08
CA GLU E 26 41.74 3.78 -14.10
C GLU E 26 41.16 3.77 -15.51
N GLN E 27 41.47 4.80 -16.29
CA GLN E 27 41.01 4.88 -17.67
C GLN E 27 41.66 3.79 -18.50
N LYS E 28 42.95 3.58 -18.29
CA LYS E 28 43.69 2.52 -18.99
C LYS E 28 43.28 1.15 -18.47
N LEU E 29 42.82 1.11 -17.22
CA LEU E 29 42.35 -0.13 -16.62
C LEU E 29 41.15 -0.69 -17.38
N VAL E 30 40.09 0.10 -17.48
CA VAL E 30 38.88 -0.32 -18.16
C VAL E 30 39.07 -0.40 -19.68
N LYS E 31 40.11 0.25 -20.18
CA LYS E 31 40.37 0.26 -21.61
C LYS E 31 40.86 -1.11 -22.09
N ASN E 32 41.82 -1.68 -21.36
CA ASN E 32 42.39 -2.97 -21.72
C ASN E 32 41.59 -4.16 -21.17
N LEU E 33 40.84 -3.92 -20.11
CA LEU E 33 40.09 -4.99 -19.45
C LEU E 33 38.67 -5.12 -20.01
N ILE E 34 38.16 -4.04 -20.60
CA ILE E 34 36.80 -4.04 -21.12
C ILE E 34 36.72 -3.53 -22.55
N LEU E 35 37.13 -2.28 -22.75
CA LEU E 35 36.97 -1.60 -24.04
C LEU E 35 37.64 -2.33 -25.21
N GLU E 36 38.84 -2.86 -24.98
CA GLU E 36 39.59 -3.48 -26.06
C GLU E 36 40.00 -4.92 -25.75
N LEU E 37 39.44 -5.48 -24.69
CA LEU E 37 39.72 -6.87 -24.33
C LEU E 37 39.07 -7.81 -25.34
N LYS E 38 39.83 -8.79 -25.82
CA LYS E 38 39.35 -9.72 -26.82
C LYS E 38 38.75 -10.98 -26.19
N PRO E 39 37.50 -11.29 -26.56
CA PRO E 39 36.78 -12.46 -26.04
C PRO E 39 37.45 -13.79 -26.40
N ARG E 40 38.28 -13.78 -27.44
CA ARG E 40 38.99 -14.99 -27.86
C ARG E 40 40.37 -15.10 -27.24
N GLY E 41 40.62 -14.29 -26.20
CA GLY E 41 41.89 -14.30 -25.51
C GLY E 41 42.18 -15.63 -24.84
N VAL E 42 43.46 -15.98 -24.76
CA VAL E 42 43.89 -17.25 -24.18
C VAL E 42 43.53 -17.35 -22.70
N ALA E 43 43.98 -16.37 -21.92
CA ALA E 43 43.75 -16.35 -20.48
C ALA E 43 42.26 -16.26 -20.16
N VAL E 44 41.53 -15.49 -20.95
CA VAL E 44 40.10 -15.31 -20.76
C VAL E 44 39.34 -16.62 -20.98
N ASN E 45 39.83 -17.43 -21.91
CA ASN E 45 39.21 -18.70 -22.24
C ASN E 45 39.59 -19.81 -21.26
N LEU E 46 40.78 -19.71 -20.69
CA LEU E 46 41.22 -20.68 -19.69
C LEU E 46 40.46 -20.47 -18.40
N ILE E 47 40.25 -19.20 -18.04
CA ILE E 47 39.47 -18.86 -16.85
C ILE E 47 38.29 -17.97 -17.25
N PRO E 48 37.13 -18.60 -17.50
CA PRO E 48 35.91 -17.85 -17.84
C PRO E 48 35.50 -16.89 -16.73
N GLY E 49 35.14 -15.66 -17.11
CA GLY E 49 34.71 -14.66 -16.15
C GLY E 49 35.88 -13.92 -15.53
N LEU E 50 37.08 -14.13 -16.07
CA LEU E 50 38.29 -13.49 -15.55
C LEU E 50 38.22 -11.95 -15.45
N PRO E 51 37.70 -11.27 -16.49
CA PRO E 51 37.58 -9.81 -16.33
C PRO E 51 36.69 -9.42 -15.16
N ALA E 52 35.63 -10.20 -14.93
CA ALA E 52 34.70 -9.93 -13.84
C ALA E 52 35.38 -10.13 -12.48
N TYR E 53 36.18 -11.19 -12.37
CA TYR E 53 36.91 -11.47 -11.15
C TYR E 53 37.95 -10.39 -10.86
N ILE E 54 38.69 -10.00 -11.89
CA ILE E 54 39.70 -8.96 -11.77
C ILE E 54 39.06 -7.63 -11.35
N LEU E 55 37.92 -7.31 -11.96
CA LEU E 55 37.18 -6.09 -11.63
C LEU E 55 36.74 -6.07 -10.18
N PHE E 56 36.22 -7.20 -9.70
CA PHE E 56 35.76 -7.27 -8.31
C PHE E 56 36.93 -7.22 -7.33
N MET E 57 38.07 -7.78 -7.72
CA MET E 57 39.25 -7.77 -6.87
C MET E 57 39.76 -6.34 -6.71
N CYS E 58 39.52 -5.51 -7.71
CA CYS E 58 39.83 -4.09 -7.63
C CYS E 58 38.86 -3.38 -6.70
N VAL E 59 37.58 -3.76 -6.79
CA VAL E 59 36.55 -3.23 -5.90
C VAL E 59 36.87 -3.55 -4.44
N ARG E 60 37.36 -4.77 -4.20
CA ARG E 60 37.74 -5.21 -2.87
C ARG E 60 38.75 -4.28 -2.21
N HIS E 61 39.78 -3.91 -2.96
CA HIS E 61 40.84 -3.06 -2.43
C HIS E 61 40.35 -1.64 -2.19
N ALA E 62 39.48 -1.17 -3.08
CA ALA E 62 38.86 0.14 -2.93
C ALA E 62 38.00 0.15 -1.67
N ASP E 63 37.30 -0.95 -1.43
CA ASP E 63 36.50 -1.12 -0.23
C ASP E 63 37.38 -1.19 1.01
N TYR E 64 38.48 -1.92 0.90
CA TYR E 64 39.41 -2.07 2.02
C TYR E 64 40.04 -0.73 2.39
N LEU E 65 40.24 0.12 1.40
CA LEU E 65 40.82 1.44 1.61
C LEU E 65 39.79 2.43 2.13
N ASN E 66 38.54 1.99 2.20
CA ASN E 66 37.41 2.84 2.59
C ASN E 66 37.34 4.09 1.70
N ASP E 67 37.73 3.92 0.44
CA ASP E 67 37.77 5.02 -0.52
C ASP E 67 36.49 5.05 -1.35
N ASP E 68 35.49 5.82 -0.89
CA ASP E 68 34.20 5.87 -1.55
C ASP E 68 34.29 6.52 -2.93
N GLN E 69 35.20 7.47 -3.08
CA GLN E 69 35.40 8.13 -4.37
C GLN E 69 35.89 7.14 -5.42
N LYS E 70 36.85 6.30 -5.04
CA LYS E 70 37.41 5.31 -5.94
C LYS E 70 36.39 4.23 -6.27
N VAL E 71 35.58 3.86 -5.28
CA VAL E 71 34.53 2.86 -5.48
C VAL E 71 33.51 3.35 -6.49
N ARG E 72 33.06 4.60 -6.32
CA ARG E 72 32.13 5.22 -7.24
C ARG E 72 32.70 5.25 -8.66
N SER E 73 33.93 5.73 -8.77
CA SER E 73 34.59 5.91 -10.07
C SER E 73 34.78 4.59 -10.81
N LEU E 74 35.25 3.57 -10.09
CA LEU E 74 35.50 2.27 -10.69
C LEU E 74 34.21 1.61 -11.19
N LEU E 75 33.18 1.63 -10.36
CA LEU E 75 31.90 1.03 -10.71
C LEU E 75 31.22 1.77 -11.85
N THR E 76 31.35 3.09 -11.85
CA THR E 76 30.77 3.91 -12.92
C THR E 76 31.53 3.69 -14.22
N SER E 77 32.85 3.64 -14.14
CA SER E 77 33.69 3.41 -15.31
C SER E 77 33.46 2.03 -15.89
N THR E 78 33.24 1.05 -15.01
CA THR E 78 32.96 -0.32 -15.44
C THR E 78 31.67 -0.40 -16.25
N ILE E 79 30.59 0.14 -15.68
CA ILE E 79 29.29 0.11 -16.32
C ILE E 79 29.27 0.88 -17.64
N ASN E 80 29.86 2.07 -17.64
CA ASN E 80 29.91 2.89 -18.84
C ASN E 80 30.75 2.26 -19.95
N SER E 81 31.80 1.54 -19.56
CA SER E 81 32.67 0.88 -20.53
C SER E 81 31.97 -0.30 -21.20
N ILE E 82 31.24 -1.07 -20.40
CA ILE E 82 30.48 -2.21 -20.90
C ILE E 82 29.40 -1.74 -21.88
N LYS E 83 28.70 -0.67 -21.50
CA LYS E 83 27.69 -0.07 -22.37
C LYS E 83 28.32 0.42 -23.67
N LYS E 84 29.55 0.93 -23.57
CA LYS E 84 30.24 1.47 -24.73
C LYS E 84 30.66 0.37 -25.71
N VAL E 85 31.16 -0.73 -25.16
CA VAL E 85 31.52 -1.89 -25.97
C VAL E 85 30.33 -2.40 -26.76
N LEU E 86 29.18 -2.47 -26.09
CA LEU E 86 27.95 -2.97 -26.70
C LEU E 86 27.31 -1.96 -27.64
N LYS E 87 27.76 -0.71 -27.57
CA LYS E 87 27.27 0.31 -28.48
C LYS E 87 28.05 0.25 -29.79
N LYS E 88 29.35 0.00 -29.67
CA LYS E 88 30.23 -0.07 -30.82
C LYS E 88 30.15 -1.41 -31.54
N ARG E 89 30.29 -2.49 -30.78
CA ARG E 89 30.37 -3.84 -31.34
C ARG E 89 29.19 -4.71 -30.91
N GLY E 90 28.02 -4.10 -30.78
CA GLY E 90 26.85 -4.80 -30.24
C GLY E 90 26.10 -5.67 -31.24
N ASP E 91 26.57 -5.70 -32.48
CA ASP E 91 25.97 -6.56 -33.49
C ASP E 91 26.76 -7.85 -33.64
N ASP E 92 27.79 -7.99 -32.82
CA ASP E 92 28.64 -9.18 -32.83
C ASP E 92 28.27 -10.11 -31.68
N PHE E 93 27.89 -11.34 -32.01
CA PHE E 93 27.38 -12.29 -31.03
C PHE E 93 28.36 -12.59 -29.90
N GLU E 94 29.61 -12.91 -30.27
CA GLU E 94 30.62 -13.26 -29.28
C GLU E 94 30.85 -12.13 -28.30
N THR E 95 30.82 -10.89 -28.79
CA THR E 95 31.02 -9.72 -27.95
C THR E 95 29.89 -9.58 -26.93
N VAL E 96 28.66 -9.72 -27.40
CA VAL E 96 27.48 -9.60 -26.53
C VAL E 96 27.43 -10.76 -25.54
N SER E 97 27.68 -11.97 -26.04
CA SER E 97 27.71 -13.16 -25.20
C SER E 97 28.74 -13.03 -24.08
N PHE E 98 29.92 -12.54 -24.45
CA PHE E 98 31.03 -12.43 -23.51
C PHE E 98 30.71 -11.48 -22.36
N TRP E 99 30.09 -10.35 -22.68
CA TRP E 99 29.88 -9.32 -21.69
C TRP E 99 28.55 -9.50 -20.97
N LEU E 100 27.68 -10.34 -21.51
CA LEU E 100 26.52 -10.80 -20.76
C LEU E 100 27.02 -11.71 -19.65
N SER E 101 27.91 -12.63 -20.01
CA SER E 101 28.47 -13.59 -19.08
C SER E 101 29.26 -12.91 -17.97
N ASN E 102 30.10 -11.93 -18.34
CA ASN E 102 30.95 -11.26 -17.37
C ASN E 102 30.22 -10.21 -16.52
N THR E 103 29.17 -9.61 -17.07
CA THR E 103 28.34 -8.71 -16.29
C THR E 103 27.63 -9.51 -15.22
N CYS E 104 27.15 -10.70 -15.59
CA CYS E 104 26.49 -11.60 -14.65
C CYS E 104 27.46 -12.06 -13.55
N ARG E 105 28.66 -12.47 -13.95
CA ARG E 105 29.66 -12.93 -12.99
C ARG E 105 30.08 -11.80 -12.06
N PHE E 106 30.16 -10.59 -12.60
CA PHE E 106 30.48 -9.43 -11.78
C PHE E 106 29.38 -9.19 -10.75
N LEU E 107 28.14 -9.36 -11.17
CA LEU E 107 26.99 -9.26 -10.28
C LEU E 107 27.01 -10.36 -9.23
N HIS E 108 27.32 -11.58 -9.67
CA HIS E 108 27.42 -12.73 -8.78
C HIS E 108 28.46 -12.50 -7.69
N CYS E 109 29.60 -11.94 -8.09
CA CYS E 109 30.69 -11.66 -7.16
C CYS E 109 30.27 -10.64 -6.11
N LEU E 110 29.61 -9.57 -6.55
CA LEU E 110 29.16 -8.50 -5.65
C LEU E 110 28.15 -9.03 -4.64
N LYS E 111 27.36 -10.01 -5.05
CA LYS E 111 26.41 -10.65 -4.15
C LYS E 111 27.14 -11.61 -3.21
N GLN E 112 27.90 -12.53 -3.80
CA GLN E 112 28.58 -13.58 -3.05
C GLN E 112 29.51 -13.03 -1.96
N TYR E 113 30.11 -11.88 -2.22
CA TYR E 113 31.01 -11.28 -1.25
C TYR E 113 30.48 -9.95 -0.72
N SER E 114 29.15 -9.83 -0.67
CA SER E 114 28.52 -8.61 -0.18
C SER E 114 28.67 -8.48 1.32
N GLY E 115 28.77 -9.62 2.01
CA GLY E 115 28.80 -9.64 3.46
C GLY E 115 27.41 -9.90 4.00
N GLU E 116 26.46 -10.03 3.08
CA GLU E 116 25.09 -10.37 3.44
C GLU E 116 24.95 -11.89 3.58
N GLU E 117 24.39 -12.33 4.69
CA GLU E 117 24.29 -13.74 5.02
C GLU E 117 23.57 -14.57 3.95
N GLY E 118 22.52 -13.99 3.37
CA GLY E 118 21.70 -14.69 2.39
C GLY E 118 22.44 -15.09 1.12
N PHE E 119 23.58 -14.45 0.88
CA PHE E 119 24.38 -14.73 -0.30
C PHE E 119 25.61 -15.58 0.03
N MET E 120 25.80 -15.89 1.31
CA MET E 120 27.02 -16.56 1.76
C MET E 120 26.81 -18.05 2.06
N LYS E 121 25.63 -18.57 1.72
CA LYS E 121 25.27 -19.93 2.10
C LYS E 121 26.16 -21.00 1.47
N HIS E 122 26.82 -20.67 0.36
CA HIS E 122 27.65 -21.63 -0.35
C HIS E 122 29.12 -21.26 -0.33
N ASN E 123 29.47 -20.27 0.49
CA ASN E 123 30.86 -19.83 0.60
C ASN E 123 31.69 -20.73 1.51
N THR E 124 32.95 -20.92 1.14
CA THR E 124 33.92 -21.54 2.03
C THR E 124 34.30 -20.51 3.08
N SER E 125 34.96 -20.95 4.14
CA SER E 125 35.37 -20.04 5.20
C SER E 125 36.34 -18.99 4.67
N ARG E 126 37.20 -19.40 3.74
CA ARG E 126 38.16 -18.50 3.11
C ARG E 126 37.44 -17.45 2.26
N GLN E 127 36.40 -17.87 1.54
CA GLN E 127 35.63 -16.96 0.70
C GLN E 127 34.91 -15.91 1.53
N ASN E 128 34.38 -16.33 2.68
CA ASN E 128 33.70 -15.40 3.59
C ASN E 128 34.63 -14.31 4.11
N GLU E 129 35.92 -14.61 4.13
CA GLU E 129 36.92 -13.64 4.57
C GLU E 129 37.19 -12.59 3.50
N HIS E 130 36.65 -12.81 2.30
CA HIS E 130 36.88 -11.93 1.17
C HIS E 130 35.72 -10.98 0.91
N CYS E 131 34.78 -10.92 1.85
CA CYS E 131 33.61 -10.07 1.69
C CYS E 131 33.94 -8.60 1.95
N LEU E 132 33.17 -7.71 1.33
CA LEU E 132 33.32 -6.27 1.54
C LEU E 132 32.91 -5.93 2.97
N THR E 133 33.53 -4.89 3.54
CA THR E 133 33.27 -4.54 4.93
C THR E 133 32.85 -3.08 5.11
N ASN E 134 33.18 -2.23 4.13
CA ASN E 134 32.94 -0.80 4.27
C ASN E 134 31.75 -0.25 3.48
N PHE E 135 31.42 -0.91 2.37
CA PHE E 135 30.40 -0.36 1.48
C PHE E 135 29.27 -1.33 1.14
N ASP E 136 28.05 -0.80 1.20
CA ASP E 136 26.85 -1.52 0.76
C ASP E 136 26.56 -1.13 -0.70
N LEU E 137 26.74 -2.07 -1.60
CA LEU E 137 26.63 -1.78 -3.03
C LEU E 137 25.33 -2.31 -3.64
N ALA E 138 24.31 -2.46 -2.79
CA ALA E 138 23.03 -3.02 -3.21
C ALA E 138 22.41 -2.26 -4.37
N GLU E 139 22.50 -0.93 -4.32
CA GLU E 139 21.94 -0.09 -5.37
C GLU E 139 22.65 -0.29 -6.70
N TYR E 140 23.97 -0.48 -6.64
CA TYR E 140 24.76 -0.73 -7.83
C TYR E 140 24.45 -2.11 -8.42
N ARG E 141 24.16 -3.07 -7.55
CA ARG E 141 23.83 -4.42 -8.00
C ARG E 141 22.54 -4.44 -8.82
N GLN E 142 21.62 -3.54 -8.47
CA GLN E 142 20.36 -3.42 -9.20
C GLN E 142 20.60 -2.81 -10.57
N VAL E 143 21.52 -1.84 -10.63
CA VAL E 143 21.88 -1.19 -11.89
C VAL E 143 22.50 -2.20 -12.85
N LEU E 144 23.40 -3.02 -12.32
CA LEU E 144 24.05 -4.06 -13.11
C LEU E 144 23.05 -5.12 -13.57
N SER E 145 22.09 -5.44 -12.71
CA SER E 145 21.05 -6.41 -13.04
C SER E 145 20.19 -5.91 -14.20
N ASP E 146 19.85 -4.62 -14.16
CA ASP E 146 19.07 -4.00 -15.23
C ASP E 146 19.89 -3.93 -16.51
N LEU E 147 21.19 -3.74 -16.37
CA LEU E 147 22.09 -3.74 -17.51
C LEU E 147 22.13 -5.12 -18.16
N ALA E 148 22.20 -6.16 -17.32
CA ALA E 148 22.25 -7.54 -17.79
C ALA E 148 21.00 -7.87 -18.60
N ILE E 149 19.85 -7.35 -18.17
CA ILE E 149 18.61 -7.51 -18.90
C ILE E 149 18.72 -6.92 -20.30
N GLN E 150 19.26 -5.71 -20.39
CA GLN E 150 19.42 -5.02 -21.66
C GLN E 150 20.39 -5.75 -22.59
N ILE E 151 21.46 -6.28 -22.01
CA ILE E 151 22.44 -7.05 -22.79
C ILE E 151 21.80 -8.32 -23.34
N TYR E 152 21.00 -8.99 -22.53
CA TYR E 152 20.32 -10.21 -22.93
C TYR E 152 19.38 -9.94 -24.10
N GLN E 153 18.64 -8.84 -24.03
CA GLN E 153 17.71 -8.47 -25.09
C GLN E 153 18.47 -8.18 -26.38
N GLN E 154 19.68 -7.62 -26.25
CA GLN E 154 20.50 -7.35 -27.41
CA GLN E 154 20.53 -7.36 -27.39
C GLN E 154 21.05 -8.66 -27.98
N LEU E 155 21.34 -9.62 -27.11
CA LEU E 155 21.81 -10.93 -27.53
C LEU E 155 20.76 -11.64 -28.37
N VAL E 156 19.51 -11.58 -27.90
CA VAL E 156 18.39 -12.19 -28.59
C VAL E 156 18.18 -11.56 -29.96
N ARG E 157 18.33 -10.24 -30.03
CA ARG E 157 18.18 -9.53 -31.30
C ARG E 157 19.27 -9.93 -32.29
N VAL E 158 20.49 -10.12 -31.79
CA VAL E 158 21.61 -10.51 -32.64
C VAL E 158 21.43 -11.91 -33.23
N LEU E 159 21.07 -12.87 -32.38
CA LEU E 159 20.89 -14.25 -32.84
C LEU E 159 19.66 -14.39 -33.73
N GLU E 160 18.66 -13.54 -33.49
CA GLU E 160 17.45 -13.52 -34.31
C GLU E 160 17.80 -13.04 -35.71
N ASN E 161 18.62 -12.00 -35.78
CA ASN E 161 19.05 -11.44 -37.06
CA ASN E 161 19.04 -11.44 -37.07
C ASN E 161 19.86 -12.45 -37.87
N ILE E 162 20.60 -13.31 -37.18
CA ILE E 162 21.41 -14.33 -37.82
C ILE E 162 20.55 -15.50 -38.29
N LEU E 163 19.63 -15.93 -37.43
CA LEU E 163 18.82 -17.11 -37.69
C LEU E 163 17.69 -16.89 -38.70
N GLN E 164 17.01 -15.75 -38.60
CA GLN E 164 15.83 -15.46 -39.41
C GLN E 164 15.98 -15.72 -40.93
N PRO E 165 17.10 -15.32 -41.55
CA PRO E 165 17.18 -15.59 -42.98
C PRO E 165 17.36 -17.07 -43.32
N MET E 166 17.68 -17.89 -42.32
CA MET E 166 17.99 -19.30 -42.55
C MET E 166 16.79 -20.22 -42.39
N ILE E 167 15.79 -19.76 -41.64
CA ILE E 167 14.73 -20.63 -41.14
C ILE E 167 13.75 -21.13 -42.21
N VAL E 168 13.19 -20.22 -43.00
CA VAL E 168 12.24 -20.61 -44.04
C VAL E 168 12.89 -21.55 -45.05
N SER E 169 14.11 -21.21 -45.46
CA SER E 169 14.86 -22.04 -46.41
C SER E 169 15.19 -23.40 -45.82
N GLY E 170 15.70 -23.40 -44.58
CA GLY E 170 16.17 -24.62 -43.95
C GLY E 170 15.07 -25.53 -43.44
N MET E 171 13.97 -24.95 -42.97
CA MET E 171 12.91 -25.73 -42.37
C MET E 171 11.79 -26.10 -43.34
N LEU E 172 11.63 -25.31 -44.39
CA LEU E 172 10.47 -25.47 -45.28
C LEU E 172 10.83 -25.70 -46.75
N GLU E 173 11.76 -24.91 -47.27
CA GLU E 173 12.02 -24.91 -48.70
C GLU E 173 13.00 -25.99 -49.15
N HIS E 174 14.06 -26.21 -48.38
CA HIS E 174 15.06 -27.22 -48.73
C HIS E 174 14.50 -28.63 -48.55
N GLU E 175 14.54 -29.43 -49.62
CA GLU E 175 13.99 -30.78 -49.58
C GLU E 175 15.07 -31.81 -49.27
N THR E 176 14.81 -32.65 -48.27
CA THR E 176 15.73 -33.72 -47.89
C THR E 176 14.98 -35.03 -47.69
N GLY E 199 24.88 -22.92 -51.54
CA GLY E 199 24.78 -21.56 -51.06
C GLY E 199 23.51 -21.33 -50.26
N THR E 200 22.44 -22.04 -50.62
CA THR E 200 21.17 -21.92 -49.92
C THR E 200 21.25 -22.52 -48.52
N TYR E 201 20.45 -21.99 -47.61
CA TYR E 201 20.46 -22.47 -46.22
C TYR E 201 19.71 -23.79 -46.08
N THR E 202 20.30 -24.71 -45.33
CA THR E 202 19.69 -26.01 -45.09
C THR E 202 19.40 -26.21 -43.61
N LEU E 203 18.83 -27.36 -43.27
CA LEU E 203 18.61 -27.71 -41.87
C LEU E 203 19.95 -27.84 -41.16
N ASP E 204 20.94 -28.37 -41.87
CA ASP E 204 22.29 -28.50 -41.36
C ASP E 204 22.91 -27.14 -41.07
N SER E 205 22.58 -26.15 -41.90
CA SER E 205 23.06 -24.79 -41.68
C SER E 205 22.57 -24.29 -40.33
N ILE E 206 21.29 -24.49 -40.06
CA ILE E 206 20.68 -24.11 -38.78
C ILE E 206 21.34 -24.86 -37.62
N LEU E 207 21.49 -26.17 -37.80
CA LEU E 207 22.13 -27.02 -36.79
C LEU E 207 23.54 -26.54 -36.47
N ARG E 208 24.30 -26.18 -37.50
CA ARG E 208 25.65 -25.70 -37.32
C ARG E 208 25.69 -24.33 -36.65
N GLN E 209 24.69 -23.50 -36.96
CA GLN E 209 24.58 -22.19 -36.34
C GLN E 209 24.25 -22.32 -34.86
N LEU E 210 23.37 -23.27 -34.55
CA LEU E 210 23.03 -23.58 -33.16
C LEU E 210 24.25 -24.03 -32.38
N ASN E 211 25.03 -24.92 -33.00
CA ASN E 211 26.27 -25.41 -32.40
C ASN E 211 27.24 -24.27 -32.09
N SER E 212 27.36 -23.32 -33.02
CA SER E 212 28.25 -22.17 -32.86
C SER E 212 27.81 -21.29 -31.69
N PHE E 213 26.52 -20.97 -31.66
CA PHE E 213 25.93 -20.18 -30.58
C PHE E 213 26.20 -20.81 -29.21
N HIS E 214 25.91 -22.10 -29.10
CA HIS E 214 26.01 -22.82 -27.84
C HIS E 214 27.45 -22.98 -27.36
N SER E 215 28.34 -23.32 -28.29
CA SER E 215 29.75 -23.53 -27.96
C SER E 215 30.38 -22.23 -27.48
N VAL E 216 30.02 -21.12 -28.12
CA VAL E 216 30.53 -19.81 -27.74
C VAL E 216 30.10 -19.43 -26.33
N MET E 217 28.82 -19.65 -26.03
CA MET E 217 28.27 -19.37 -24.71
C MET E 217 28.94 -20.22 -23.63
N CYS E 218 29.27 -21.46 -23.97
CA CYS E 218 29.96 -22.34 -23.05
C CYS E 218 31.39 -21.88 -22.80
N GLN E 219 32.06 -21.45 -23.87
CA GLN E 219 33.43 -20.93 -23.79
C GLN E 219 33.50 -19.72 -22.85
N HIS E 220 32.44 -18.92 -22.86
CA HIS E 220 32.39 -17.70 -22.06
C HIS E 220 31.96 -17.96 -20.62
N GLY E 221 31.60 -19.20 -20.32
CA GLY E 221 31.20 -19.56 -18.97
C GLY E 221 29.88 -18.93 -18.57
N MET E 222 29.01 -18.72 -19.54
CA MET E 222 27.67 -18.21 -19.27
C MET E 222 26.93 -19.19 -18.37
N ASP E 223 26.17 -18.66 -17.41
CA ASP E 223 25.40 -19.49 -16.48
C ASP E 223 24.58 -20.54 -17.23
N PRO E 224 24.63 -21.79 -16.76
CA PRO E 224 23.88 -22.89 -17.39
C PRO E 224 22.39 -22.56 -17.50
N GLU E 225 21.83 -21.97 -16.46
CA GLU E 225 20.42 -21.59 -16.46
C GLU E 225 20.12 -20.51 -17.49
N LEU E 226 21.10 -19.64 -17.73
CA LEU E 226 20.94 -18.57 -18.72
C LEU E 226 21.05 -19.13 -20.13
N ILE E 227 21.95 -20.09 -20.32
CA ILE E 227 22.12 -20.75 -21.61
C ILE E 227 20.83 -21.47 -22.01
N LYS E 228 20.18 -22.10 -21.04
CA LYS E 228 18.91 -22.80 -21.27
C LYS E 228 17.84 -21.85 -21.79
N GLN E 229 17.79 -20.64 -21.22
CA GLN E 229 16.82 -19.63 -21.62
C GLN E 229 17.08 -19.15 -23.04
N VAL E 230 18.36 -18.98 -23.37
CA VAL E 230 18.76 -18.55 -24.71
C VAL E 230 18.36 -19.59 -25.75
N VAL E 231 18.58 -20.86 -25.42
CA VAL E 231 18.24 -21.95 -26.32
C VAL E 231 16.72 -22.05 -26.51
N LYS E 232 15.97 -21.89 -25.43
CA LYS E 232 14.51 -21.88 -25.52
C LYS E 232 14.03 -20.74 -26.42
N GLN E 233 14.71 -19.59 -26.33
CA GLN E 233 14.36 -18.43 -27.13
C GLN E 233 14.65 -18.69 -28.60
N MET E 234 15.80 -19.28 -28.89
CA MET E 234 16.18 -19.60 -30.27
C MET E 234 15.22 -20.58 -30.91
N PHE E 235 14.84 -21.61 -30.15
CA PHE E 235 13.92 -22.63 -30.65
C PHE E 235 12.53 -22.05 -30.89
N TYR E 236 12.11 -21.13 -30.02
CA TYR E 236 10.82 -20.46 -30.20
C TYR E 236 10.83 -19.67 -31.50
N ILE E 237 11.93 -18.99 -31.77
CA ILE E 237 12.08 -18.20 -32.98
C ILE E 237 11.98 -19.08 -34.22
N ILE E 238 12.68 -20.22 -34.19
CA ILE E 238 12.64 -21.18 -35.27
C ILE E 238 11.22 -21.70 -35.49
N GLY E 239 10.56 -22.08 -34.41
CA GLY E 239 9.22 -22.61 -34.47
C GLY E 239 8.20 -21.59 -34.97
N ALA E 240 8.27 -20.37 -34.45
CA ALA E 240 7.29 -19.34 -34.77
C ALA E 240 7.40 -18.90 -36.23
N ILE E 241 8.61 -18.68 -36.70
CA ILE E 241 8.85 -18.25 -38.07
C ILE E 241 8.43 -19.35 -39.06
N THR E 242 8.68 -20.60 -38.68
CA THR E 242 8.32 -21.74 -39.51
C THR E 242 6.80 -21.89 -39.61
N LEU E 243 6.12 -21.84 -38.46
CA LEU E 243 4.67 -21.99 -38.43
C LEU E 243 3.97 -20.83 -39.13
N ASN E 244 4.47 -19.62 -38.92
CA ASN E 244 3.88 -18.44 -39.55
C ASN E 244 3.93 -18.51 -41.07
N ASN E 245 5.08 -18.91 -41.62
CA ASN E 245 5.21 -19.06 -43.06
C ASN E 245 4.35 -20.20 -43.59
N LEU E 246 4.15 -21.22 -42.76
CA LEU E 246 3.25 -22.31 -43.09
C LEU E 246 1.83 -21.78 -43.24
N LEU E 247 1.48 -20.83 -42.39
CA LEU E 247 0.14 -20.24 -42.37
C LEU E 247 0.00 -19.11 -43.38
N LEU E 248 1.11 -18.53 -43.82
CA LEU E 248 1.07 -17.35 -44.68
C LEU E 248 1.30 -17.66 -46.15
N ARG E 249 2.00 -18.77 -46.44
CA ARG E 249 2.29 -19.14 -47.82
C ARG E 249 1.19 -20.01 -48.41
N LYS E 250 1.30 -20.31 -49.70
CA LYS E 250 0.31 -21.12 -50.39
C LYS E 250 0.79 -22.54 -50.62
N ASP E 251 2.11 -22.73 -50.58
CA ASP E 251 2.74 -23.94 -51.09
C ASP E 251 3.33 -24.86 -50.03
N MET E 252 3.04 -24.60 -48.76
CA MET E 252 3.67 -25.36 -47.69
C MET E 252 2.75 -26.35 -46.99
N CYS E 253 1.48 -26.35 -47.37
CA CYS E 253 0.50 -27.23 -46.72
C CYS E 253 0.18 -28.47 -47.56
N SER E 254 0.97 -29.51 -47.37
CA SER E 254 0.74 -30.79 -48.03
C SER E 254 1.23 -31.93 -47.14
N TRP E 255 0.86 -33.16 -47.49
CA TRP E 255 1.31 -34.32 -46.73
CA TRP E 255 1.31 -34.33 -46.74
C TRP E 255 2.83 -34.44 -46.76
N SER E 256 3.42 -34.09 -47.89
CA SER E 256 4.86 -34.18 -48.08
C SER E 256 5.62 -33.21 -47.18
N LYS E 257 5.17 -31.97 -47.13
CA LYS E 257 5.78 -30.96 -46.28
C LYS E 257 5.62 -31.33 -44.81
N GLY E 258 4.47 -31.90 -44.46
CA GLY E 258 4.22 -32.35 -43.11
C GLY E 258 5.26 -33.35 -42.65
N MET E 259 5.59 -34.30 -43.52
CA MET E 259 6.62 -35.29 -43.24
C MET E 259 7.98 -34.63 -43.09
N GLN E 260 8.29 -33.71 -44.01
CA GLN E 260 9.56 -33.00 -44.01
CA GLN E 260 9.56 -33.00 -44.01
C GLN E 260 9.73 -32.18 -42.74
N ILE E 261 8.68 -31.48 -42.33
CA ILE E 261 8.72 -30.65 -41.14
C ILE E 261 8.95 -31.50 -39.88
N ARG E 262 8.22 -32.61 -39.79
CA ARG E 262 8.34 -33.48 -38.62
C ARG E 262 9.75 -34.05 -38.49
N TYR E 263 10.38 -34.35 -39.61
CA TYR E 263 11.76 -34.83 -39.62
C TYR E 263 12.71 -33.74 -39.14
N ASN E 264 12.54 -32.53 -39.68
CA ASN E 264 13.37 -31.40 -39.30
C ASN E 264 13.27 -31.09 -37.81
N VAL E 265 12.06 -31.19 -37.27
CA VAL E 265 11.84 -30.94 -35.85
C VAL E 265 12.49 -32.04 -35.01
N SER E 266 12.42 -33.28 -35.48
CA SER E 266 13.02 -34.40 -34.78
C SER E 266 14.54 -34.21 -34.67
N GLN E 267 15.13 -33.63 -35.71
CA GLN E 267 16.56 -33.35 -35.72
C GLN E 267 16.89 -32.22 -34.76
N LEU E 268 15.97 -31.27 -34.61
CA LEU E 268 16.13 -30.20 -33.64
C LEU E 268 16.03 -30.75 -32.22
N GLU E 269 15.14 -31.73 -32.05
CA GLU E 269 14.98 -32.39 -30.76
C GLU E 269 16.22 -33.22 -30.41
N GLU E 270 16.83 -33.83 -31.43
CA GLU E 270 18.04 -34.60 -31.23
C GLU E 270 19.19 -33.69 -30.82
N TRP E 271 19.20 -32.47 -31.34
CA TRP E 271 20.21 -31.48 -30.99
C TRP E 271 20.14 -31.17 -29.50
N LEU E 272 18.93 -31.01 -28.99
CA LEU E 272 18.71 -30.75 -27.58
C LEU E 272 19.22 -31.90 -26.71
N ARG E 273 19.04 -33.13 -27.19
CA ARG E 273 19.49 -34.31 -26.45
C ARG E 273 21.01 -34.35 -26.36
N ASP E 274 21.68 -34.05 -27.46
CA ASP E 274 23.14 -34.06 -27.51
C ASP E 274 23.73 -33.05 -26.54
N LYS E 275 23.05 -31.90 -26.40
CA LYS E 275 23.53 -30.82 -25.54
C LYS E 275 22.99 -30.95 -24.12
N ASN E 276 22.21 -32.01 -23.87
CA ASN E 276 21.56 -32.24 -22.58
C ASN E 276 20.69 -31.05 -22.17
N LEU E 277 19.81 -30.63 -23.07
CA LEU E 277 18.97 -29.46 -22.83
C LEU E 277 17.48 -29.77 -22.97
N MET E 278 17.09 -30.98 -22.59
CA MET E 278 15.68 -31.37 -22.67
C MET E 278 14.87 -30.83 -21.49
N ASN E 279 15.54 -30.11 -20.60
CA ASN E 279 14.89 -29.48 -19.47
C ASN E 279 14.79 -27.97 -19.63
N SER E 280 15.20 -27.49 -20.80
CA SER E 280 15.29 -26.06 -21.07
C SER E 280 13.94 -25.43 -21.40
N GLY E 281 13.00 -26.26 -21.85
CA GLY E 281 11.70 -25.77 -22.28
C GLY E 281 11.68 -25.47 -23.76
N ALA E 282 12.81 -25.72 -24.42
CA ALA E 282 12.96 -25.46 -25.84
C ALA E 282 12.09 -26.40 -26.67
N LYS E 283 12.00 -27.65 -26.24
CA LYS E 283 11.21 -28.66 -26.93
C LYS E 283 9.73 -28.28 -26.97
N GLU E 284 9.23 -27.78 -25.86
CA GLU E 284 7.80 -27.44 -25.74
C GLU E 284 7.37 -26.32 -26.68
N THR E 285 8.31 -25.45 -27.03
CA THR E 285 8.00 -24.33 -27.93
C THR E 285 7.68 -24.82 -29.33
N LEU E 286 8.15 -26.02 -29.66
CA LEU E 286 7.97 -26.57 -31.00
C LEU E 286 6.68 -27.36 -31.18
N GLU E 287 5.91 -27.49 -30.10
CA GLU E 287 4.70 -28.29 -30.11
C GLU E 287 3.61 -27.81 -31.09
N PRO E 288 3.37 -26.49 -31.19
CA PRO E 288 2.40 -26.07 -32.20
C PRO E 288 2.83 -26.45 -33.62
N LEU E 289 4.11 -26.29 -33.93
CA LEU E 289 4.64 -26.65 -35.24
C LEU E 289 4.48 -28.14 -35.52
N ILE E 290 4.72 -28.95 -34.50
CA ILE E 290 4.60 -30.40 -34.62
C ILE E 290 3.16 -30.81 -34.94
N GLN E 291 2.21 -30.22 -34.21
CA GLN E 291 0.81 -30.54 -34.39
C GLN E 291 0.30 -30.06 -35.75
N ALA E 292 0.90 -28.98 -36.26
CA ALA E 292 0.58 -28.50 -37.60
C ALA E 292 1.09 -29.49 -38.64
N ALA E 293 2.29 -30.02 -38.41
CA ALA E 293 2.89 -31.02 -39.29
C ALA E 293 2.07 -32.31 -39.27
N GLN E 294 1.56 -32.66 -38.09
CA GLN E 294 0.72 -33.84 -37.94
C GLN E 294 -0.63 -33.63 -38.63
N LEU E 295 -1.18 -32.44 -38.50
CA LEU E 295 -2.44 -32.08 -39.12
C LEU E 295 -2.37 -32.27 -40.64
N LEU E 296 -1.21 -31.95 -41.20
CA LEU E 296 -0.98 -32.08 -42.64
C LEU E 296 -1.03 -33.52 -43.12
N GLN E 297 -0.77 -34.47 -42.21
CA GLN E 297 -0.60 -35.85 -42.59
C GLN E 297 -1.79 -36.76 -42.25
N VAL E 298 -2.68 -36.28 -41.40
CA VAL E 298 -3.85 -37.08 -41.00
C VAL E 298 -4.96 -37.00 -42.04
N LYS E 299 -5.86 -37.97 -42.00
CA LYS E 299 -7.00 -37.99 -42.92
C LYS E 299 -7.97 -36.86 -42.62
N LYS E 300 -8.59 -36.30 -43.66
CA LYS E 300 -9.41 -35.11 -43.53
C LYS E 300 -10.77 -35.22 -44.23
N LYS E 301 -11.50 -36.30 -43.98
CA LYS E 301 -12.74 -36.52 -44.71
C LYS E 301 -13.95 -36.83 -43.83
N THR E 302 -13.82 -37.80 -42.94
CA THR E 302 -14.97 -38.28 -42.17
C THR E 302 -15.21 -37.48 -40.89
N ASP E 303 -16.32 -37.76 -40.21
CA ASP E 303 -16.67 -37.10 -38.97
C ASP E 303 -15.73 -37.57 -37.85
N ASP E 304 -15.25 -38.80 -37.97
CA ASP E 304 -14.26 -39.33 -37.06
C ASP E 304 -12.91 -38.65 -37.27
N ASP E 305 -12.61 -38.35 -38.53
CA ASP E 305 -11.40 -37.62 -38.87
C ASP E 305 -11.41 -36.24 -38.22
N ALA E 306 -12.57 -35.58 -38.26
CA ALA E 306 -12.73 -34.25 -37.69
C ALA E 306 -12.54 -34.27 -36.17
N GLU E 307 -13.18 -35.24 -35.52
CA GLU E 307 -13.08 -35.38 -34.07
C GLU E 307 -11.65 -35.67 -33.62
N ALA E 308 -10.92 -36.43 -34.44
CA ALA E 308 -9.54 -36.77 -34.13
C ALA E 308 -8.64 -35.54 -34.23
N ILE E 309 -8.88 -34.72 -35.25
CA ILE E 309 -8.13 -33.49 -35.46
C ILE E 309 -8.31 -32.55 -34.28
N CYS E 310 -9.55 -32.45 -33.80
CA CYS E 310 -9.89 -31.56 -32.70
C CYS E 310 -9.20 -31.96 -31.38
N SER E 311 -9.04 -33.26 -31.18
CA SER E 311 -8.43 -33.75 -29.95
C SER E 311 -6.91 -33.72 -30.04
N MET E 312 -6.38 -33.88 -31.26
CA MET E 312 -4.95 -33.93 -31.48
C MET E 312 -4.31 -32.53 -31.46
N CYS E 313 -5.03 -31.55 -31.99
CA CYS E 313 -4.49 -30.20 -32.14
C CYS E 313 -4.85 -29.29 -30.97
N ASN E 314 -4.37 -29.64 -29.78
CA ASN E 314 -4.66 -28.87 -28.58
C ASN E 314 -3.71 -27.69 -28.38
N ALA E 315 -2.66 -27.63 -29.19
CA ALA E 315 -1.68 -26.55 -29.10
C ALA E 315 -1.86 -25.56 -30.24
N LEU E 316 -2.83 -25.84 -31.10
CA LEU E 316 -3.16 -24.93 -32.20
C LEU E 316 -4.50 -24.25 -31.94
N THR E 317 -4.61 -22.98 -32.33
CA THR E 317 -5.89 -22.28 -32.23
C THR E 317 -6.82 -22.75 -33.35
N THR E 318 -8.10 -22.47 -33.21
CA THR E 318 -9.07 -22.82 -34.24
C THR E 318 -8.73 -22.13 -35.56
N ALA E 319 -8.29 -20.88 -35.46
CA ALA E 319 -7.88 -20.11 -36.63
C ALA E 319 -6.75 -20.79 -37.38
N GLN E 320 -5.77 -21.29 -36.65
CA GLN E 320 -4.63 -21.95 -37.25
C GLN E 320 -5.01 -23.29 -37.89
N ILE E 321 -5.89 -24.02 -37.21
CA ILE E 321 -6.37 -25.31 -37.73
C ILE E 321 -7.15 -25.11 -39.03
N VAL E 322 -8.07 -24.16 -39.02
CA VAL E 322 -8.90 -23.87 -40.19
C VAL E 322 -8.06 -23.35 -41.35
N LYS E 323 -7.07 -22.52 -41.03
CA LYS E 323 -6.18 -21.97 -42.05
C LYS E 323 -5.43 -23.07 -42.79
N VAL E 324 -4.83 -23.99 -42.04
CA VAL E 324 -4.08 -25.10 -42.60
C VAL E 324 -4.96 -25.97 -43.49
N LEU E 325 -6.17 -26.23 -43.03
CA LEU E 325 -7.10 -27.09 -43.76
C LEU E 325 -7.54 -26.46 -45.08
N ASN E 326 -7.69 -25.14 -45.09
CA ASN E 326 -8.10 -24.45 -46.30
C ASN E 326 -6.93 -24.30 -47.26
N LEU E 327 -5.74 -24.15 -46.71
CA LEU E 327 -4.52 -24.05 -47.51
C LEU E 327 -4.09 -25.39 -48.07
N TYR E 328 -4.53 -26.47 -47.45
CA TYR E 328 -4.07 -27.82 -47.79
C TYR E 328 -4.26 -28.13 -49.26
N THR E 329 -3.14 -28.39 -49.94
CA THR E 329 -3.15 -28.65 -51.37
C THR E 329 -2.63 -30.05 -51.67
N PRO E 330 -3.48 -30.87 -52.31
CA PRO E 330 -3.09 -32.23 -52.69
C PRO E 330 -1.94 -32.23 -53.70
N VAL E 331 -0.97 -33.11 -53.51
CA VAL E 331 0.19 -33.18 -54.39
C VAL E 331 -0.16 -33.81 -55.73
N ASN E 332 -1.25 -34.59 -55.74
CA ASN E 332 -1.66 -35.30 -56.94
C ASN E 332 -3.13 -35.02 -57.29
N GLU E 333 -3.53 -35.42 -58.49
CA GLU E 333 -4.87 -35.16 -58.98
C GLU E 333 -5.89 -36.15 -58.42
N PHE E 334 -5.42 -37.18 -57.73
CA PHE E 334 -6.30 -38.17 -57.14
C PHE E 334 -6.73 -37.73 -55.74
N GLU E 335 -5.79 -37.15 -54.99
CA GLU E 335 -6.11 -36.60 -53.68
C GLU E 335 -6.93 -35.32 -53.86
N GLU E 336 -7.80 -35.04 -52.89
CA GLU E 336 -8.74 -33.93 -53.03
C GLU E 336 -8.52 -32.80 -52.03
N ARG E 337 -9.00 -31.63 -52.40
CA ARG E 337 -9.03 -30.46 -51.51
C ARG E 337 -9.93 -30.74 -50.32
N VAL E 338 -9.60 -30.18 -49.17
CA VAL E 338 -10.46 -30.31 -48.00
C VAL E 338 -11.79 -29.61 -48.24
N SER E 339 -12.89 -30.33 -48.06
CA SER E 339 -14.21 -29.78 -48.31
C SER E 339 -14.58 -28.71 -47.29
N VAL E 340 -15.42 -27.78 -47.72
CA VAL E 340 -15.88 -26.69 -46.85
C VAL E 340 -16.71 -27.24 -45.69
N SER E 341 -17.54 -28.24 -45.99
CA SER E 341 -18.39 -28.87 -44.99
CA SER E 341 -18.39 -28.85 -44.98
C SER E 341 -17.57 -29.49 -43.86
N PHE E 342 -16.43 -30.07 -44.23
CA PHE E 342 -15.54 -30.68 -43.25
C PHE E 342 -14.98 -29.62 -42.32
N ILE E 343 -14.55 -28.51 -42.89
CA ILE E 343 -13.99 -27.40 -42.13
C ILE E 343 -15.04 -26.78 -41.20
N ARG E 344 -16.26 -26.65 -41.71
CA ARG E 344 -17.37 -26.15 -40.91
C ARG E 344 -17.65 -27.05 -39.71
N THR E 345 -17.51 -28.36 -39.93
CA THR E 345 -17.71 -29.35 -38.88
C THR E 345 -16.73 -29.12 -37.73
N ILE E 346 -15.46 -28.95 -38.10
CA ILE E 346 -14.40 -28.70 -37.11
C ILE E 346 -14.63 -27.38 -36.39
N GLN E 347 -15.07 -26.36 -37.13
CA GLN E 347 -15.38 -25.06 -36.55
C GLN E 347 -16.49 -25.14 -35.51
N MET E 348 -17.53 -25.92 -35.82
CA MET E 348 -18.66 -26.07 -34.92
C MET E 348 -18.27 -26.81 -33.64
N ARG E 349 -17.45 -27.86 -33.81
CA ARG E 349 -17.00 -28.65 -32.67
C ARG E 349 -16.10 -27.83 -31.75
N LEU E 350 -15.27 -26.98 -32.33
CA LEU E 350 -14.30 -26.20 -31.57
C LEU E 350 -14.93 -24.99 -30.88
N ARG E 351 -16.23 -24.78 -31.09
CA ARG E 351 -16.95 -23.71 -30.42
C ARG E 351 -17.02 -23.96 -28.92
N ASP E 352 -16.99 -25.24 -28.54
CA ASP E 352 -17.03 -25.63 -27.14
C ASP E 352 -15.68 -25.41 -26.46
N ARG E 353 -14.68 -25.04 -27.26
CA ARG E 353 -13.33 -24.83 -26.77
C ARG E 353 -13.02 -23.34 -26.69
N LYS E 354 -12.40 -22.91 -25.59
CA LYS E 354 -12.04 -21.50 -25.41
C LYS E 354 -10.59 -21.25 -25.82
N ASP E 355 -10.40 -20.82 -27.06
CA ASP E 355 -9.07 -20.65 -27.62
C ASP E 355 -8.59 -19.20 -27.63
N SER E 356 -7.30 -19.04 -27.91
CA SER E 356 -6.78 -17.75 -28.32
C SER E 356 -7.29 -17.47 -29.73
N PRO E 357 -7.56 -16.20 -30.04
CA PRO E 357 -8.06 -15.86 -31.38
C PRO E 357 -6.92 -15.73 -32.40
N GLN E 358 -5.68 -15.86 -31.94
CA GLN E 358 -4.52 -15.57 -32.78
C GLN E 358 -4.39 -16.53 -33.96
N LEU E 359 -3.87 -16.00 -35.07
CA LEU E 359 -3.55 -16.81 -36.24
C LEU E 359 -2.04 -16.97 -36.32
N LEU E 360 -1.36 -15.83 -36.48
CA LEU E 360 0.10 -15.81 -36.54
C LEU E 360 0.70 -15.73 -35.14
N MET E 361 1.88 -16.31 -34.98
CA MET E 361 2.58 -16.20 -33.72
CA MET E 361 2.63 -16.22 -33.74
C MET E 361 3.47 -14.95 -33.71
N ASP E 362 3.66 -14.38 -32.53
CA ASP E 362 4.55 -13.22 -32.39
C ASP E 362 5.99 -13.74 -32.36
N ALA E 363 6.64 -13.71 -33.52
CA ALA E 363 7.98 -14.25 -33.66
C ALA E 363 9.02 -13.37 -32.98
N LYS E 364 8.58 -12.24 -32.45
CA LYS E 364 9.48 -11.30 -31.78
C LYS E 364 9.32 -11.35 -30.27
N HIS E 365 8.41 -12.20 -29.80
CA HIS E 365 8.20 -12.38 -28.36
C HIS E 365 9.47 -12.82 -27.66
N ILE E 366 9.77 -12.17 -26.54
CA ILE E 366 10.93 -12.55 -25.75
C ILE E 366 10.49 -12.96 -24.35
N PHE E 367 10.73 -14.23 -24.02
CA PHE E 367 10.43 -14.73 -22.68
C PHE E 367 11.28 -13.97 -21.67
N PRO E 368 10.62 -13.37 -20.66
CA PRO E 368 11.31 -12.58 -19.62
C PRO E 368 12.46 -13.35 -18.98
N VAL E 369 13.64 -12.73 -18.97
CA VAL E 369 14.85 -13.41 -18.52
C VAL E 369 15.05 -13.27 -17.00
N THR E 370 15.62 -14.31 -16.40
CA THR E 370 15.94 -14.29 -14.99
C THR E 370 17.43 -14.57 -14.79
N PHE E 371 18.04 -13.91 -13.81
CA PHE E 371 19.44 -14.13 -13.50
C PHE E 371 19.62 -14.62 -12.06
N PRO E 372 19.29 -15.90 -11.81
CA PRO E 372 19.41 -16.46 -10.47
C PRO E 372 20.86 -16.43 -9.95
N PHE E 373 21.02 -16.15 -8.66
CA PHE E 373 22.33 -16.06 -8.04
C PHE E 373 23.14 -17.33 -8.23
N ASN E 374 24.31 -17.19 -8.84
CA ASN E 374 25.16 -18.33 -9.15
C ASN E 374 26.58 -18.16 -8.58
N PRO E 375 26.74 -18.45 -7.28
CA PRO E 375 28.03 -18.33 -6.61
C PRO E 375 29.07 -19.28 -7.21
N SER E 376 30.34 -18.87 -7.22
CA SER E 376 31.40 -19.70 -7.78
C SER E 376 32.34 -20.20 -6.69
N SER E 377 33.07 -21.27 -6.99
CA SER E 377 34.00 -21.85 -6.05
C SER E 377 35.43 -21.36 -6.28
N LEU E 378 35.59 -20.44 -7.24
CA LEU E 378 36.90 -19.93 -7.58
C LEU E 378 37.47 -19.10 -6.44
N ALA E 379 38.71 -19.42 -6.05
CA ALA E 379 39.39 -18.70 -4.98
C ALA E 379 40.11 -17.47 -5.52
N LEU E 380 39.71 -16.31 -5.04
CA LEU E 380 40.28 -15.03 -5.49
C LEU E 380 41.78 -14.94 -5.28
N GLU E 381 42.28 -15.55 -4.21
CA GLU E 381 43.69 -15.46 -3.88
C GLU E 381 44.57 -16.25 -4.84
N THR E 382 43.96 -17.17 -5.57
CA THR E 382 44.69 -18.02 -6.51
C THR E 382 44.80 -17.36 -7.88
N ILE E 383 43.93 -16.39 -8.13
CA ILE E 383 43.87 -15.73 -9.43
C ILE E 383 45.10 -14.87 -9.72
N GLN E 384 45.71 -15.10 -10.89
CA GLN E 384 46.87 -14.34 -11.31
C GLN E 384 46.55 -13.53 -12.57
N ILE E 385 47.40 -12.56 -12.89
CA ILE E 385 47.18 -11.70 -14.05
C ILE E 385 48.26 -11.89 -15.12
N PRO E 386 47.88 -12.52 -16.24
CA PRO E 386 48.77 -12.77 -17.37
C PRO E 386 49.20 -11.48 -18.07
N ALA E 387 50.40 -11.47 -18.63
CA ALA E 387 50.94 -10.28 -19.29
C ALA E 387 50.24 -9.99 -20.61
N SER E 388 49.57 -11.01 -21.16
CA SER E 388 48.87 -10.87 -22.42
C SER E 388 47.70 -9.90 -22.32
N LEU E 389 47.19 -9.71 -21.10
CA LEU E 389 46.10 -8.78 -20.85
C LEU E 389 46.55 -7.33 -20.94
N GLY E 390 47.85 -7.10 -20.76
CA GLY E 390 48.40 -5.76 -20.80
C GLY E 390 48.06 -4.97 -19.55
N LEU E 391 47.93 -5.66 -18.44
CA LEU E 391 47.59 -5.03 -17.17
C LEU E 391 48.76 -5.08 -16.19
N GLY E 392 49.93 -4.68 -16.66
CA GLY E 392 51.13 -4.73 -15.85
C GLY E 392 51.15 -3.69 -14.74
N PHE E 393 50.33 -2.65 -14.89
CA PHE E 393 50.29 -1.57 -13.91
C PHE E 393 49.41 -1.91 -12.71
N ILE E 394 48.88 -3.14 -12.69
CA ILE E 394 48.07 -3.59 -11.56
C ILE E 394 48.91 -4.39 -10.58
N SER E 395 48.85 -4.00 -9.31
CA SER E 395 49.61 -4.68 -8.26
C SER E 395 48.74 -5.68 -7.51
N ARG E 396 49.25 -6.90 -7.37
CA ARG E 396 48.52 -7.96 -6.69
C ARG E 396 48.72 -7.88 -5.17
N VAL E 397 47.63 -7.68 -4.45
CA VAL E 397 47.70 -7.55 -3.00
C VAL E 397 47.00 -8.74 -2.31
N LEU F 13 25.48 -42.37 -45.83
CA LEU F 13 24.11 -42.12 -45.40
C LEU F 13 23.15 -43.16 -45.96
N PHE F 14 22.69 -44.05 -45.09
CA PHE F 14 21.79 -45.13 -45.50
C PHE F 14 20.37 -44.91 -44.99
N LYS F 15 19.43 -44.78 -45.91
CA LYS F 15 18.03 -44.62 -45.56
C LYS F 15 17.38 -45.97 -45.29
N VAL F 16 16.93 -46.17 -44.05
CA VAL F 16 16.31 -47.43 -43.65
C VAL F 16 14.86 -47.23 -43.24
N VAL F 17 13.95 -47.97 -43.86
CA VAL F 17 12.53 -47.85 -43.57
C VAL F 17 12.04 -48.97 -42.66
N LEU F 18 11.03 -48.67 -41.85
CA LEU F 18 10.42 -49.66 -40.97
C LEU F 18 9.02 -50.02 -41.47
N ILE F 19 8.75 -51.31 -41.58
CA ILE F 19 7.46 -51.77 -42.09
C ILE F 19 6.91 -52.94 -41.28
N GLY F 20 5.58 -53.05 -41.24
CA GLY F 20 4.93 -54.10 -40.49
C GLY F 20 3.57 -53.67 -39.98
N ASP F 21 2.84 -54.62 -39.40
CA ASP F 21 1.51 -54.34 -38.85
C ASP F 21 1.59 -53.34 -37.69
N SER F 22 0.46 -52.73 -37.38
CA SER F 22 0.39 -51.74 -36.30
C SER F 22 0.48 -52.42 -34.93
N GLY F 23 1.45 -51.99 -34.13
CA GLY F 23 1.60 -52.49 -32.78
C GLY F 23 2.66 -53.56 -32.62
N VAL F 24 3.42 -53.81 -33.68
CA VAL F 24 4.47 -54.82 -33.64
C VAL F 24 5.72 -54.30 -32.94
N GLY F 25 5.84 -52.98 -32.85
CA GLY F 25 6.94 -52.36 -32.13
C GLY F 25 7.96 -51.64 -32.99
N LYS F 26 7.51 -51.15 -34.15
CA LYS F 26 8.40 -50.43 -35.07
C LYS F 26 8.95 -49.16 -34.44
N SER F 27 8.08 -48.38 -33.82
CA SER F 27 8.48 -47.10 -33.23
C SER F 27 9.40 -47.28 -32.02
N ASN F 28 9.18 -48.36 -31.27
CA ASN F 28 10.02 -48.64 -30.11
C ASN F 28 11.37 -49.23 -30.50
N LEU F 29 11.39 -49.96 -31.61
CA LEU F 29 12.66 -50.44 -32.17
C LEU F 29 13.50 -49.26 -32.63
N LEU F 30 12.83 -48.25 -33.16
CA LEU F 30 13.49 -47.02 -33.59
C LEU F 30 14.03 -46.25 -32.38
N SER F 31 13.20 -46.11 -31.36
CA SER F 31 13.58 -45.35 -30.17
C SER F 31 14.67 -46.08 -29.38
N ARG F 32 14.60 -47.40 -29.36
CA ARG F 32 15.61 -48.17 -28.63
C ARG F 32 16.97 -48.04 -29.29
N PHE F 33 17.01 -48.10 -30.61
CA PHE F 33 18.28 -48.05 -31.33
C PHE F 33 18.87 -46.64 -31.37
N THR F 34 18.04 -45.62 -31.60
CA THR F 34 18.57 -44.27 -31.83
C THR F 34 18.75 -43.45 -30.56
N ARG F 35 18.10 -43.83 -29.47
CA ARG F 35 18.23 -43.07 -28.22
C ARG F 35 18.06 -43.92 -26.96
N ASN F 36 18.08 -45.24 -27.11
CA ASN F 36 17.99 -46.15 -25.96
C ASN F 36 16.78 -45.86 -25.08
N GLU F 37 15.63 -45.65 -25.72
CA GLU F 37 14.39 -45.40 -25.00
C GLU F 37 13.29 -46.36 -25.45
N PHE F 38 12.38 -46.64 -24.53
CA PHE F 38 11.26 -47.55 -24.77
C PHE F 38 10.04 -47.04 -24.04
N ASN F 39 8.87 -47.18 -24.66
CA ASN F 39 7.63 -46.69 -24.05
C ASN F 39 6.52 -47.74 -24.10
N LEU F 40 6.06 -48.15 -22.92
CA LEU F 40 5.01 -49.16 -22.81
C LEU F 40 3.67 -48.67 -23.34
N GLU F 41 3.47 -47.36 -23.32
CA GLU F 41 2.20 -46.78 -23.74
C GLU F 41 2.35 -45.95 -25.02
N SER F 42 3.18 -46.40 -25.93
CA SER F 42 3.37 -45.73 -27.21
C SER F 42 2.15 -45.93 -28.10
N LYS F 43 1.62 -44.83 -28.63
CA LYS F 43 0.44 -44.89 -29.48
C LYS F 43 0.83 -45.06 -30.95
N SER F 44 -0.18 -45.23 -31.80
CA SER F 44 0.06 -45.42 -33.24
C SER F 44 0.75 -44.20 -33.85
N THR F 45 1.73 -44.46 -34.71
CA THR F 45 2.51 -43.41 -35.34
C THR F 45 1.65 -42.52 -36.23
N ILE F 46 1.75 -41.21 -36.01
CA ILE F 46 1.05 -40.25 -36.86
C ILE F 46 1.96 -39.79 -37.99
N GLY F 47 1.54 -40.08 -39.23
CA GLY F 47 2.31 -39.71 -40.40
C GLY F 47 3.65 -40.42 -40.45
N VAL F 48 4.70 -39.65 -40.70
CA VAL F 48 6.04 -40.22 -40.81
C VAL F 48 7.00 -39.62 -39.79
N GLU F 49 7.58 -40.48 -38.95
CA GLU F 49 8.59 -40.07 -37.98
C GLU F 49 9.97 -40.48 -38.49
N PHE F 50 11.01 -39.91 -37.89
CA PHE F 50 12.37 -40.22 -38.32
C PHE F 50 13.40 -39.97 -37.22
N ALA F 51 14.49 -40.73 -37.27
CA ALA F 51 15.58 -40.59 -36.31
C ALA F 51 16.89 -41.05 -36.91
N THR F 52 18.00 -40.49 -36.43
CA THR F 52 19.32 -40.84 -36.95
C THR F 52 20.21 -41.43 -35.86
N LYS F 63 26.00 -43.30 -41.23
CA LYS F 63 24.85 -42.58 -40.68
C LYS F 63 23.55 -43.22 -41.13
N ALA F 64 22.84 -43.84 -40.19
CA ALA F 64 21.58 -44.50 -40.49
C ALA F 64 20.40 -43.53 -40.36
N GLN F 65 19.75 -43.24 -41.48
CA GLN F 65 18.55 -42.41 -41.47
C GLN F 65 17.31 -43.28 -41.45
N ILE F 66 16.76 -43.51 -40.26
CA ILE F 66 15.64 -44.43 -40.09
C ILE F 66 14.29 -43.73 -40.20
N TRP F 67 13.47 -44.19 -41.14
CA TRP F 67 12.12 -43.67 -41.29
C TRP F 67 11.11 -44.57 -40.59
N ASP F 68 10.05 -43.97 -40.07
CA ASP F 68 9.04 -44.72 -39.33
C ASP F 68 7.64 -44.24 -39.65
N THR F 69 6.72 -45.18 -39.81
CA THR F 69 5.33 -44.86 -40.09
C THR F 69 4.41 -45.98 -39.61
N ALA F 70 3.14 -45.66 -39.41
CA ALA F 70 2.16 -46.64 -38.93
C ALA F 70 1.85 -47.67 -40.02
N GLY F 71 1.52 -48.89 -39.60
CA GLY F 71 1.18 -49.95 -40.54
C GLY F 71 -0.27 -49.87 -40.97
N GLN F 72 -0.60 -48.80 -41.68
CA GLN F 72 -1.97 -48.59 -42.15
C GLN F 72 -2.00 -48.22 -43.63
N GLU F 73 -3.20 -48.13 -44.18
CA GLU F 73 -3.38 -47.75 -45.58
C GLU F 73 -3.19 -46.25 -45.76
N ARG F 74 -2.70 -45.86 -46.94
CA ARG F 74 -2.49 -44.45 -47.26
C ARG F 74 -2.45 -44.23 -48.76
N ALA F 77 1.03 -42.11 -53.43
CA ALA F 77 2.14 -41.18 -53.53
C ALA F 77 2.88 -41.07 -52.20
N ILE F 78 2.15 -41.23 -51.11
CA ILE F 78 2.73 -41.15 -49.77
C ILE F 78 3.66 -42.33 -49.50
N THR F 79 3.23 -43.52 -49.92
CA THR F 79 4.02 -44.74 -49.74
C THR F 79 5.26 -44.70 -50.63
N SER F 80 5.12 -44.12 -51.82
CA SER F 80 6.22 -44.02 -52.76
C SER F 80 7.35 -43.18 -52.21
N ALA F 81 7.00 -42.08 -51.54
CA ALA F 81 7.99 -41.19 -50.94
C ALA F 81 8.64 -41.84 -49.73
N TYR F 82 7.90 -42.72 -49.07
CA TYR F 82 8.39 -43.40 -47.88
C TYR F 82 9.50 -44.39 -48.22
N TYR F 83 9.34 -45.09 -49.35
CA TYR F 83 10.31 -46.09 -49.76
C TYR F 83 11.34 -45.53 -50.73
N ARG F 84 11.18 -44.28 -51.12
CA ARG F 84 12.05 -43.65 -52.10
C ARG F 84 13.47 -43.43 -51.55
N GLY F 85 14.43 -44.07 -52.18
CA GLY F 85 15.82 -43.92 -51.79
C GLY F 85 16.25 -44.87 -50.67
N ALA F 86 15.33 -45.73 -50.26
CA ALA F 86 15.61 -46.68 -49.18
C ALA F 86 16.58 -47.76 -49.65
N GLY F 88 17.75 -50.05 -47.26
CA GLY F 88 17.49 -50.99 -46.18
C GLY F 88 16.05 -50.95 -45.71
N ALA F 89 15.56 -52.07 -45.20
CA ALA F 89 14.19 -52.16 -44.71
C ALA F 89 14.05 -53.26 -43.66
N LEU F 90 13.35 -52.94 -42.58
CA LEU F 90 13.11 -53.91 -41.52
C LEU F 90 11.64 -54.34 -41.51
N LEU F 91 11.39 -55.58 -41.93
CA LEU F 91 10.05 -56.14 -41.90
C LEU F 91 9.76 -56.73 -40.52
N VAL F 92 9.00 -56.00 -39.72
CA VAL F 92 8.79 -56.36 -38.32
C VAL F 92 7.42 -56.99 -38.07
N TYR F 93 7.42 -58.07 -37.28
CA TYR F 93 6.17 -58.69 -36.84
C TYR F 93 6.23 -59.00 -35.34
N ASP F 94 5.09 -59.39 -34.79
CA ASP F 94 5.00 -59.74 -33.38
C ASP F 94 5.02 -61.26 -33.21
N ILE F 95 5.99 -61.76 -32.46
CA ILE F 95 6.11 -63.21 -32.26
C ILE F 95 4.98 -63.74 -31.37
N ALA F 96 4.30 -62.84 -30.68
CA ALA F 96 3.20 -63.22 -29.81
C ALA F 96 1.86 -63.10 -30.55
N LYS F 97 1.92 -62.62 -31.78
CA LYS F 97 0.73 -62.47 -32.61
C LYS F 97 0.98 -63.02 -34.01
N HIS F 98 0.41 -64.19 -34.29
CA HIS F 98 0.63 -64.86 -35.57
C HIS F 98 0.05 -64.08 -36.74
N LEU F 99 -0.99 -63.28 -36.48
CA LEU F 99 -1.63 -62.50 -37.52
C LEU F 99 -0.68 -61.47 -38.12
N THR F 100 0.20 -60.92 -37.28
CA THR F 100 1.19 -59.96 -37.73
C THR F 100 2.22 -60.64 -38.64
N TYR F 101 2.57 -61.87 -38.31
CA TYR F 101 3.50 -62.64 -39.12
C TYR F 101 2.83 -63.12 -40.40
N GLU F 102 1.52 -63.29 -40.36
CA GLU F 102 0.75 -63.71 -41.52
C GLU F 102 0.67 -62.59 -42.55
N ASN F 103 0.71 -61.35 -42.07
CA ASN F 103 0.64 -60.18 -42.95
C ASN F 103 2.00 -59.77 -43.50
N VAL F 104 3.03 -60.56 -43.20
CA VAL F 104 4.37 -60.27 -43.68
C VAL F 104 4.44 -60.34 -45.20
N GLU F 105 3.65 -61.24 -45.79
CA GLU F 105 3.59 -61.38 -47.24
C GLU F 105 3.00 -60.13 -47.88
N ARG F 106 2.09 -59.48 -47.17
CA ARG F 106 1.43 -58.27 -47.67
C ARG F 106 2.40 -57.09 -47.69
N TRP F 107 3.23 -56.98 -46.66
CA TRP F 107 4.19 -55.90 -46.57
C TRP F 107 5.36 -56.10 -47.52
N LEU F 108 5.65 -57.37 -47.82
CA LEU F 108 6.70 -57.70 -48.77
C LEU F 108 6.28 -57.31 -50.18
N LYS F 109 4.97 -57.37 -50.44
CA LYS F 109 4.43 -57.00 -51.73
C LYS F 109 4.51 -55.48 -51.93
N GLU F 110 4.27 -54.73 -50.87
CA GLU F 110 4.32 -53.28 -50.93
C GLU F 110 5.76 -52.80 -51.12
N LEU F 111 6.71 -53.55 -50.56
CA LEU F 111 8.12 -53.25 -50.71
C LEU F 111 8.58 -53.54 -52.13
N ARG F 112 8.08 -54.63 -52.70
CA ARG F 112 8.43 -55.02 -54.06
C ARG F 112 7.83 -54.06 -55.08
N ASP F 113 6.74 -53.40 -54.70
CA ASP F 113 6.04 -52.49 -55.59
C ASP F 113 6.65 -51.09 -55.59
N HIS F 114 7.26 -50.70 -54.48
CA HIS F 114 7.73 -49.33 -54.31
C HIS F 114 9.25 -49.21 -54.16
N ALA F 115 9.85 -50.07 -53.35
CA ALA F 115 11.28 -49.99 -53.07
C ALA F 115 12.12 -50.51 -54.23
N ASP F 116 13.43 -50.27 -54.15
CA ASP F 116 14.35 -50.71 -55.19
C ASP F 116 14.60 -52.22 -55.11
N SER F 117 14.98 -52.82 -56.23
CA SER F 117 15.24 -54.25 -56.29
C SER F 117 16.48 -54.62 -55.47
N VAL F 120 18.17 -54.09 -49.09
CA VAL F 120 18.45 -55.13 -48.10
C VAL F 120 17.30 -55.25 -47.11
N ILE F 121 16.65 -56.41 -47.09
CA ILE F 121 15.49 -56.64 -46.24
C ILE F 121 15.80 -57.61 -45.10
N MET F 122 15.44 -57.23 -43.88
CA MET F 122 15.63 -58.09 -42.73
C MET F 122 14.30 -58.36 -42.01
N LEU F 123 13.94 -59.63 -41.90
CA LEU F 123 12.73 -60.02 -41.19
C LEU F 123 12.98 -60.00 -39.68
N VAL F 124 12.24 -59.16 -38.97
CA VAL F 124 12.45 -58.99 -37.54
C VAL F 124 11.27 -59.48 -36.71
N GLY F 125 11.52 -60.51 -35.90
CA GLY F 125 10.52 -61.00 -34.97
C GLY F 125 10.67 -60.30 -33.63
N ASN F 126 9.88 -59.26 -33.42
CA ASN F 126 10.02 -58.44 -32.22
C ASN F 126 9.19 -58.98 -31.05
N LYS F 127 9.49 -58.47 -29.86
CA LYS F 127 8.85 -58.86 -28.60
C LYS F 127 9.26 -60.26 -28.17
N SER F 128 10.54 -60.58 -28.34
CA SER F 128 11.07 -61.89 -27.98
C SER F 128 11.04 -62.14 -26.48
N ASP F 129 10.86 -61.09 -25.70
CA ASP F 129 10.74 -61.23 -24.25
C ASP F 129 9.41 -61.88 -23.85
N ARG F 131 8.37 -64.59 -25.70
CA ARG F 131 8.96 -65.92 -25.70
C ARG F 131 7.99 -66.95 -25.16
N HIS F 132 7.45 -66.68 -23.98
CA HIS F 132 6.56 -67.62 -23.29
C HIS F 132 5.13 -67.55 -23.79
N LEU F 133 4.87 -66.65 -24.73
CA LEU F 133 3.56 -66.56 -25.37
C LEU F 133 3.74 -66.65 -26.88
N ARG F 134 4.74 -67.41 -27.29
CA ARG F 134 5.12 -67.50 -28.71
C ARG F 134 4.01 -68.09 -29.57
N ALA F 135 3.67 -67.36 -30.63
CA ALA F 135 2.68 -67.82 -31.60
C ALA F 135 3.33 -68.00 -32.96
N VAL F 136 4.60 -67.61 -33.05
CA VAL F 136 5.37 -67.75 -34.28
C VAL F 136 6.69 -68.45 -34.03
N PRO F 137 6.80 -69.72 -34.44
CA PRO F 137 8.02 -70.51 -34.28
C PRO F 137 9.22 -69.85 -34.96
N THR F 138 10.36 -69.84 -34.26
CA THR F 138 11.56 -69.19 -34.76
C THR F 138 12.08 -69.85 -36.03
N GLU F 140 10.13 -71.62 -38.27
CA GLU F 140 9.24 -71.34 -39.39
C GLU F 140 9.56 -70.00 -40.04
N ALA F 141 9.77 -68.98 -39.22
CA ALA F 141 10.04 -67.64 -39.71
C ALA F 141 11.41 -67.55 -40.38
N ARG F 142 12.39 -68.23 -39.79
CA ARG F 142 13.74 -68.26 -40.36
C ARG F 142 13.73 -68.94 -41.73
N ALA F 143 12.86 -69.93 -41.88
CA ALA F 143 12.70 -70.62 -43.15
C ALA F 143 12.12 -69.69 -44.22
N PHE F 144 11.20 -68.83 -43.79
CA PHE F 144 10.56 -67.88 -44.70
C PHE F 144 11.56 -66.84 -45.20
N ALA F 145 12.40 -66.34 -44.29
CA ALA F 145 13.39 -65.33 -44.62
C ALA F 145 14.43 -65.87 -45.60
N GLU F 146 14.87 -67.10 -45.38
CA GLU F 146 15.87 -67.72 -46.24
C GLU F 146 15.30 -68.03 -47.62
N LYS F 147 14.02 -68.41 -47.65
CA LYS F 147 13.37 -68.78 -48.90
C LYS F 147 13.02 -67.56 -49.75
N ASN F 148 12.84 -66.42 -49.10
CA ASN F 148 12.47 -65.20 -49.79
C ASN F 148 13.63 -64.20 -49.87
N GLY F 149 14.84 -64.68 -49.61
CA GLY F 149 16.03 -63.85 -49.69
C GLY F 149 16.03 -62.72 -48.67
N LEU F 150 15.67 -63.05 -47.44
CA LEU F 150 15.61 -62.05 -46.37
C LEU F 150 16.51 -62.45 -45.21
N SER F 151 17.09 -61.45 -44.55
CA SER F 151 17.83 -61.70 -43.30
C SER F 151 16.83 -61.90 -42.17
N PHE F 152 17.23 -62.64 -41.14
CA PHE F 152 16.32 -62.93 -40.04
C PHE F 152 16.96 -62.71 -38.67
N ILE F 153 16.17 -62.17 -37.76
CA ILE F 153 16.60 -61.98 -36.37
C ILE F 153 15.38 -61.71 -35.49
N GLU F 154 15.47 -62.13 -34.22
CA GLU F 154 14.43 -61.84 -33.25
C GLU F 154 14.94 -60.82 -32.26
N THR F 155 14.11 -59.82 -31.96
CA THR F 155 14.50 -58.72 -31.10
C THR F 155 13.52 -58.53 -29.94
N SER F 156 13.96 -57.76 -28.96
CA SER F 156 13.08 -57.21 -27.95
C SER F 156 13.44 -55.75 -27.73
N ALA F 157 12.60 -54.86 -28.26
CA ALA F 157 12.77 -53.43 -28.00
C ALA F 157 12.64 -53.18 -26.50
N LEU F 158 11.82 -53.99 -25.83
CA LEU F 158 11.57 -53.81 -24.41
C LEU F 158 12.82 -54.04 -23.55
N ASP F 159 13.46 -55.21 -23.69
CA ASP F 159 14.68 -55.50 -22.91
C ASP F 159 15.96 -55.26 -23.72
N SER F 160 15.78 -54.84 -24.97
CA SER F 160 16.86 -54.35 -25.84
C SER F 160 17.62 -55.47 -26.57
N THR F 161 17.24 -56.72 -26.36
CA THR F 161 17.95 -57.84 -26.95
C THR F 161 17.98 -57.79 -28.49
N ASN F 162 19.19 -57.90 -29.05
CA ASN F 162 19.43 -57.97 -30.49
C ASN F 162 19.02 -56.74 -31.30
N VAL F 163 18.67 -55.64 -30.64
CA VAL F 163 18.23 -54.45 -31.37
C VAL F 163 19.42 -53.81 -32.09
N GLU F 164 20.54 -53.68 -31.40
CA GLU F 164 21.75 -53.13 -32.00
C GLU F 164 22.28 -54.06 -33.10
N ALA F 165 22.24 -55.36 -32.83
CA ALA F 165 22.73 -56.35 -33.78
C ALA F 165 21.92 -56.33 -35.07
N ALA F 166 20.62 -56.13 -34.94
CA ALA F 166 19.71 -56.10 -36.08
C ALA F 166 20.05 -54.95 -37.03
N PHE F 167 20.29 -53.77 -36.47
CA PHE F 167 20.58 -52.59 -37.29
C PHE F 167 21.99 -52.61 -37.88
N GLN F 168 22.95 -53.12 -37.11
CA GLN F 168 24.33 -53.18 -37.60
C GLN F 168 24.47 -54.21 -38.72
N THR F 169 23.72 -55.30 -38.62
CA THR F 169 23.78 -56.36 -39.62
C THR F 169 23.23 -55.89 -40.97
N ILE F 170 22.11 -55.17 -40.93
CA ILE F 170 21.48 -54.68 -42.16
C ILE F 170 22.25 -53.48 -42.72
N LEU F 171 22.98 -52.79 -41.84
CA LEU F 171 23.79 -51.65 -42.26
C LEU F 171 25.14 -52.11 -42.81
N THR F 172 25.66 -53.21 -42.26
CA THR F 172 26.92 -53.78 -42.72
C THR F 172 26.76 -54.36 -44.12
N GLU F 173 25.65 -55.08 -44.32
CA GLU F 173 25.35 -55.68 -45.61
C GLU F 173 25.12 -54.60 -46.67
N ILE F 174 24.54 -53.48 -46.25
CA ILE F 174 24.31 -52.35 -47.13
C ILE F 174 25.63 -51.73 -47.59
N TYR F 175 26.59 -51.67 -46.66
CA TYR F 175 27.92 -51.16 -46.98
C TYR F 175 28.60 -52.05 -48.01
N ARG F 176 28.64 -53.35 -47.72
CA ARG F 176 29.25 -54.33 -48.62
C ARG F 176 28.22 -54.85 -49.62
#